data_8BKN
# 
_entry.id   8BKN 
# 
_audit_conform.dict_name       mmcif_pdbx.dic 
_audit_conform.dict_version    5.387 
_audit_conform.dict_location   http://mmcif.pdb.org/dictionaries/ascii/mmcif_pdbx.dic 
# 
loop_
_database_2.database_id 
_database_2.database_code 
_database_2.pdbx_database_accession 
_database_2.pdbx_DOI 
PDB   8BKN         pdb_00008bkn 10.2210/pdb8bkn/pdb 
WWPDB D_1292126515 ?            ?                   
# 
loop_
_pdbx_audit_revision_history.ordinal 
_pdbx_audit_revision_history.data_content_type 
_pdbx_audit_revision_history.major_revision 
_pdbx_audit_revision_history.minor_revision 
_pdbx_audit_revision_history.revision_date 
1 'Structure model' 1 0 2024-01-31 
2 'Structure model' 1 1 2024-02-21 
3 'Structure model' 1 2 2024-02-28 
4 'Structure model' 1 3 2024-03-06 
# 
_pdbx_audit_revision_details.ordinal             1 
_pdbx_audit_revision_details.revision_ordinal    1 
_pdbx_audit_revision_details.data_content_type   'Structure model' 
_pdbx_audit_revision_details.provider            repository 
_pdbx_audit_revision_details.type                'Initial release' 
_pdbx_audit_revision_details.description         ? 
_pdbx_audit_revision_details.details             ? 
# 
loop_
_pdbx_audit_revision_group.ordinal 
_pdbx_audit_revision_group.revision_ordinal 
_pdbx_audit_revision_group.data_content_type 
_pdbx_audit_revision_group.group 
1 2 'Structure model' 'Database references' 
2 3 'Structure model' 'Database references' 
3 4 'Structure model' 'Database references' 
# 
loop_
_pdbx_audit_revision_category.ordinal 
_pdbx_audit_revision_category.revision_ordinal 
_pdbx_audit_revision_category.data_content_type 
_pdbx_audit_revision_category.category 
1 2 'Structure model' citation        
2 3 'Structure model' citation        
3 3 'Structure model' citation_author 
4 4 'Structure model' citation        
# 
loop_
_pdbx_audit_revision_item.ordinal 
_pdbx_audit_revision_item.revision_ordinal 
_pdbx_audit_revision_item.data_content_type 
_pdbx_audit_revision_item.item 
1  2 'Structure model' '_citation.country'                 
2  2 'Structure model' '_citation.journal_abbrev'          
3  2 'Structure model' '_citation.journal_id_ASTM'         
4  2 'Structure model' '_citation.journal_id_CSD'          
5  2 'Structure model' '_citation.journal_id_ISSN'         
6  2 'Structure model' '_citation.pdbx_database_id_DOI'    
7  2 'Structure model' '_citation.title'                   
8  2 'Structure model' '_citation.year'                    
9  3 'Structure model' '_citation.pdbx_database_id_PubMed' 
10 3 'Structure model' '_citation.title'                   
11 4 'Structure model' '_citation.journal_volume'          
12 4 'Structure model' '_citation.page_first'              
13 4 'Structure model' '_citation.page_last'               
# 
_pdbx_database_status.status_code                     REL 
_pdbx_database_status.status_code_sf                  REL 
_pdbx_database_status.status_code_mr                  ? 
_pdbx_database_status.entry_id                        8BKN 
_pdbx_database_status.recvd_initial_deposition_date   2022-11-09 
_pdbx_database_status.SG_entry                        N 
_pdbx_database_status.deposit_site                    PDBE 
_pdbx_database_status.process_site                    PDBE 
_pdbx_database_status.status_code_cs                  ? 
_pdbx_database_status.status_code_nmr_data            ? 
_pdbx_database_status.methods_development_category    ? 
_pdbx_database_status.pdb_format_compatible           Y 
# 
_pdbx_contact_author.id                 2 
_pdbx_contact_author.email              Thomas.Barends@mr.mpg.de 
_pdbx_contact_author.name_first         Thomas 
_pdbx_contact_author.name_last          Barends 
_pdbx_contact_author.name_mi            ? 
_pdbx_contact_author.role               'principal investigator/group leader' 
_pdbx_contact_author.identifier_ORCID   0000-0002-9488-3005 
# 
loop_
_audit_author.name 
_audit_author.pdbx_ordinal 
_audit_author.identifier_ORCID 
'Barends, T.'     1 ? 
'Schlichting, I.' 2 ? 
# 
_citation.abstract                  ? 
_citation.abstract_id_CAS           ? 
_citation.book_id_ISBN              ? 
_citation.book_publisher            ? 
_citation.book_publisher_city       ? 
_citation.book_title                ? 
_citation.coordinate_linkage        ? 
_citation.country                   UK 
_citation.database_id_Medline       ? 
_citation.details                   ? 
_citation.id                        primary 
_citation.journal_abbrev            Nature 
_citation.journal_id_ASTM           NATUAS 
_citation.journal_id_CSD            0006 
_citation.journal_id_ISSN           1476-4687 
_citation.journal_full              ? 
_citation.journal_issue             ? 
_citation.journal_volume            626 
_citation.language                  ? 
_citation.page_first                905 
_citation.page_last                 911 
_citation.title                     'Influence of pump laser fluence on ultrafast myoglobin structural dynamics.' 
_citation.year                      2024 
_citation.database_id_CSD           ? 
_citation.pdbx_database_id_DOI      10.1038/s41586-024-07032-9 
_citation.pdbx_database_id_PubMed   38355794 
_citation.pdbx_database_id_patent   ? 
_citation.unpublished_flag          ? 
# 
loop_
_citation_author.citation_id 
_citation_author.name 
_citation_author.ordinal 
_citation_author.identifier_ORCID 
primary 'Barends, T.R.M.'   1  ? 
primary 'Gorel, A.'         2  ? 
primary 'Bhattacharyya, S.' 3  ? 
primary 'Schiro, G.'        4  ? 
primary 'Bacellar, C.'      5  ? 
primary 'Cirelli, C.'       6  ? 
primary 'Colletier, J.P.'   7  ? 
primary 'Foucar, L.'        8  ? 
primary 'Grunbein, M.L.'    9  ? 
primary 'Hartmann, E.'      10 ? 
primary 'Hilpert, M.'       11 ? 
primary 'Holton, J.M.'      12 ? 
primary 'Johnson, P.J.M.'   13 ? 
primary 'Kloos, M.'         14 ? 
primary 'Knopp, G.'         15 ? 
primary 'Marekha, B.'       16 ? 
primary 'Nass, K.'          17 ? 
primary 'Nass Kovacs, G.'   18 ? 
primary 'Ozerov, D.'        19 ? 
primary 'Stricker, M.'      20 ? 
primary 'Weik, M.'          21 ? 
primary 'Doak, R.B.'        22 ? 
primary 'Shoeman, R.L.'     23 ? 
primary 'Milne, C.J.'       24 ? 
primary 'Huix-Rotllant, M.' 25 ? 
primary 'Cammarata, M.'     26 ? 
primary 'Schlichting, I.'   27 ? 
# 
loop_
_entity.id 
_entity.type 
_entity.src_method 
_entity.pdbx_description 
_entity.formula_weight 
_entity.pdbx_number_of_molecules 
_entity.pdbx_ec 
_entity.pdbx_mutation 
_entity.pdbx_fragment 
_entity.details 
1 polymer     nat Myoglobin                         16926.463 1   ? ? ? ? 
2 non-polymer syn 'PROTOPORPHYRIN IX CONTAINING FE' 616.487   1   ? ? ? ? 
3 non-polymer syn 'SULFATE ION'                     96.063    2   ? ? ? ? 
4 non-polymer syn 'CARBON MONOXIDE'                 28.010    1   ? ? ? ? 
5 water       nat water                             18.015    130 ? ? ? ? 
# 
_entity_poly.entity_id                      1 
_entity_poly.type                           'polypeptide(L)' 
_entity_poly.nstd_linkage                   no 
_entity_poly.nstd_monomer                   no 
_entity_poly.pdbx_seq_one_letter_code       
;GLSDGEWQQVLNVWGKVEADIAGHGQEVLIRLFTGHPETLEKFDKFKHLKTEAEMKASEDLKKHGTVVLTALGGILKKKG
HHEAELKPLAQSHATKHKIPIKYLEFISDAIIHVLHSKHPGDFGADAQGAMTKALELFRNDIAAKYKELGFQ
;
_entity_poly.pdbx_seq_one_letter_code_can   
;GLSDGEWQQVLNVWGKVEADIAGHGQEVLIRLFTGHPETLEKFDKFKHLKTEAEMKASEDLKKHGTVVLTALGGILKKKG
HHEAELKPLAQSHATKHKIPIKYLEFISDAIIHVLHSKHPGDFGADAQGAMTKALELFRNDIAAKYKELGFQ
;
_entity_poly.pdbx_strand_id                 A 
_entity_poly.pdbx_target_identifier         ? 
# 
loop_
_pdbx_entity_nonpoly.entity_id 
_pdbx_entity_nonpoly.name 
_pdbx_entity_nonpoly.comp_id 
2 'PROTOPORPHYRIN IX CONTAINING FE' HEM 
3 'SULFATE ION'                     SO4 
4 'CARBON MONOXIDE'                 CMO 
5 water                             HOH 
# 
loop_
_entity_poly_seq.entity_id 
_entity_poly_seq.num 
_entity_poly_seq.mon_id 
_entity_poly_seq.hetero 
1 1   GLY n 
1 2   LEU n 
1 3   SER n 
1 4   ASP n 
1 5   GLY n 
1 6   GLU n 
1 7   TRP n 
1 8   GLN n 
1 9   GLN n 
1 10  VAL n 
1 11  LEU n 
1 12  ASN n 
1 13  VAL n 
1 14  TRP n 
1 15  GLY n 
1 16  LYS n 
1 17  VAL n 
1 18  GLU n 
1 19  ALA n 
1 20  ASP n 
1 21  ILE n 
1 22  ALA n 
1 23  GLY n 
1 24  HIS n 
1 25  GLY n 
1 26  GLN n 
1 27  GLU n 
1 28  VAL n 
1 29  LEU n 
1 30  ILE n 
1 31  ARG n 
1 32  LEU n 
1 33  PHE n 
1 34  THR n 
1 35  GLY n 
1 36  HIS n 
1 37  PRO n 
1 38  GLU n 
1 39  THR n 
1 40  LEU n 
1 41  GLU n 
1 42  LYS n 
1 43  PHE n 
1 44  ASP n 
1 45  LYS n 
1 46  PHE n 
1 47  LYS n 
1 48  HIS n 
1 49  LEU n 
1 50  LYS n 
1 51  THR n 
1 52  GLU n 
1 53  ALA n 
1 54  GLU n 
1 55  MET n 
1 56  LYS n 
1 57  ALA n 
1 58  SER n 
1 59  GLU n 
1 60  ASP n 
1 61  LEU n 
1 62  LYS n 
1 63  LYS n 
1 64  HIS n 
1 65  GLY n 
1 66  THR n 
1 67  VAL n 
1 68  VAL n 
1 69  LEU n 
1 70  THR n 
1 71  ALA n 
1 72  LEU n 
1 73  GLY n 
1 74  GLY n 
1 75  ILE n 
1 76  LEU n 
1 77  LYS n 
1 78  LYS n 
1 79  LYS n 
1 80  GLY n 
1 81  HIS n 
1 82  HIS n 
1 83  GLU n 
1 84  ALA n 
1 85  GLU n 
1 86  LEU n 
1 87  LYS n 
1 88  PRO n 
1 89  LEU n 
1 90  ALA n 
1 91  GLN n 
1 92  SER n 
1 93  HIS n 
1 94  ALA n 
1 95  THR n 
1 96  LYS n 
1 97  HIS n 
1 98  LYS n 
1 99  ILE n 
1 100 PRO n 
1 101 ILE n 
1 102 LYS n 
1 103 TYR n 
1 104 LEU n 
1 105 GLU n 
1 106 PHE n 
1 107 ILE n 
1 108 SER n 
1 109 ASP n 
1 110 ALA n 
1 111 ILE n 
1 112 ILE n 
1 113 HIS n 
1 114 VAL n 
1 115 LEU n 
1 116 HIS n 
1 117 SER n 
1 118 LYS n 
1 119 HIS n 
1 120 PRO n 
1 121 GLY n 
1 122 ASP n 
1 123 PHE n 
1 124 GLY n 
1 125 ALA n 
1 126 ASP n 
1 127 ALA n 
1 128 GLN n 
1 129 GLY n 
1 130 ALA n 
1 131 MET n 
1 132 THR n 
1 133 LYS n 
1 134 ALA n 
1 135 LEU n 
1 136 GLU n 
1 137 LEU n 
1 138 PHE n 
1 139 ARG n 
1 140 ASN n 
1 141 ASP n 
1 142 ILE n 
1 143 ALA n 
1 144 ALA n 
1 145 LYS n 
1 146 TYR n 
1 147 LYS n 
1 148 GLU n 
1 149 LEU n 
1 150 GLY n 
1 151 PHE n 
1 152 GLN n 
# 
_entity_src_nat.entity_id                  1 
_entity_src_nat.pdbx_src_id                1 
_entity_src_nat.pdbx_alt_source_flag       sample 
_entity_src_nat.pdbx_beg_seq_num           1 
_entity_src_nat.pdbx_end_seq_num           152 
_entity_src_nat.common_name                horse 
_entity_src_nat.pdbx_organism_scientific   'Equus caballus' 
_entity_src_nat.pdbx_ncbi_taxonomy_id      9796 
_entity_src_nat.genus                      ? 
_entity_src_nat.species                    ? 
_entity_src_nat.strain                     ? 
_entity_src_nat.tissue                     ? 
_entity_src_nat.tissue_fraction            ? 
_entity_src_nat.pdbx_secretion             ? 
_entity_src_nat.pdbx_fragment              ? 
_entity_src_nat.pdbx_variant               ? 
_entity_src_nat.pdbx_cell_line             ? 
_entity_src_nat.pdbx_atcc                  ? 
_entity_src_nat.pdbx_cellular_location     ? 
_entity_src_nat.pdbx_organ                 ? 
_entity_src_nat.pdbx_organelle             ? 
_entity_src_nat.pdbx_cell                  ? 
_entity_src_nat.pdbx_plasmid_name          ? 
_entity_src_nat.pdbx_plasmid_details       ? 
_entity_src_nat.details                    ? 
# 
loop_
_chem_comp.id 
_chem_comp.type 
_chem_comp.mon_nstd_flag 
_chem_comp.name 
_chem_comp.pdbx_synonyms 
_chem_comp.formula 
_chem_comp.formula_weight 
ALA 'L-peptide linking' y ALANINE                           ?    'C3 H7 N O2'       89.093  
ARG 'L-peptide linking' y ARGININE                          ?    'C6 H15 N4 O2 1'   175.209 
ASN 'L-peptide linking' y ASPARAGINE                        ?    'C4 H8 N2 O3'      132.118 
ASP 'L-peptide linking' y 'ASPARTIC ACID'                   ?    'C4 H7 N O4'       133.103 
CMO non-polymer         . 'CARBON MONOXIDE'                 ?    'C O'              28.010  
GLN 'L-peptide linking' y GLUTAMINE                         ?    'C5 H10 N2 O3'     146.144 
GLU 'L-peptide linking' y 'GLUTAMIC ACID'                   ?    'C5 H9 N O4'       147.129 
GLY 'peptide linking'   y GLYCINE                           ?    'C2 H5 N O2'       75.067  
HEM non-polymer         . 'PROTOPORPHYRIN IX CONTAINING FE' HEME 'C34 H32 Fe N4 O4' 616.487 
HIS 'L-peptide linking' y HISTIDINE                         ?    'C6 H10 N3 O2 1'   156.162 
HOH non-polymer         . WATER                             ?    'H2 O'             18.015  
ILE 'L-peptide linking' y ISOLEUCINE                        ?    'C6 H13 N O2'      131.173 
LEU 'L-peptide linking' y LEUCINE                           ?    'C6 H13 N O2'      131.173 
LYS 'L-peptide linking' y LYSINE                            ?    'C6 H15 N2 O2 1'   147.195 
MET 'L-peptide linking' y METHIONINE                        ?    'C5 H11 N O2 S'    149.211 
PHE 'L-peptide linking' y PHENYLALANINE                     ?    'C9 H11 N O2'      165.189 
PRO 'L-peptide linking' y PROLINE                           ?    'C5 H9 N O2'       115.130 
SER 'L-peptide linking' y SERINE                            ?    'C3 H7 N O3'       105.093 
SO4 non-polymer         . 'SULFATE ION'                     ?    'O4 S -2'          96.063  
THR 'L-peptide linking' y THREONINE                         ?    'C4 H9 N O3'       119.119 
TRP 'L-peptide linking' y TRYPTOPHAN                        ?    'C11 H12 N2 O2'    204.225 
TYR 'L-peptide linking' y TYROSINE                          ?    'C9 H11 N O3'      181.189 
VAL 'L-peptide linking' y VALINE                            ?    'C5 H11 N O2'      117.146 
# 
loop_
_pdbx_poly_seq_scheme.asym_id 
_pdbx_poly_seq_scheme.entity_id 
_pdbx_poly_seq_scheme.seq_id 
_pdbx_poly_seq_scheme.mon_id 
_pdbx_poly_seq_scheme.ndb_seq_num 
_pdbx_poly_seq_scheme.pdb_seq_num 
_pdbx_poly_seq_scheme.auth_seq_num 
_pdbx_poly_seq_scheme.pdb_mon_id 
_pdbx_poly_seq_scheme.auth_mon_id 
_pdbx_poly_seq_scheme.pdb_strand_id 
_pdbx_poly_seq_scheme.pdb_ins_code 
_pdbx_poly_seq_scheme.hetero 
A 1 1   GLY 1   1   1   GLY GLY A . n 
A 1 2   LEU 2   2   2   LEU LEU A . n 
A 1 3   SER 3   3   3   SER SER A . n 
A 1 4   ASP 4   4   4   ASP ASP A . n 
A 1 5   GLY 5   5   5   GLY GLY A . n 
A 1 6   GLU 6   6   6   GLU GLU A . n 
A 1 7   TRP 7   7   7   TRP TRP A . n 
A 1 8   GLN 8   8   8   GLN GLN A . n 
A 1 9   GLN 9   9   9   GLN GLN A . n 
A 1 10  VAL 10  10  10  VAL VAL A . n 
A 1 11  LEU 11  11  11  LEU LEU A . n 
A 1 12  ASN 12  12  12  ASN ASN A . n 
A 1 13  VAL 13  13  13  VAL VAL A . n 
A 1 14  TRP 14  14  14  TRP TRP A . n 
A 1 15  GLY 15  15  15  GLY GLY A . n 
A 1 16  LYS 16  16  16  LYS LYS A . n 
A 1 17  VAL 17  17  17  VAL VAL A . n 
A 1 18  GLU 18  18  18  GLU GLU A . n 
A 1 19  ALA 19  19  19  ALA ALA A . n 
A 1 20  ASP 20  20  20  ASP ASP A . n 
A 1 21  ILE 21  21  21  ILE ILE A . n 
A 1 22  ALA 22  22  22  ALA ALA A . n 
A 1 23  GLY 23  23  23  GLY GLY A . n 
A 1 24  HIS 24  24  24  HIS HIS A . n 
A 1 25  GLY 25  25  25  GLY GLY A . n 
A 1 26  GLN 26  26  26  GLN GLN A . n 
A 1 27  GLU 27  27  27  GLU GLU A . n 
A 1 28  VAL 28  28  28  VAL VAL A . n 
A 1 29  LEU 29  29  29  LEU LEU A . n 
A 1 30  ILE 30  30  30  ILE ILE A . n 
A 1 31  ARG 31  31  31  ARG ARG A . n 
A 1 32  LEU 32  32  32  LEU LEU A . n 
A 1 33  PHE 33  33  33  PHE PHE A . n 
A 1 34  THR 34  34  34  THR THR A . n 
A 1 35  GLY 35  35  35  GLY GLY A . n 
A 1 36  HIS 36  36  36  HIS HIS A . n 
A 1 37  PRO 37  37  37  PRO PRO A . n 
A 1 38  GLU 38  38  38  GLU GLU A . n 
A 1 39  THR 39  39  39  THR THR A . n 
A 1 40  LEU 40  40  40  LEU LEU A . n 
A 1 41  GLU 41  41  41  GLU GLU A . n 
A 1 42  LYS 42  42  42  LYS LYS A . n 
A 1 43  PHE 43  43  43  PHE PHE A . n 
A 1 44  ASP 44  44  44  ASP ASP A . n 
A 1 45  LYS 45  45  45  LYS LYS A . n 
A 1 46  PHE 46  46  46  PHE PHE A . n 
A 1 47  LYS 47  47  47  LYS LYS A . n 
A 1 48  HIS 48  48  48  HIS HIS A . n 
A 1 49  LEU 49  49  49  LEU LEU A . n 
A 1 50  LYS 50  50  50  LYS LYS A . n 
A 1 51  THR 51  51  51  THR THR A . n 
A 1 52  GLU 52  52  52  GLU GLU A . n 
A 1 53  ALA 53  53  53  ALA ALA A . n 
A 1 54  GLU 54  54  54  GLU GLU A . n 
A 1 55  MET 55  55  55  MET MET A . n 
A 1 56  LYS 56  56  56  LYS LYS A . n 
A 1 57  ALA 57  57  57  ALA ALA A . n 
A 1 58  SER 58  58  58  SER SER A . n 
A 1 59  GLU 59  59  59  GLU GLU A . n 
A 1 60  ASP 60  60  60  ASP ASP A . n 
A 1 61  LEU 61  61  61  LEU LEU A . n 
A 1 62  LYS 62  62  62  LYS LYS A . n 
A 1 63  LYS 63  63  63  LYS LYS A . n 
A 1 64  HIS 64  64  64  HIS HIS A . n 
A 1 65  GLY 65  65  65  GLY GLY A . n 
A 1 66  THR 66  66  66  THR THR A . n 
A 1 67  VAL 67  67  67  VAL VAL A . n 
A 1 68  VAL 68  68  68  VAL VAL A . n 
A 1 69  LEU 69  69  69  LEU LEU A . n 
A 1 70  THR 70  70  70  THR THR A . n 
A 1 71  ALA 71  71  71  ALA ALA A . n 
A 1 72  LEU 72  72  72  LEU LEU A . n 
A 1 73  GLY 73  73  73  GLY GLY A . n 
A 1 74  GLY 74  74  74  GLY GLY A . n 
A 1 75  ILE 75  75  75  ILE ILE A . n 
A 1 76  LEU 76  76  76  LEU LEU A . n 
A 1 77  LYS 77  77  77  LYS LYS A . n 
A 1 78  LYS 78  78  78  LYS LYS A . n 
A 1 79  LYS 79  79  79  LYS LYS A . n 
A 1 80  GLY 80  80  80  GLY GLY A . n 
A 1 81  HIS 81  81  81  HIS HIS A . n 
A 1 82  HIS 82  82  82  HIS HIS A . n 
A 1 83  GLU 83  83  83  GLU GLU A . n 
A 1 84  ALA 84  84  84  ALA ALA A . n 
A 1 85  GLU 85  85  85  GLU GLU A . n 
A 1 86  LEU 86  86  86  LEU LEU A . n 
A 1 87  LYS 87  87  87  LYS LYS A . n 
A 1 88  PRO 88  88  88  PRO PRO A . n 
A 1 89  LEU 89  89  89  LEU LEU A . n 
A 1 90  ALA 90  90  90  ALA ALA A . n 
A 1 91  GLN 91  91  91  GLN GLN A . n 
A 1 92  SER 92  92  92  SER SER A . n 
A 1 93  HIS 93  93  93  HIS HIS A . n 
A 1 94  ALA 94  94  94  ALA ALA A . n 
A 1 95  THR 95  95  95  THR THR A . n 
A 1 96  LYS 96  96  96  LYS LYS A . n 
A 1 97  HIS 97  97  97  HIS HIS A . n 
A 1 98  LYS 98  98  98  LYS LYS A . n 
A 1 99  ILE 99  99  99  ILE ILE A . n 
A 1 100 PRO 100 100 100 PRO PRO A . n 
A 1 101 ILE 101 101 101 ILE ILE A . n 
A 1 102 LYS 102 102 102 LYS LYS A . n 
A 1 103 TYR 103 103 103 TYR TYR A . n 
A 1 104 LEU 104 104 104 LEU LEU A . n 
A 1 105 GLU 105 105 105 GLU GLU A . n 
A 1 106 PHE 106 106 106 PHE PHE A . n 
A 1 107 ILE 107 107 107 ILE ILE A . n 
A 1 108 SER 108 108 108 SER SER A . n 
A 1 109 ASP 109 109 109 ASP ASP A . n 
A 1 110 ALA 110 110 110 ALA ALA A . n 
A 1 111 ILE 111 111 111 ILE ILE A . n 
A 1 112 ILE 112 112 112 ILE ILE A . n 
A 1 113 HIS 113 113 113 HIS HIS A . n 
A 1 114 VAL 114 114 114 VAL VAL A . n 
A 1 115 LEU 115 115 115 LEU LEU A . n 
A 1 116 HIS 116 116 116 HIS HIS A . n 
A 1 117 SER 117 117 117 SER SER A . n 
A 1 118 LYS 118 118 118 LYS LYS A . n 
A 1 119 HIS 119 119 119 HIS HIS A . n 
A 1 120 PRO 120 120 120 PRO PRO A . n 
A 1 121 GLY 121 121 121 GLY GLY A . n 
A 1 122 ASP 122 122 122 ASP ASP A . n 
A 1 123 PHE 123 123 123 PHE PHE A . n 
A 1 124 GLY 124 124 124 GLY GLY A . n 
A 1 125 ALA 125 125 125 ALA ALA A . n 
A 1 126 ASP 126 126 126 ASP ASP A . n 
A 1 127 ALA 127 127 127 ALA ALA A . n 
A 1 128 GLN 128 128 128 GLN GLN A . n 
A 1 129 GLY 129 129 129 GLY GLY A . n 
A 1 130 ALA 130 130 130 ALA ALA A . n 
A 1 131 MET 131 131 131 MET MET A . n 
A 1 132 THR 132 132 132 THR THR A . n 
A 1 133 LYS 133 133 133 LYS LYS A . n 
A 1 134 ALA 134 134 134 ALA ALA A . n 
A 1 135 LEU 135 135 135 LEU LEU A . n 
A 1 136 GLU 136 136 136 GLU GLU A . n 
A 1 137 LEU 137 137 137 LEU LEU A . n 
A 1 138 PHE 138 138 138 PHE PHE A . n 
A 1 139 ARG 139 139 139 ARG ARG A . n 
A 1 140 ASN 140 140 140 ASN ASN A . n 
A 1 141 ASP 141 141 141 ASP ASP A . n 
A 1 142 ILE 142 142 142 ILE ILE A . n 
A 1 143 ALA 143 143 143 ALA ALA A . n 
A 1 144 ALA 144 144 144 ALA ALA A . n 
A 1 145 LYS 145 145 145 LYS LYS A . n 
A 1 146 TYR 146 146 146 TYR TYR A . n 
A 1 147 LYS 147 147 147 LYS LYS A . n 
A 1 148 GLU 148 148 148 GLU GLU A . n 
A 1 149 LEU 149 149 149 LEU LEU A . n 
A 1 150 GLY 150 150 150 GLY GLY A . n 
A 1 151 PHE 151 151 151 PHE PHE A . n 
A 1 152 GLN 152 152 152 GLN GLN A . n 
# 
loop_
_pdbx_nonpoly_scheme.asym_id 
_pdbx_nonpoly_scheme.entity_id 
_pdbx_nonpoly_scheme.mon_id 
_pdbx_nonpoly_scheme.ndb_seq_num 
_pdbx_nonpoly_scheme.pdb_seq_num 
_pdbx_nonpoly_scheme.auth_seq_num 
_pdbx_nonpoly_scheme.pdb_mon_id 
_pdbx_nonpoly_scheme.auth_mon_id 
_pdbx_nonpoly_scheme.pdb_strand_id 
_pdbx_nonpoly_scheme.pdb_ins_code 
B 2 HEM 1   201 201 HEM HEM A . 
C 3 SO4 1   202 202 SO4 SO4 A . 
D 3 SO4 1   203 203 SO4 SO4 A . 
E 4 CMO 1   204 204 CMO CMO A . 
F 5 HOH 1   301 77  HOH HOH A . 
F 5 HOH 2   302 121 HOH HOH A . 
F 5 HOH 3   303 114 HOH HOH A . 
F 5 HOH 4   304 120 HOH HOH A . 
F 5 HOH 5   305 99  HOH HOH A . 
F 5 HOH 6   306 125 HOH HOH A . 
F 5 HOH 7   307 110 HOH HOH A . 
F 5 HOH 8   308 40  HOH HOH A . 
F 5 HOH 9   309 130 HOH HOH A . 
F 5 HOH 10  310 57  HOH HOH A . 
F 5 HOH 11  311 4   HOH HOH A . 
F 5 HOH 12  312 102 HOH HOH A . 
F 5 HOH 13  313 28  HOH HOH A . 
F 5 HOH 14  314 23  HOH HOH A . 
F 5 HOH 15  315 117 HOH HOH A . 
F 5 HOH 16  316 9   HOH HOH A . 
F 5 HOH 17  317 33  HOH HOH A . 
F 5 HOH 18  318 10  HOH HOH A . 
F 5 HOH 19  319 32  HOH HOH A . 
F 5 HOH 20  320 13  HOH HOH A . 
F 5 HOH 21  321 21  HOH HOH A . 
F 5 HOH 22  322 106 HOH HOH A . 
F 5 HOH 23  323 84  HOH HOH A . 
F 5 HOH 24  324 37  HOH HOH A . 
F 5 HOH 25  325 56  HOH HOH A . 
F 5 HOH 26  326 14  HOH HOH A . 
F 5 HOH 27  327 109 HOH HOH A . 
F 5 HOH 28  328 19  HOH HOH A . 
F 5 HOH 29  329 7   HOH HOH A . 
F 5 HOH 30  330 45  HOH HOH A . 
F 5 HOH 31  331 22  HOH HOH A . 
F 5 HOH 32  332 54  HOH HOH A . 
F 5 HOH 33  333 20  HOH HOH A . 
F 5 HOH 34  334 31  HOH HOH A . 
F 5 HOH 35  335 30  HOH HOH A . 
F 5 HOH 36  336 95  HOH HOH A . 
F 5 HOH 37  337 11  HOH HOH A . 
F 5 HOH 38  338 112 HOH HOH A . 
F 5 HOH 39  339 67  HOH HOH A . 
F 5 HOH 40  340 1   HOH HOH A . 
F 5 HOH 41  341 90  HOH HOH A . 
F 5 HOH 42  342 52  HOH HOH A . 
F 5 HOH 43  343 72  HOH HOH A . 
F 5 HOH 44  344 34  HOH HOH A . 
F 5 HOH 45  345 82  HOH HOH A . 
F 5 HOH 46  346 39  HOH HOH A . 
F 5 HOH 47  347 29  HOH HOH A . 
F 5 HOH 48  348 6   HOH HOH A . 
F 5 HOH 49  349 35  HOH HOH A . 
F 5 HOH 50  350 68  HOH HOH A . 
F 5 HOH 51  351 85  HOH HOH A . 
F 5 HOH 52  352 74  HOH HOH A . 
F 5 HOH 53  353 94  HOH HOH A . 
F 5 HOH 54  354 101 HOH HOH A . 
F 5 HOH 55  355 41  HOH HOH A . 
F 5 HOH 56  356 64  HOH HOH A . 
F 5 HOH 57  357 36  HOH HOH A . 
F 5 HOH 58  358 27  HOH HOH A . 
F 5 HOH 59  359 55  HOH HOH A . 
F 5 HOH 60  360 2   HOH HOH A . 
F 5 HOH 61  361 86  HOH HOH A . 
F 5 HOH 62  362 49  HOH HOH A . 
F 5 HOH 63  363 50  HOH HOH A . 
F 5 HOH 64  364 18  HOH HOH A . 
F 5 HOH 65  365 60  HOH HOH A . 
F 5 HOH 66  366 70  HOH HOH A . 
F 5 HOH 67  367 119 HOH HOH A . 
F 5 HOH 68  368 118 HOH HOH A . 
F 5 HOH 69  369 66  HOH HOH A . 
F 5 HOH 70  370 69  HOH HOH A . 
F 5 HOH 71  371 105 HOH HOH A . 
F 5 HOH 72  372 17  HOH HOH A . 
F 5 HOH 73  373 76  HOH HOH A . 
F 5 HOH 74  374 5   HOH HOH A . 
F 5 HOH 75  375 12  HOH HOH A . 
F 5 HOH 76  376 58  HOH HOH A . 
F 5 HOH 77  377 51  HOH HOH A . 
F 5 HOH 78  378 78  HOH HOH A . 
F 5 HOH 79  379 44  HOH HOH A . 
F 5 HOH 80  380 38  HOH HOH A . 
F 5 HOH 81  381 47  HOH HOH A . 
F 5 HOH 82  382 26  HOH HOH A . 
F 5 HOH 83  383 63  HOH HOH A . 
F 5 HOH 84  384 3   HOH HOH A . 
F 5 HOH 85  385 92  HOH HOH A . 
F 5 HOH 86  386 123 HOH HOH A . 
F 5 HOH 87  387 65  HOH HOH A . 
F 5 HOH 88  388 80  HOH HOH A . 
F 5 HOH 89  389 15  HOH HOH A . 
F 5 HOH 90  390 96  HOH HOH A . 
F 5 HOH 91  391 59  HOH HOH A . 
F 5 HOH 92  392 25  HOH HOH A . 
F 5 HOH 93  393 48  HOH HOH A . 
F 5 HOH 94  394 61  HOH HOH A . 
F 5 HOH 95  395 46  HOH HOH A . 
F 5 HOH 96  396 24  HOH HOH A . 
F 5 HOH 97  397 111 HOH HOH A . 
F 5 HOH 98  398 73  HOH HOH A . 
F 5 HOH 99  399 43  HOH HOH A . 
F 5 HOH 100 400 16  HOH HOH A . 
F 5 HOH 101 401 100 HOH HOH A . 
F 5 HOH 102 402 8   HOH HOH A . 
F 5 HOH 103 403 53  HOH HOH A . 
F 5 HOH 104 404 75  HOH HOH A . 
F 5 HOH 105 405 42  HOH HOH A . 
F 5 HOH 106 406 91  HOH HOH A . 
F 5 HOH 107 407 79  HOH HOH A . 
F 5 HOH 108 408 115 HOH HOH A . 
F 5 HOH 109 409 103 HOH HOH A . 
F 5 HOH 110 410 129 HOH HOH A . 
F 5 HOH 111 411 71  HOH HOH A . 
F 5 HOH 112 412 83  HOH HOH A . 
F 5 HOH 113 413 122 HOH HOH A . 
F 5 HOH 114 414 108 HOH HOH A . 
F 5 HOH 115 415 104 HOH HOH A . 
F 5 HOH 116 416 87  HOH HOH A . 
F 5 HOH 117 417 98  HOH HOH A . 
F 5 HOH 118 418 89  HOH HOH A . 
F 5 HOH 119 419 107 HOH HOH A . 
F 5 HOH 120 420 62  HOH HOH A . 
F 5 HOH 121 421 128 HOH HOH A . 
F 5 HOH 122 422 127 HOH HOH A . 
F 5 HOH 123 423 93  HOH HOH A . 
F 5 HOH 124 424 88  HOH HOH A . 
F 5 HOH 125 425 124 HOH HOH A . 
F 5 HOH 126 426 97  HOH HOH A . 
F 5 HOH 127 427 113 HOH HOH A . 
F 5 HOH 128 428 116 HOH HOH A . 
F 5 HOH 129 429 81  HOH HOH A . 
F 5 HOH 130 430 126 HOH HOH A . 
# 
_software.citation_id            ? 
_software.classification         refinement 
_software.compiler_name          ? 
_software.compiler_version       ? 
_software.contact_author         ? 
_software.contact_author_email   ? 
_software.date                   ? 
_software.description            ? 
_software.dependencies           ? 
_software.hardware               ? 
_software.language               ? 
_software.location               ? 
_software.mods                   ? 
_software.name                   PHENIX 
_software.os                     ? 
_software.os_version             ? 
_software.type                   ? 
_software.version                1.19.2_4158 
_software.pdbx_ordinal           1 
# 
_cell.angle_alpha                  90.000 
_cell.angle_alpha_esd              ? 
_cell.angle_beta                   107.000 
_cell.angle_beta_esd               ? 
_cell.angle_gamma                  90.000 
_cell.angle_gamma_esd              ? 
_cell.entry_id                     8BKN 
_cell.details                      ? 
_cell.formula_units_Z              ? 
_cell.length_a                     63.000 
_cell.length_a_esd                 ? 
_cell.length_b                     28.400 
_cell.length_b_esd                 ? 
_cell.length_c                     35.300 
_cell.length_c_esd                 ? 
_cell.volume                       60399.020 
_cell.volume_esd                   ? 
_cell.Z_PDB                        2 
_cell.reciprocal_angle_alpha       ? 
_cell.reciprocal_angle_beta        ? 
_cell.reciprocal_angle_gamma       ? 
_cell.reciprocal_angle_alpha_esd   ? 
_cell.reciprocal_angle_beta_esd    ? 
_cell.reciprocal_angle_gamma_esd   ? 
_cell.reciprocal_length_a          ? 
_cell.reciprocal_length_b          ? 
_cell.reciprocal_length_c          ? 
_cell.reciprocal_length_a_esd      ? 
_cell.reciprocal_length_b_esd      ? 
_cell.reciprocal_length_c_esd      ? 
_cell.pdbx_unique_axis             ? 
_cell.pdbx_esd_method              ? 
# 
_symmetry.entry_id                         8BKN 
_symmetry.cell_setting                     ? 
_symmetry.Int_Tables_number                4 
_symmetry.space_group_name_Hall            'P 2yb' 
_symmetry.space_group_name_H-M             'P 1 21 1' 
_symmetry.pdbx_full_space_group_name_H-M   ? 
# 
_exptl.absorpt_coefficient_mu     ? 
_exptl.absorpt_correction_T_max   ? 
_exptl.absorpt_correction_T_min   ? 
_exptl.absorpt_correction_type    ? 
_exptl.absorpt_process_details    ? 
_exptl.entry_id                   8BKN 
_exptl.crystals_number            1 
_exptl.details                    ? 
_exptl.method                     'X-RAY DIFFRACTION' 
_exptl.method_details             ? 
# 
_exptl_crystal.colour                       ? 
_exptl_crystal.density_diffrn               ? 
_exptl_crystal.density_Matthews             1.78 
_exptl_crystal.density_method               ? 
_exptl_crystal.density_percent_sol          31.06 
_exptl_crystal.description                  ? 
_exptl_crystal.F_000                        ? 
_exptl_crystal.id                           1 
_exptl_crystal.preparation                  ? 
_exptl_crystal.size_max                     ? 
_exptl_crystal.size_mid                     ? 
_exptl_crystal.size_min                     ? 
_exptl_crystal.size_rad                     ? 
_exptl_crystal.colour_lustre                ? 
_exptl_crystal.colour_modifier              ? 
_exptl_crystal.colour_primary               ? 
_exptl_crystal.density_meas                 ? 
_exptl_crystal.density_meas_esd             ? 
_exptl_crystal.density_meas_gt              ? 
_exptl_crystal.density_meas_lt              ? 
_exptl_crystal.density_meas_temp            ? 
_exptl_crystal.density_meas_temp_esd        ? 
_exptl_crystal.density_meas_temp_gt         ? 
_exptl_crystal.density_meas_temp_lt         ? 
_exptl_crystal.pdbx_crystal_image_url       ? 
_exptl_crystal.pdbx_crystal_image_format    ? 
_exptl_crystal.pdbx_mosaicity               ? 
_exptl_crystal.pdbx_mosaicity_esd           ? 
_exptl_crystal.pdbx_mosaic_method           ? 
_exptl_crystal.pdbx_mosaic_block_size       ? 
_exptl_crystal.pdbx_mosaic_block_size_esd   ? 
# 
_exptl_crystal_grow.apparatus       ? 
_exptl_crystal_grow.atmosphere      ? 
_exptl_crystal_grow.crystal_id      1 
_exptl_crystal_grow.details         ? 
_exptl_crystal_grow.method          'BATCH MODE' 
_exptl_crystal_grow.method_ref      ? 
_exptl_crystal_grow.pH              ? 
_exptl_crystal_grow.pressure        ? 
_exptl_crystal_grow.pressure_esd    ? 
_exptl_crystal_grow.seeding         ? 
_exptl_crystal_grow.seeding_ref     ? 
_exptl_crystal_grow.temp            293 
_exptl_crystal_grow.temp_details    ? 
_exptl_crystal_grow.temp_esd        ? 
_exptl_crystal_grow.time            ? 
_exptl_crystal_grow.pdbx_details    '3.1 M ammonium sulfate' 
_exptl_crystal_grow.pdbx_pH_range   ? 
# 
_diffrn.ambient_environment              ? 
_diffrn.ambient_temp                     293 
_diffrn.ambient_temp_details             ? 
_diffrn.ambient_temp_esd                 ? 
_diffrn.crystal_id                       1 
_diffrn.crystal_support                  ? 
_diffrn.crystal_treatment                ? 
_diffrn.details                          ? 
_diffrn.id                               1 
_diffrn.ambient_pressure                 ? 
_diffrn.ambient_pressure_esd             ? 
_diffrn.ambient_pressure_gt              ? 
_diffrn.ambient_pressure_lt              ? 
_diffrn.ambient_temp_gt                  ? 
_diffrn.ambient_temp_lt                  ? 
_diffrn.pdbx_serial_crystal_experiment   N 
# 
_diffrn_detector.details                      ? 
_diffrn_detector.detector                     PIXEL 
_diffrn_detector.diffrn_id                    1 
_diffrn_detector.type                         CUSTOM-MADE 
_diffrn_detector.area_resol_mean              ? 
_diffrn_detector.dtime                        ? 
_diffrn_detector.pdbx_frames_total            ? 
_diffrn_detector.pdbx_collection_time_total   ? 
_diffrn_detector.pdbx_collection_date         2019-05-01 
_diffrn_detector.pdbx_frequency               ? 
# 
_diffrn_radiation.collimation                      ? 
_diffrn_radiation.diffrn_id                        1 
_diffrn_radiation.filter_edge                      ? 
_diffrn_radiation.inhomogeneity                    ? 
_diffrn_radiation.monochromator                    ? 
_diffrn_radiation.polarisn_norm                    ? 
_diffrn_radiation.polarisn_ratio                   ? 
_diffrn_radiation.probe                            ? 
_diffrn_radiation.type                             ? 
_diffrn_radiation.xray_symbol                      ? 
_diffrn_radiation.wavelength_id                    1 
_diffrn_radiation.pdbx_monochromatic_or_laue_m_l   M 
_diffrn_radiation.pdbx_wavelength_list             ? 
_diffrn_radiation.pdbx_wavelength                  ? 
_diffrn_radiation.pdbx_diffrn_protocol             'SINGLE WAVELENGTH' 
_diffrn_radiation.pdbx_analyzer                    ? 
_diffrn_radiation.pdbx_scattering_type             x-ray 
# 
_diffrn_radiation_wavelength.id           1 
_diffrn_radiation_wavelength.wavelength   1.03 
_diffrn_radiation_wavelength.wt           1.0 
# 
_diffrn_source.current                     ? 
_diffrn_source.details                     ? 
_diffrn_source.diffrn_id                   1 
_diffrn_source.power                       ? 
_diffrn_source.size                        ? 
_diffrn_source.source                      'FREE ELECTRON LASER' 
_diffrn_source.target                      ? 
_diffrn_source.type                        OTHER 
_diffrn_source.voltage                     ? 
_diffrn_source.take-off_angle              ? 
_diffrn_source.pdbx_wavelength_list        1.03 
_diffrn_source.pdbx_wavelength             ? 
_diffrn_source.pdbx_synchrotron_beamline   ? 
_diffrn_source.pdbx_synchrotron_site       ? 
# 
_reflns.B_iso_Wilson_estimate                          13.86 
_reflns.entry_id                                       8BKN 
_reflns.data_reduction_details                         ? 
_reflns.data_reduction_method                          ? 
_reflns.d_resolution_high                              1.29 
_reflns.d_resolution_low                               30.12 
_reflns.details                                        ? 
_reflns.limit_h_max                                    ? 
_reflns.limit_h_min                                    ? 
_reflns.limit_k_max                                    ? 
_reflns.limit_k_min                                    ? 
_reflns.limit_l_max                                    ? 
_reflns.limit_l_min                                    ? 
_reflns.number_all                                     ? 
_reflns.number_obs                                     30443 
_reflns.observed_criterion                             ? 
_reflns.observed_criterion_F_max                       ? 
_reflns.observed_criterion_F_min                       ? 
_reflns.observed_criterion_I_max                       ? 
_reflns.observed_criterion_I_min                       ? 
_reflns.observed_criterion_sigma_F                     ? 
_reflns.observed_criterion_sigma_I                     ? 
_reflns.percent_possible_obs                           99.9 
_reflns.R_free_details                                 ? 
_reflns.Rmerge_F_all                                   ? 
_reflns.Rmerge_F_obs                                   ? 
_reflns.Friedel_coverage                               ? 
_reflns.number_gt                                      ? 
_reflns.threshold_expression                           ? 
_reflns.pdbx_redundancy                                264.9 
_reflns.pdbx_Rmerge_I_obs                              ? 
_reflns.pdbx_Rmerge_I_all                              ? 
_reflns.pdbx_Rsym_value                                ? 
_reflns.pdbx_netI_over_av_sigmaI                       ? 
_reflns.pdbx_netI_over_sigmaI                          5.7 
_reflns.pdbx_res_netI_over_av_sigmaI_2                 ? 
_reflns.pdbx_res_netI_over_sigmaI_2                    ? 
_reflns.pdbx_chi_squared                               ? 
_reflns.pdbx_scaling_rejects                           ? 
_reflns.pdbx_d_res_high_opt                            ? 
_reflns.pdbx_d_res_low_opt                             ? 
_reflns.pdbx_d_res_opt_method                          ? 
_reflns.phase_calculation_details                      ? 
_reflns.pdbx_Rrim_I_all                                ? 
_reflns.pdbx_Rpim_I_all                                ? 
_reflns.pdbx_d_opt                                     ? 
_reflns.pdbx_number_measured_all                       ? 
_reflns.pdbx_diffrn_id                                 1 
_reflns.pdbx_ordinal                                   1 
_reflns.pdbx_CC_half                                   ? 
_reflns.pdbx_CC_star                                   0.992 
_reflns.pdbx_R_split                                   0.147 
_reflns.pdbx_aniso_diffraction_limit_axis_1_ortho[1]   ? 
_reflns.pdbx_aniso_diffraction_limit_axis_1_ortho[2]   ? 
_reflns.pdbx_aniso_diffraction_limit_axis_1_ortho[3]   ? 
_reflns.pdbx_aniso_diffraction_limit_axis_2_ortho[1]   ? 
_reflns.pdbx_aniso_diffraction_limit_axis_2_ortho[2]   ? 
_reflns.pdbx_aniso_diffraction_limit_axis_2_ortho[3]   ? 
_reflns.pdbx_aniso_diffraction_limit_axis_3_ortho[1]   ? 
_reflns.pdbx_aniso_diffraction_limit_axis_3_ortho[2]   ? 
_reflns.pdbx_aniso_diffraction_limit_axis_3_ortho[3]   ? 
_reflns.pdbx_aniso_diffraction_limit_1                 ? 
_reflns.pdbx_aniso_diffraction_limit_2                 ? 
_reflns.pdbx_aniso_diffraction_limit_3                 ? 
_reflns.pdbx_aniso_B_tensor_eigenvector_1_ortho[1]     ? 
_reflns.pdbx_aniso_B_tensor_eigenvector_1_ortho[2]     ? 
_reflns.pdbx_aniso_B_tensor_eigenvector_1_ortho[3]     ? 
_reflns.pdbx_aniso_B_tensor_eigenvector_2_ortho[1]     ? 
_reflns.pdbx_aniso_B_tensor_eigenvector_2_ortho[2]     ? 
_reflns.pdbx_aniso_B_tensor_eigenvector_2_ortho[3]     ? 
_reflns.pdbx_aniso_B_tensor_eigenvector_3_ortho[1]     ? 
_reflns.pdbx_aniso_B_tensor_eigenvector_3_ortho[2]     ? 
_reflns.pdbx_aniso_B_tensor_eigenvector_3_ortho[3]     ? 
_reflns.pdbx_aniso_B_tensor_eigenvalue_1               ? 
_reflns.pdbx_aniso_B_tensor_eigenvalue_2               ? 
_reflns.pdbx_aniso_B_tensor_eigenvalue_3               ? 
_reflns.pdbx_orthogonalization_convention              ? 
_reflns.pdbx_percent_possible_ellipsoidal              ? 
_reflns.pdbx_percent_possible_spherical                ? 
_reflns.pdbx_percent_possible_ellipsoidal_anomalous    ? 
_reflns.pdbx_percent_possible_spherical_anomalous      ? 
_reflns.pdbx_redundancy_anomalous                      ? 
_reflns.pdbx_CC_half_anomalous                         ? 
_reflns.pdbx_absDiff_over_sigma_anomalous              ? 
_reflns.pdbx_percent_possible_anomalous                ? 
_reflns.pdbx_observed_signal_threshold                 ? 
_reflns.pdbx_signal_type                               ? 
_reflns.pdbx_signal_details                            ? 
_reflns.pdbx_signal_software_id                        ? 
_reflns.pdbx_CC_split_method                           ? 
# 
_reflns_shell.d_res_high                                    1.29 
_reflns_shell.d_res_low                                     1.32 
_reflns_shell.meanI_over_sigI_all                           ? 
_reflns_shell.meanI_over_sigI_obs                           ? 
_reflns_shell.number_measured_all                           ? 
_reflns_shell.number_measured_obs                           ? 
_reflns_shell.number_possible                               ? 
_reflns_shell.number_unique_all                             ? 
_reflns_shell.number_unique_obs                             1976 
_reflns_shell.percent_possible_all                          ? 
_reflns_shell.percent_possible_obs                          ? 
_reflns_shell.Rmerge_F_all                                  ? 
_reflns_shell.Rmerge_F_obs                                  ? 
_reflns_shell.Rmerge_I_all                                  ? 
_reflns_shell.Rmerge_I_obs                                  ? 
_reflns_shell.meanI_over_sigI_gt                            ? 
_reflns_shell.meanI_over_uI_all                             ? 
_reflns_shell.meanI_over_uI_gt                              ? 
_reflns_shell.number_measured_gt                            ? 
_reflns_shell.number_unique_gt                              ? 
_reflns_shell.percent_possible_gt                           ? 
_reflns_shell.Rmerge_F_gt                                   ? 
_reflns_shell.Rmerge_I_gt                                   ? 
_reflns_shell.pdbx_redundancy                               ? 
_reflns_shell.pdbx_Rsym_value                               ? 
_reflns_shell.pdbx_chi_squared                              ? 
_reflns_shell.pdbx_netI_over_sigmaI_all                     ? 
_reflns_shell.pdbx_netI_over_sigmaI_obs                     ? 
_reflns_shell.pdbx_Rrim_I_all                               ? 
_reflns_shell.pdbx_Rpim_I_all                               ? 
_reflns_shell.pdbx_rejects                                  ? 
_reflns_shell.pdbx_ordinal                                  1 
_reflns_shell.pdbx_diffrn_id                                1 
_reflns_shell.pdbx_CC_half                                  ? 
_reflns_shell.pdbx_CC_star                                  0.835 
_reflns_shell.pdbx_R_split                                  0.658 
_reflns_shell.pdbx_percent_possible_ellipsoidal             ? 
_reflns_shell.pdbx_percent_possible_spherical               ? 
_reflns_shell.pdbx_percent_possible_ellipsoidal_anomalous   ? 
_reflns_shell.pdbx_percent_possible_spherical_anomalous     ? 
_reflns_shell.pdbx_redundancy_anomalous                     ? 
_reflns_shell.pdbx_CC_half_anomalous                        ? 
_reflns_shell.pdbx_absDiff_over_sigma_anomalous             ? 
_reflns_shell.pdbx_percent_possible_anomalous               ? 
# 
_refine.aniso_B[1][1]                            ? 
_refine.aniso_B[1][2]                            ? 
_refine.aniso_B[1][3]                            ? 
_refine.aniso_B[2][2]                            ? 
_refine.aniso_B[2][3]                            ? 
_refine.aniso_B[3][3]                            ? 
_refine.B_iso_max                                ? 
_refine.B_iso_mean                               17.60 
_refine.B_iso_min                                ? 
_refine.correlation_coeff_Fo_to_Fc               ? 
_refine.correlation_coeff_Fo_to_Fc_free          ? 
_refine.details                                  ? 
_refine.diff_density_max                         ? 
_refine.diff_density_max_esd                     ? 
_refine.diff_density_min                         ? 
_refine.diff_density_min_esd                     ? 
_refine.diff_density_rms                         ? 
_refine.diff_density_rms_esd                     ? 
_refine.entry_id                                 8BKN 
_refine.pdbx_refine_id                           'X-RAY DIFFRACTION' 
_refine.ls_abs_structure_details                 ? 
_refine.ls_abs_structure_Flack                   ? 
_refine.ls_abs_structure_Flack_esd               ? 
_refine.ls_abs_structure_Rogers                  ? 
_refine.ls_abs_structure_Rogers_esd              ? 
_refine.ls_d_res_high                            1.29 
_refine.ls_d_res_low                             30.12 
_refine.ls_extinction_coef                       ? 
_refine.ls_extinction_coef_esd                   ? 
_refine.ls_extinction_expression                 ? 
_refine.ls_extinction_method                     ? 
_refine.ls_goodness_of_fit_all                   ? 
_refine.ls_goodness_of_fit_all_esd               ? 
_refine.ls_goodness_of_fit_obs                   ? 
_refine.ls_goodness_of_fit_obs_esd               ? 
_refine.ls_hydrogen_treatment                    ? 
_refine.ls_matrix_type                           ? 
_refine.ls_number_constraints                    ? 
_refine.ls_number_parameters                     ? 
_refine.ls_number_reflns_all                     ? 
_refine.ls_number_reflns_obs                     30411 
_refine.ls_number_reflns_R_free                  2185 
_refine.ls_number_reflns_R_work                  28226 
_refine.ls_number_restraints                     ? 
_refine.ls_percent_reflns_obs                    99.90 
_refine.ls_percent_reflns_R_free                 7.18 
_refine.ls_R_factor_all                          ? 
_refine.ls_R_factor_obs                          0.1779 
_refine.ls_R_factor_R_free                       0.2101 
_refine.ls_R_factor_R_free_error                 ? 
_refine.ls_R_factor_R_free_error_details         ? 
_refine.ls_R_factor_R_work                       0.1755 
_refine.ls_R_Fsqd_factor_obs                     ? 
_refine.ls_R_I_factor_obs                        ? 
_refine.ls_redundancy_reflns_all                 ? 
_refine.ls_redundancy_reflns_obs                 ? 
_refine.ls_restrained_S_all                      ? 
_refine.ls_restrained_S_obs                      ? 
_refine.ls_shift_over_esd_max                    ? 
_refine.ls_shift_over_esd_mean                   ? 
_refine.ls_structure_factor_coef                 ? 
_refine.ls_weighting_details                     ? 
_refine.ls_weighting_scheme                      ? 
_refine.ls_wR_factor_all                         ? 
_refine.ls_wR_factor_obs                         ? 
_refine.ls_wR_factor_R_free                      ? 
_refine.ls_wR_factor_R_work                      ? 
_refine.occupancy_max                            ? 
_refine.occupancy_min                            ? 
_refine.solvent_model_details                    'FLAT BULK SOLVENT MODEL' 
_refine.solvent_model_param_bsol                 ? 
_refine.solvent_model_param_ksol                 ? 
_refine.pdbx_R_complete                          ? 
_refine.ls_R_factor_gt                           ? 
_refine.ls_goodness_of_fit_gt                    ? 
_refine.ls_goodness_of_fit_ref                   ? 
_refine.ls_shift_over_su_max                     ? 
_refine.ls_shift_over_su_max_lt                  ? 
_refine.ls_shift_over_su_mean                    ? 
_refine.ls_shift_over_su_mean_lt                 ? 
_refine.pdbx_ls_sigma_I                          ? 
_refine.pdbx_ls_sigma_F                          1.35 
_refine.pdbx_ls_sigma_Fsqd                       ? 
_refine.pdbx_data_cutoff_high_absF               ? 
_refine.pdbx_data_cutoff_high_rms_absF           ? 
_refine.pdbx_data_cutoff_low_absF                ? 
_refine.pdbx_isotropic_thermal_model             ? 
_refine.pdbx_ls_cross_valid_method               'FREE R-VALUE' 
_refine.pdbx_method_to_determine_struct          'MOLECULAR REPLACEMENT' 
_refine.pdbx_starting_model                      5d5r 
_refine.pdbx_stereochemistry_target_values       'GeoStd + Monomer Library + CDL v1.2' 
_refine.pdbx_R_Free_selection_details            ? 
_refine.pdbx_stereochem_target_val_spec_case     ? 
_refine.pdbx_overall_ESU_R                       ? 
_refine.pdbx_overall_ESU_R_Free                  ? 
_refine.pdbx_solvent_vdw_probe_radii             1.1100 
_refine.pdbx_solvent_ion_probe_radii             ? 
_refine.pdbx_solvent_shrinkage_radii             0.9000 
_refine.pdbx_real_space_R                        ? 
_refine.pdbx_density_correlation                 ? 
_refine.pdbx_pd_number_of_powder_patterns        ? 
_refine.pdbx_pd_number_of_points                 ? 
_refine.pdbx_pd_meas_number_of_points            ? 
_refine.pdbx_pd_proc_ls_prof_R_factor            ? 
_refine.pdbx_pd_proc_ls_prof_wR_factor           ? 
_refine.pdbx_pd_Marquardt_correlation_coeff      ? 
_refine.pdbx_pd_Fsqrd_R_factor                   ? 
_refine.pdbx_pd_ls_matrix_band_width             ? 
_refine.pdbx_overall_phase_error                 20.8649 
_refine.pdbx_overall_SU_R_free_Cruickshank_DPI   ? 
_refine.pdbx_overall_SU_R_free_Blow_DPI          ? 
_refine.pdbx_overall_SU_R_Blow_DPI               ? 
_refine.pdbx_TLS_residual_ADP_flag               ? 
_refine.pdbx_diffrn_id                           1 
_refine.overall_SU_B                             ? 
_refine.overall_SU_ML                            0.1732 
_refine.overall_SU_R_Cruickshank_DPI             ? 
_refine.overall_SU_R_free                        ? 
_refine.overall_FOM_free_R_set                   ? 
_refine.overall_FOM_work_R_set                   ? 
_refine.pdbx_average_fsc_overall                 ? 
_refine.pdbx_average_fsc_work                    ? 
_refine.pdbx_average_fsc_free                    ? 
# 
_refine_hist.pdbx_refine_id                   'X-RAY DIFFRACTION' 
_refine_hist.cycle_id                         LAST 
_refine_hist.details                          ? 
_refine_hist.d_res_high                       1.29 
_refine_hist.d_res_low                        30.12 
_refine_hist.number_atoms_solvent             130 
_refine_hist.number_atoms_total               1379 
_refine_hist.number_reflns_all                ? 
_refine_hist.number_reflns_obs                ? 
_refine_hist.number_reflns_R_free             ? 
_refine_hist.number_reflns_R_work             ? 
_refine_hist.R_factor_all                     ? 
_refine_hist.R_factor_obs                     ? 
_refine_hist.R_factor_R_free                  ? 
_refine_hist.R_factor_R_work                  ? 
_refine_hist.pdbx_number_residues_total       ? 
_refine_hist.pdbx_B_iso_mean_ligand           ? 
_refine_hist.pdbx_B_iso_mean_solvent          ? 
_refine_hist.pdbx_number_atoms_protein        1194 
_refine_hist.pdbx_number_atoms_nucleic_acid   0 
_refine_hist.pdbx_number_atoms_ligand         55 
_refine_hist.pdbx_number_atoms_lipid          ? 
_refine_hist.pdbx_number_atoms_carb           ? 
_refine_hist.pdbx_pseudo_atom_details         ? 
# 
loop_
_refine_ls_restr.pdbx_refine_id 
_refine_ls_restr.criterion 
_refine_ls_restr.dev_ideal 
_refine_ls_restr.dev_ideal_target 
_refine_ls_restr.number 
_refine_ls_restr.rejects 
_refine_ls_restr.type 
_refine_ls_restr.weight 
_refine_ls_restr.pdbx_restraint_function 
'X-RAY DIFFRACTION' ? 0.0120  ? 1280 ? f_bond_d           ? ? 
'X-RAY DIFFRACTION' ? 1.0236  ? 1734 ? f_angle_d          ? ? 
'X-RAY DIFFRACTION' ? 0.0669  ? 178  ? f_chiral_restr     ? ? 
'X-RAY DIFFRACTION' ? 0.0067  ? 214  ? f_plane_restr      ? ? 
'X-RAY DIFFRACTION' ? 14.9363 ? 457  ? f_dihedral_angle_d ? ? 
# 
loop_
_refine_ls_shell.pdbx_refine_id 
_refine_ls_shell.d_res_high 
_refine_ls_shell.d_res_low 
_refine_ls_shell.number_reflns_all 
_refine_ls_shell.number_reflns_obs 
_refine_ls_shell.number_reflns_R_free 
_refine_ls_shell.number_reflns_R_work 
_refine_ls_shell.percent_reflns_obs 
_refine_ls_shell.percent_reflns_R_free 
_refine_ls_shell.R_factor_all 
_refine_ls_shell.R_factor_obs 
_refine_ls_shell.R_factor_R_free 
_refine_ls_shell.R_factor_R_free_error 
_refine_ls_shell.R_factor_R_work 
_refine_ls_shell.redundancy_reflns_all 
_refine_ls_shell.redundancy_reflns_obs 
_refine_ls_shell.wR_factor_all 
_refine_ls_shell.wR_factor_obs 
_refine_ls_shell.wR_factor_R_free 
_refine_ls_shell.wR_factor_R_work 
_refine_ls_shell.pdbx_R_complete 
_refine_ls_shell.pdbx_total_number_of_bins_used 
_refine_ls_shell.pdbx_phase_error 
_refine_ls_shell.pdbx_fsc_work 
_refine_ls_shell.pdbx_fsc_free 
'X-RAY DIFFRACTION' 1.29 1.32  . . 131 1699 99.08  . . . 0.3671 . 0.3445 . . . . . . . . . . . 
'X-RAY DIFFRACTION' 1.32 1.35  . . 137 1754 99.89  . . . 0.3408 . 0.2868 . . . . . . . . . . . 
'X-RAY DIFFRACTION' 1.35 1.38  . . 135 1739 100.00 . . . 0.2803 . 0.2489 . . . . . . . . . . . 
'X-RAY DIFFRACTION' 1.38 1.42  . . 137 1780 100.00 . . . 0.2615 . 0.2257 . . . . . . . . . . . 
'X-RAY DIFFRACTION' 1.42 1.46  . . 135 1755 100.00 . . . 0.2220 . 0.2115 . . . . . . . . . . . 
'X-RAY DIFFRACTION' 1.46 1.51  . . 137 1740 100.00 . . . 0.2186 . 0.1926 . . . . . . . . . . . 
'X-RAY DIFFRACTION' 1.51 1.56  . . 139 1755 100.00 . . . 0.2244 . 0.1945 . . . . . . . . . . . 
'X-RAY DIFFRACTION' 1.56 1.63  . . 134 1755 100.00 . . . 0.2363 . 0.1963 . . . . . . . . . . . 
'X-RAY DIFFRACTION' 1.63 1.70  . . 133 1750 100.00 . . . 0.2281 . 0.1988 . . . . . . . . . . . 
'X-RAY DIFFRACTION' 1.70 1.79  . . 139 1766 100.00 . . . 0.2358 . 0.1837 . . . . . . . . . . . 
'X-RAY DIFFRACTION' 1.79 1.90  . . 137 1769 100.00 . . . 0.1749 . 0.1723 . . . . . . . . . . . 
'X-RAY DIFFRACTION' 1.90 2.05  . . 134 1769 100.00 . . . 0.2100 . 0.1658 . . . . . . . . . . . 
'X-RAY DIFFRACTION' 2.05 2.25  . . 135 1772 100.00 . . . 0.1831 . 0.1610 . . . . . . . . . . . 
'X-RAY DIFFRACTION' 2.25 2.58  . . 138 1788 100.00 . . . 0.2075 . 0.1643 . . . . . . . . . . . 
'X-RAY DIFFRACTION' 2.58 3.25  . . 142 1793 100.00 . . . 0.1842 . 0.1684 . . . . . . . . . . . 
'X-RAY DIFFRACTION' 3.25 30.12 . . 142 1842 99.50  . . . 0.2005 . 0.1491 . . . . . . . . . . . 
# 
_struct.entry_id                     8BKN 
_struct.title                        'Carboxymyoglobin dark state for comparison with 5 mJ/cm2 time series' 
_struct.pdbx_model_details           ? 
_struct.pdbx_formula_weight          ? 
_struct.pdbx_formula_weight_method   ? 
_struct.pdbx_model_type_details      ? 
_struct.pdbx_CASP_flag               N 
# 
_struct_keywords.entry_id        8BKN 
_struct_keywords.text            
'XFEL, SFX, photolysis, pump-probe, Free-electron Laser, Serial Femtosecond Crystallography, OXYGEN STORAGE' 
_struct_keywords.pdbx_keywords   'OXYGEN STORAGE' 
# 
loop_
_struct_asym.id 
_struct_asym.pdbx_blank_PDB_chainid_flag 
_struct_asym.pdbx_modified 
_struct_asym.entity_id 
_struct_asym.details 
A N N 1 ? 
B N N 2 ? 
C N N 3 ? 
D N N 3 ? 
E N N 4 ? 
F N N 5 ? 
# 
_struct_ref.id                         1 
_struct_ref.db_name                    UNP 
_struct_ref.db_code                    MYG_HORSE 
_struct_ref.pdbx_db_accession          P68082 
_struct_ref.pdbx_db_isoform            ? 
_struct_ref.entity_id                  1 
_struct_ref.pdbx_seq_one_letter_code   
;GLSDGEWQQVLNVWGKVEADIAGHGQEVLIRLFTGHPETLEKFDKFKHLKTEAEMKASEDLKKHGTVVLTALGGILKKKG
HHEAELKPLAQSHATKHKIPIKYLEFISDAIIHVLHSKHPGDFGADAQGAMTKALELFRNDIAAKYKELGFQ
;
_struct_ref.pdbx_align_begin           2 
# 
_struct_ref_seq.align_id                      1 
_struct_ref_seq.ref_id                        1 
_struct_ref_seq.pdbx_PDB_id_code              8BKN 
_struct_ref_seq.pdbx_strand_id                A 
_struct_ref_seq.seq_align_beg                 1 
_struct_ref_seq.pdbx_seq_align_beg_ins_code   ? 
_struct_ref_seq.seq_align_end                 152 
_struct_ref_seq.pdbx_seq_align_end_ins_code   ? 
_struct_ref_seq.pdbx_db_accession             P68082 
_struct_ref_seq.db_align_beg                  2 
_struct_ref_seq.pdbx_db_align_beg_ins_code    ? 
_struct_ref_seq.db_align_end                  153 
_struct_ref_seq.pdbx_db_align_end_ins_code    ? 
_struct_ref_seq.pdbx_auth_seq_align_beg       1 
_struct_ref_seq.pdbx_auth_seq_align_end       152 
# 
_pdbx_struct_assembly.id                   1 
_pdbx_struct_assembly.details              author_and_software_defined_assembly 
_pdbx_struct_assembly.method_details       PISA 
_pdbx_struct_assembly.oligomeric_details   monomeric 
_pdbx_struct_assembly.oligomeric_count     1 
# 
loop_
_pdbx_struct_assembly_prop.biol_id 
_pdbx_struct_assembly_prop.type 
_pdbx_struct_assembly_prop.value 
_pdbx_struct_assembly_prop.details 
1 'ABSA (A^2)' 1470 ? 
1 MORE         -36  ? 
1 'SSA (A^2)'  7720 ? 
# 
_pdbx_struct_assembly_gen.assembly_id       1 
_pdbx_struct_assembly_gen.oper_expression   1 
_pdbx_struct_assembly_gen.asym_id_list      A,B,C,D,E,F 
# 
_pdbx_struct_assembly_auth_evidence.id                     1 
_pdbx_struct_assembly_auth_evidence.assembly_id            1 
_pdbx_struct_assembly_auth_evidence.experimental_support   none 
_pdbx_struct_assembly_auth_evidence.details                ? 
# 
_pdbx_struct_oper_list.id                   1 
_pdbx_struct_oper_list.type                 'identity operation' 
_pdbx_struct_oper_list.name                 1_555 
_pdbx_struct_oper_list.symmetry_operation   x,y,z 
_pdbx_struct_oper_list.matrix[1][1]         1.0000000000 
_pdbx_struct_oper_list.matrix[1][2]         0.0000000000 
_pdbx_struct_oper_list.matrix[1][3]         0.0000000000 
_pdbx_struct_oper_list.vector[1]            0.0000000000 
_pdbx_struct_oper_list.matrix[2][1]         0.0000000000 
_pdbx_struct_oper_list.matrix[2][2]         1.0000000000 
_pdbx_struct_oper_list.matrix[2][3]         0.0000000000 
_pdbx_struct_oper_list.vector[2]            0.0000000000 
_pdbx_struct_oper_list.matrix[3][1]         0.0000000000 
_pdbx_struct_oper_list.matrix[3][2]         0.0000000000 
_pdbx_struct_oper_list.matrix[3][3]         1.0000000000 
_pdbx_struct_oper_list.vector[3]            0.0000000000 
# 
loop_
_struct_conf.conf_type_id 
_struct_conf.id 
_struct_conf.pdbx_PDB_helix_id 
_struct_conf.beg_label_comp_id 
_struct_conf.beg_label_asym_id 
_struct_conf.beg_label_seq_id 
_struct_conf.pdbx_beg_PDB_ins_code 
_struct_conf.end_label_comp_id 
_struct_conf.end_label_asym_id 
_struct_conf.end_label_seq_id 
_struct_conf.pdbx_end_PDB_ins_code 
_struct_conf.beg_auth_comp_id 
_struct_conf.beg_auth_asym_id 
_struct_conf.beg_auth_seq_id 
_struct_conf.end_auth_comp_id 
_struct_conf.end_auth_asym_id 
_struct_conf.end_auth_seq_id 
_struct_conf.pdbx_PDB_helix_class 
_struct_conf.details 
_struct_conf.pdbx_PDB_helix_length 
HELX_P HELX_P1 AA1 SER A 3   ? ASP A 20  ? SER A 3   ASP A 20  1 ? 18 
HELX_P HELX_P2 AA2 ASP A 20  ? HIS A 36  ? ASP A 20  HIS A 36  1 ? 17 
HELX_P HELX_P3 AA3 HIS A 36  ? GLU A 41  ? HIS A 36  GLU A 41  1 ? 6  
HELX_P HELX_P4 AA4 THR A 51  ? SER A 58  ? THR A 51  SER A 58  1 ? 8  
HELX_P HELX_P5 AA5 SER A 58  ? LYS A 77  ? SER A 58  LYS A 77  1 ? 20 
HELX_P HELX_P6 AA6 HIS A 82  ? LYS A 96  ? HIS A 82  LYS A 96  1 ? 15 
HELX_P HELX_P7 AA7 PRO A 100 ? HIS A 119 ? PRO A 100 HIS A 119 1 ? 20 
HELX_P HELX_P8 AA8 GLY A 124 ? GLY A 150 ? GLY A 124 GLY A 150 1 ? 27 
# 
_struct_conf_type.id          HELX_P 
_struct_conf_type.criteria    ? 
_struct_conf_type.reference   ? 
# 
_struct_conn.id                            metalc1 
_struct_conn.conn_type_id                  metalc 
_struct_conn.pdbx_leaving_atom_flag        ? 
_struct_conn.pdbx_PDB_id                   ? 
_struct_conn.ptnr1_label_asym_id           A 
_struct_conn.ptnr1_label_comp_id           HIS 
_struct_conn.ptnr1_label_seq_id            93 
_struct_conn.ptnr1_label_atom_id           NE2 
_struct_conn.pdbx_ptnr1_label_alt_id       A 
_struct_conn.pdbx_ptnr1_PDB_ins_code       ? 
_struct_conn.pdbx_ptnr1_standard_comp_id   ? 
_struct_conn.ptnr1_symmetry                1_555 
_struct_conn.ptnr2_label_asym_id           B 
_struct_conn.ptnr2_label_comp_id           HEM 
_struct_conn.ptnr2_label_seq_id            . 
_struct_conn.ptnr2_label_atom_id           FE 
_struct_conn.pdbx_ptnr2_label_alt_id       A 
_struct_conn.pdbx_ptnr2_PDB_ins_code       ? 
_struct_conn.ptnr1_auth_asym_id            A 
_struct_conn.ptnr1_auth_comp_id            HIS 
_struct_conn.ptnr1_auth_seq_id             93 
_struct_conn.ptnr2_auth_asym_id            A 
_struct_conn.ptnr2_auth_comp_id            HEM 
_struct_conn.ptnr2_auth_seq_id             201 
_struct_conn.ptnr2_symmetry                1_555 
_struct_conn.pdbx_ptnr3_label_atom_id      ? 
_struct_conn.pdbx_ptnr3_label_seq_id       ? 
_struct_conn.pdbx_ptnr3_label_comp_id      ? 
_struct_conn.pdbx_ptnr3_label_asym_id      ? 
_struct_conn.pdbx_ptnr3_label_alt_id       ? 
_struct_conn.pdbx_ptnr3_PDB_ins_code       ? 
_struct_conn.details                       ? 
_struct_conn.pdbx_dist_value               2.022 
_struct_conn.pdbx_value_order              ? 
_struct_conn.pdbx_role                     ? 
# 
_struct_conn_type.id          metalc 
_struct_conn_type.criteria    ? 
_struct_conn_type.reference   ? 
# 
loop_
_pdbx_struct_conn_angle.id 
_pdbx_struct_conn_angle.ptnr1_label_atom_id 
_pdbx_struct_conn_angle.ptnr1_label_alt_id 
_pdbx_struct_conn_angle.ptnr1_label_asym_id 
_pdbx_struct_conn_angle.ptnr1_label_comp_id 
_pdbx_struct_conn_angle.ptnr1_label_seq_id 
_pdbx_struct_conn_angle.ptnr1_auth_atom_id 
_pdbx_struct_conn_angle.ptnr1_auth_asym_id 
_pdbx_struct_conn_angle.ptnr1_auth_comp_id 
_pdbx_struct_conn_angle.ptnr1_auth_seq_id 
_pdbx_struct_conn_angle.ptnr1_PDB_ins_code 
_pdbx_struct_conn_angle.ptnr1_symmetry 
_pdbx_struct_conn_angle.ptnr2_label_atom_id 
_pdbx_struct_conn_angle.ptnr2_label_alt_id 
_pdbx_struct_conn_angle.ptnr2_label_asym_id 
_pdbx_struct_conn_angle.ptnr2_label_comp_id 
_pdbx_struct_conn_angle.ptnr2_label_seq_id 
_pdbx_struct_conn_angle.ptnr2_auth_atom_id 
_pdbx_struct_conn_angle.ptnr2_auth_asym_id 
_pdbx_struct_conn_angle.ptnr2_auth_comp_id 
_pdbx_struct_conn_angle.ptnr2_auth_seq_id 
_pdbx_struct_conn_angle.ptnr2_PDB_ins_code 
_pdbx_struct_conn_angle.ptnr2_symmetry 
_pdbx_struct_conn_angle.ptnr3_label_atom_id 
_pdbx_struct_conn_angle.ptnr3_label_alt_id 
_pdbx_struct_conn_angle.ptnr3_label_asym_id 
_pdbx_struct_conn_angle.ptnr3_label_comp_id 
_pdbx_struct_conn_angle.ptnr3_label_seq_id 
_pdbx_struct_conn_angle.ptnr3_auth_atom_id 
_pdbx_struct_conn_angle.ptnr3_auth_asym_id 
_pdbx_struct_conn_angle.ptnr3_auth_comp_id 
_pdbx_struct_conn_angle.ptnr3_auth_seq_id 
_pdbx_struct_conn_angle.ptnr3_PDB_ins_code 
_pdbx_struct_conn_angle.ptnr3_symmetry 
_pdbx_struct_conn_angle.value 
_pdbx_struct_conn_angle.value_esd 
1  NE2 A A HIS 93 ? A HIS 93  ? 1_555 FE A B HEM . ? A HEM 201 ? 1_555 NA A B HEM . ? A HEM 201 ? 1_555 90.9  ? 
2  NE2 A A HIS 93 ? A HIS 93  ? 1_555 FE A B HEM . ? A HEM 201 ? 1_555 NB A B HEM . ? A HEM 201 ? 1_555 89.2  ? 
3  NA  A B HEM .  ? A HEM 201 ? 1_555 FE A B HEM . ? A HEM 201 ? 1_555 NB A B HEM . ? A HEM 201 ? 1_555 89.4  ? 
4  NE2 A A HIS 93 ? A HIS 93  ? 1_555 FE A B HEM . ? A HEM 201 ? 1_555 NC A B HEM . ? A HEM 201 ? 1_555 90.0  ? 
5  NA  A B HEM .  ? A HEM 201 ? 1_555 FE A B HEM . ? A HEM 201 ? 1_555 NC A B HEM . ? A HEM 201 ? 1_555 178.2 ? 
6  NB  A B HEM .  ? A HEM 201 ? 1_555 FE A B HEM . ? A HEM 201 ? 1_555 NC A B HEM . ? A HEM 201 ? 1_555 89.1  ? 
7  NE2 A A HIS 93 ? A HIS 93  ? 1_555 FE A B HEM . ? A HEM 201 ? 1_555 ND A B HEM . ? A HEM 201 ? 1_555 91.3  ? 
8  NA  A B HEM .  ? A HEM 201 ? 1_555 FE A B HEM . ? A HEM 201 ? 1_555 ND A B HEM . ? A HEM 201 ? 1_555 90.2  ? 
9  NB  A B HEM .  ? A HEM 201 ? 1_555 FE A B HEM . ? A HEM 201 ? 1_555 ND A B HEM . ? A HEM 201 ? 1_555 179.4 ? 
10 NC  A B HEM .  ? A HEM 201 ? 1_555 FE A B HEM . ? A HEM 201 ? 1_555 ND A B HEM . ? A HEM 201 ? 1_555 91.4  ? 
# 
loop_
_pdbx_validate_close_contact.id 
_pdbx_validate_close_contact.PDB_model_num 
_pdbx_validate_close_contact.auth_atom_id_1 
_pdbx_validate_close_contact.auth_asym_id_1 
_pdbx_validate_close_contact.auth_comp_id_1 
_pdbx_validate_close_contact.auth_seq_id_1 
_pdbx_validate_close_contact.PDB_ins_code_1 
_pdbx_validate_close_contact.label_alt_id_1 
_pdbx_validate_close_contact.auth_atom_id_2 
_pdbx_validate_close_contact.auth_asym_id_2 
_pdbx_validate_close_contact.auth_comp_id_2 
_pdbx_validate_close_contact.auth_seq_id_2 
_pdbx_validate_close_contact.PDB_ins_code_2 
_pdbx_validate_close_contact.label_alt_id_2 
_pdbx_validate_close_contact.dist 
1 1 O  A HOH 423 ? ? O A HOH 426 ? ? 2.05 
2 1 O  A HOH 380 ? ? O A HOH 403 ? ? 2.16 
3 1 O  A HOH 304 ? ? O A HOH 425 ? ? 2.17 
4 1 NZ A LYS 87  ? A O A HOH 301 ? ? 2.19 
# 
loop_
_pdbx_validate_symm_contact.id 
_pdbx_validate_symm_contact.PDB_model_num 
_pdbx_validate_symm_contact.auth_atom_id_1 
_pdbx_validate_symm_contact.auth_asym_id_1 
_pdbx_validate_symm_contact.auth_comp_id_1 
_pdbx_validate_symm_contact.auth_seq_id_1 
_pdbx_validate_symm_contact.PDB_ins_code_1 
_pdbx_validate_symm_contact.label_alt_id_1 
_pdbx_validate_symm_contact.site_symmetry_1 
_pdbx_validate_symm_contact.auth_atom_id_2 
_pdbx_validate_symm_contact.auth_asym_id_2 
_pdbx_validate_symm_contact.auth_comp_id_2 
_pdbx_validate_symm_contact.auth_seq_id_2 
_pdbx_validate_symm_contact.PDB_ins_code_2 
_pdbx_validate_symm_contact.label_alt_id_2 
_pdbx_validate_symm_contact.site_symmetry_2 
_pdbx_validate_symm_contact.dist 
1 1 O A HOH 421 ? ? 1_555 O A HOH 429 ? ? 2_655 2.08 
2 1 O A HOH 400 ? ? 1_555 O A HOH 406 ? ? 2_646 2.15 
# 
_pdbx_validate_torsion.id              1 
_pdbx_validate_torsion.PDB_model_num   1 
_pdbx_validate_torsion.auth_comp_id    ASP 
_pdbx_validate_torsion.auth_asym_id    A 
_pdbx_validate_torsion.auth_seq_id     20 
_pdbx_validate_torsion.PDB_ins_code    ? 
_pdbx_validate_torsion.label_alt_id    A 
_pdbx_validate_torsion.phi             -150.00 
_pdbx_validate_torsion.psi             74.05 
# 
loop_
_space_group_symop.id 
_space_group_symop.operation_xyz 
1 x,y,z       
2 -x,y+1/2,-z 
# 
_pdbx_entry_details.entry_id                 8BKN 
_pdbx_entry_details.has_ligand_of_interest   Y 
_pdbx_entry_details.compound_details         ? 
_pdbx_entry_details.source_details           ? 
_pdbx_entry_details.nonpolymer_details       ? 
_pdbx_entry_details.sequence_details         ? 
# 
loop_
_chem_comp_atom.comp_id 
_chem_comp_atom.atom_id 
_chem_comp_atom.type_symbol 
_chem_comp_atom.pdbx_aromatic_flag 
_chem_comp_atom.pdbx_stereo_config 
_chem_comp_atom.pdbx_ordinal 
ALA N    N  N N 1   
ALA CA   C  N S 2   
ALA C    C  N N 3   
ALA O    O  N N 4   
ALA CB   C  N N 5   
ALA OXT  O  N N 6   
ALA H    H  N N 7   
ALA H2   H  N N 8   
ALA HA   H  N N 9   
ALA HB1  H  N N 10  
ALA HB2  H  N N 11  
ALA HB3  H  N N 12  
ALA HXT  H  N N 13  
ARG N    N  N N 14  
ARG CA   C  N S 15  
ARG C    C  N N 16  
ARG O    O  N N 17  
ARG CB   C  N N 18  
ARG CG   C  N N 19  
ARG CD   C  N N 20  
ARG NE   N  N N 21  
ARG CZ   C  N N 22  
ARG NH1  N  N N 23  
ARG NH2  N  N N 24  
ARG OXT  O  N N 25  
ARG H    H  N N 26  
ARG H2   H  N N 27  
ARG HA   H  N N 28  
ARG HB2  H  N N 29  
ARG HB3  H  N N 30  
ARG HG2  H  N N 31  
ARG HG3  H  N N 32  
ARG HD2  H  N N 33  
ARG HD3  H  N N 34  
ARG HE   H  N N 35  
ARG HH11 H  N N 36  
ARG HH12 H  N N 37  
ARG HH21 H  N N 38  
ARG HH22 H  N N 39  
ARG HXT  H  N N 40  
ASN N    N  N N 41  
ASN CA   C  N S 42  
ASN C    C  N N 43  
ASN O    O  N N 44  
ASN CB   C  N N 45  
ASN CG   C  N N 46  
ASN OD1  O  N N 47  
ASN ND2  N  N N 48  
ASN OXT  O  N N 49  
ASN H    H  N N 50  
ASN H2   H  N N 51  
ASN HA   H  N N 52  
ASN HB2  H  N N 53  
ASN HB3  H  N N 54  
ASN HD21 H  N N 55  
ASN HD22 H  N N 56  
ASN HXT  H  N N 57  
ASP N    N  N N 58  
ASP CA   C  N S 59  
ASP C    C  N N 60  
ASP O    O  N N 61  
ASP CB   C  N N 62  
ASP CG   C  N N 63  
ASP OD1  O  N N 64  
ASP OD2  O  N N 65  
ASP OXT  O  N N 66  
ASP H    H  N N 67  
ASP H2   H  N N 68  
ASP HA   H  N N 69  
ASP HB2  H  N N 70  
ASP HB3  H  N N 71  
ASP HD2  H  N N 72  
ASP HXT  H  N N 73  
CMO C    C  N N 74  
CMO O    O  N N 75  
GLN N    N  N N 76  
GLN CA   C  N S 77  
GLN C    C  N N 78  
GLN O    O  N N 79  
GLN CB   C  N N 80  
GLN CG   C  N N 81  
GLN CD   C  N N 82  
GLN OE1  O  N N 83  
GLN NE2  N  N N 84  
GLN OXT  O  N N 85  
GLN H    H  N N 86  
GLN H2   H  N N 87  
GLN HA   H  N N 88  
GLN HB2  H  N N 89  
GLN HB3  H  N N 90  
GLN HG2  H  N N 91  
GLN HG3  H  N N 92  
GLN HE21 H  N N 93  
GLN HE22 H  N N 94  
GLN HXT  H  N N 95  
GLU N    N  N N 96  
GLU CA   C  N S 97  
GLU C    C  N N 98  
GLU O    O  N N 99  
GLU CB   C  N N 100 
GLU CG   C  N N 101 
GLU CD   C  N N 102 
GLU OE1  O  N N 103 
GLU OE2  O  N N 104 
GLU OXT  O  N N 105 
GLU H    H  N N 106 
GLU H2   H  N N 107 
GLU HA   H  N N 108 
GLU HB2  H  N N 109 
GLU HB3  H  N N 110 
GLU HG2  H  N N 111 
GLU HG3  H  N N 112 
GLU HE2  H  N N 113 
GLU HXT  H  N N 114 
GLY N    N  N N 115 
GLY CA   C  N N 116 
GLY C    C  N N 117 
GLY O    O  N N 118 
GLY OXT  O  N N 119 
GLY H    H  N N 120 
GLY H2   H  N N 121 
GLY HA2  H  N N 122 
GLY HA3  H  N N 123 
GLY HXT  H  N N 124 
HEM CHA  C  N N 125 
HEM CHB  C  N N 126 
HEM CHC  C  N N 127 
HEM CHD  C  N N 128 
HEM C1A  C  Y N 129 
HEM C2A  C  Y N 130 
HEM C3A  C  Y N 131 
HEM C4A  C  Y N 132 
HEM CMA  C  N N 133 
HEM CAA  C  N N 134 
HEM CBA  C  N N 135 
HEM CGA  C  N N 136 
HEM O1A  O  N N 137 
HEM O2A  O  N N 138 
HEM C1B  C  N N 139 
HEM C2B  C  N N 140 
HEM C3B  C  N N 141 
HEM C4B  C  N N 142 
HEM CMB  C  N N 143 
HEM CAB  C  N N 144 
HEM CBB  C  N N 145 
HEM C1C  C  Y N 146 
HEM C2C  C  Y N 147 
HEM C3C  C  Y N 148 
HEM C4C  C  Y N 149 
HEM CMC  C  N N 150 
HEM CAC  C  N N 151 
HEM CBC  C  N N 152 
HEM C1D  C  N N 153 
HEM C2D  C  N N 154 
HEM C3D  C  N N 155 
HEM C4D  C  N N 156 
HEM CMD  C  N N 157 
HEM CAD  C  N N 158 
HEM CBD  C  N N 159 
HEM CGD  C  N N 160 
HEM O1D  O  N N 161 
HEM O2D  O  N N 162 
HEM NA   N  Y N 163 
HEM NB   N  N N 164 
HEM NC   N  Y N 165 
HEM ND   N  N N 166 
HEM FE   FE N N 167 
HEM HHB  H  N N 168 
HEM HHC  H  N N 169 
HEM HHD  H  N N 170 
HEM HMA  H  N N 171 
HEM HMAA H  N N 172 
HEM HMAB H  N N 173 
HEM HAA  H  N N 174 
HEM HAAA H  N N 175 
HEM HBA  H  N N 176 
HEM HBAA H  N N 177 
HEM HMB  H  N N 178 
HEM HMBA H  N N 179 
HEM HMBB H  N N 180 
HEM HAB  H  N N 181 
HEM HBB  H  N N 182 
HEM HBBA H  N N 183 
HEM HMC  H  N N 184 
HEM HMCA H  N N 185 
HEM HMCB H  N N 186 
HEM HAC  H  N N 187 
HEM HBC  H  N N 188 
HEM HBCA H  N N 189 
HEM HMD  H  N N 190 
HEM HMDA H  N N 191 
HEM HMDB H  N N 192 
HEM HAD  H  N N 193 
HEM HADA H  N N 194 
HEM HBD  H  N N 195 
HEM HBDA H  N N 196 
HEM H2A  H  N N 197 
HEM H2D  H  N N 198 
HEM HHA  H  N N 199 
HIS N    N  N N 200 
HIS CA   C  N S 201 
HIS C    C  N N 202 
HIS O    O  N N 203 
HIS CB   C  N N 204 
HIS CG   C  Y N 205 
HIS ND1  N  Y N 206 
HIS CD2  C  Y N 207 
HIS CE1  C  Y N 208 
HIS NE2  N  Y N 209 
HIS OXT  O  N N 210 
HIS H    H  N N 211 
HIS H2   H  N N 212 
HIS HA   H  N N 213 
HIS HB2  H  N N 214 
HIS HB3  H  N N 215 
HIS HD1  H  N N 216 
HIS HD2  H  N N 217 
HIS HE1  H  N N 218 
HIS HE2  H  N N 219 
HIS HXT  H  N N 220 
HOH O    O  N N 221 
HOH H1   H  N N 222 
HOH H2   H  N N 223 
ILE N    N  N N 224 
ILE CA   C  N S 225 
ILE C    C  N N 226 
ILE O    O  N N 227 
ILE CB   C  N S 228 
ILE CG1  C  N N 229 
ILE CG2  C  N N 230 
ILE CD1  C  N N 231 
ILE OXT  O  N N 232 
ILE H    H  N N 233 
ILE H2   H  N N 234 
ILE HA   H  N N 235 
ILE HB   H  N N 236 
ILE HG12 H  N N 237 
ILE HG13 H  N N 238 
ILE HG21 H  N N 239 
ILE HG22 H  N N 240 
ILE HG23 H  N N 241 
ILE HD11 H  N N 242 
ILE HD12 H  N N 243 
ILE HD13 H  N N 244 
ILE HXT  H  N N 245 
LEU N    N  N N 246 
LEU CA   C  N S 247 
LEU C    C  N N 248 
LEU O    O  N N 249 
LEU CB   C  N N 250 
LEU CG   C  N N 251 
LEU CD1  C  N N 252 
LEU CD2  C  N N 253 
LEU OXT  O  N N 254 
LEU H    H  N N 255 
LEU H2   H  N N 256 
LEU HA   H  N N 257 
LEU HB2  H  N N 258 
LEU HB3  H  N N 259 
LEU HG   H  N N 260 
LEU HD11 H  N N 261 
LEU HD12 H  N N 262 
LEU HD13 H  N N 263 
LEU HD21 H  N N 264 
LEU HD22 H  N N 265 
LEU HD23 H  N N 266 
LEU HXT  H  N N 267 
LYS N    N  N N 268 
LYS CA   C  N S 269 
LYS C    C  N N 270 
LYS O    O  N N 271 
LYS CB   C  N N 272 
LYS CG   C  N N 273 
LYS CD   C  N N 274 
LYS CE   C  N N 275 
LYS NZ   N  N N 276 
LYS OXT  O  N N 277 
LYS H    H  N N 278 
LYS H2   H  N N 279 
LYS HA   H  N N 280 
LYS HB2  H  N N 281 
LYS HB3  H  N N 282 
LYS HG2  H  N N 283 
LYS HG3  H  N N 284 
LYS HD2  H  N N 285 
LYS HD3  H  N N 286 
LYS HE2  H  N N 287 
LYS HE3  H  N N 288 
LYS HZ1  H  N N 289 
LYS HZ2  H  N N 290 
LYS HZ3  H  N N 291 
LYS HXT  H  N N 292 
MET N    N  N N 293 
MET CA   C  N S 294 
MET C    C  N N 295 
MET O    O  N N 296 
MET CB   C  N N 297 
MET CG   C  N N 298 
MET SD   S  N N 299 
MET CE   C  N N 300 
MET OXT  O  N N 301 
MET H    H  N N 302 
MET H2   H  N N 303 
MET HA   H  N N 304 
MET HB2  H  N N 305 
MET HB3  H  N N 306 
MET HG2  H  N N 307 
MET HG3  H  N N 308 
MET HE1  H  N N 309 
MET HE2  H  N N 310 
MET HE3  H  N N 311 
MET HXT  H  N N 312 
PHE N    N  N N 313 
PHE CA   C  N S 314 
PHE C    C  N N 315 
PHE O    O  N N 316 
PHE CB   C  N N 317 
PHE CG   C  Y N 318 
PHE CD1  C  Y N 319 
PHE CD2  C  Y N 320 
PHE CE1  C  Y N 321 
PHE CE2  C  Y N 322 
PHE CZ   C  Y N 323 
PHE OXT  O  N N 324 
PHE H    H  N N 325 
PHE H2   H  N N 326 
PHE HA   H  N N 327 
PHE HB2  H  N N 328 
PHE HB3  H  N N 329 
PHE HD1  H  N N 330 
PHE HD2  H  N N 331 
PHE HE1  H  N N 332 
PHE HE2  H  N N 333 
PHE HZ   H  N N 334 
PHE HXT  H  N N 335 
PRO N    N  N N 336 
PRO CA   C  N S 337 
PRO C    C  N N 338 
PRO O    O  N N 339 
PRO CB   C  N N 340 
PRO CG   C  N N 341 
PRO CD   C  N N 342 
PRO OXT  O  N N 343 
PRO H    H  N N 344 
PRO HA   H  N N 345 
PRO HB2  H  N N 346 
PRO HB3  H  N N 347 
PRO HG2  H  N N 348 
PRO HG3  H  N N 349 
PRO HD2  H  N N 350 
PRO HD3  H  N N 351 
PRO HXT  H  N N 352 
SER N    N  N N 353 
SER CA   C  N S 354 
SER C    C  N N 355 
SER O    O  N N 356 
SER CB   C  N N 357 
SER OG   O  N N 358 
SER OXT  O  N N 359 
SER H    H  N N 360 
SER H2   H  N N 361 
SER HA   H  N N 362 
SER HB2  H  N N 363 
SER HB3  H  N N 364 
SER HG   H  N N 365 
SER HXT  H  N N 366 
SO4 S    S  N N 367 
SO4 O1   O  N N 368 
SO4 O2   O  N N 369 
SO4 O3   O  N N 370 
SO4 O4   O  N N 371 
THR N    N  N N 372 
THR CA   C  N S 373 
THR C    C  N N 374 
THR O    O  N N 375 
THR CB   C  N R 376 
THR OG1  O  N N 377 
THR CG2  C  N N 378 
THR OXT  O  N N 379 
THR H    H  N N 380 
THR H2   H  N N 381 
THR HA   H  N N 382 
THR HB   H  N N 383 
THR HG1  H  N N 384 
THR HG21 H  N N 385 
THR HG22 H  N N 386 
THR HG23 H  N N 387 
THR HXT  H  N N 388 
TRP N    N  N N 389 
TRP CA   C  N S 390 
TRP C    C  N N 391 
TRP O    O  N N 392 
TRP CB   C  N N 393 
TRP CG   C  Y N 394 
TRP CD1  C  Y N 395 
TRP CD2  C  Y N 396 
TRP NE1  N  Y N 397 
TRP CE2  C  Y N 398 
TRP CE3  C  Y N 399 
TRP CZ2  C  Y N 400 
TRP CZ3  C  Y N 401 
TRP CH2  C  Y N 402 
TRP OXT  O  N N 403 
TRP H    H  N N 404 
TRP H2   H  N N 405 
TRP HA   H  N N 406 
TRP HB2  H  N N 407 
TRP HB3  H  N N 408 
TRP HD1  H  N N 409 
TRP HE1  H  N N 410 
TRP HE3  H  N N 411 
TRP HZ2  H  N N 412 
TRP HZ3  H  N N 413 
TRP HH2  H  N N 414 
TRP HXT  H  N N 415 
TYR N    N  N N 416 
TYR CA   C  N S 417 
TYR C    C  N N 418 
TYR O    O  N N 419 
TYR CB   C  N N 420 
TYR CG   C  Y N 421 
TYR CD1  C  Y N 422 
TYR CD2  C  Y N 423 
TYR CE1  C  Y N 424 
TYR CE2  C  Y N 425 
TYR CZ   C  Y N 426 
TYR OH   O  N N 427 
TYR OXT  O  N N 428 
TYR H    H  N N 429 
TYR H2   H  N N 430 
TYR HA   H  N N 431 
TYR HB2  H  N N 432 
TYR HB3  H  N N 433 
TYR HD1  H  N N 434 
TYR HD2  H  N N 435 
TYR HE1  H  N N 436 
TYR HE2  H  N N 437 
TYR HH   H  N N 438 
TYR HXT  H  N N 439 
VAL N    N  N N 440 
VAL CA   C  N S 441 
VAL C    C  N N 442 
VAL O    O  N N 443 
VAL CB   C  N N 444 
VAL CG1  C  N N 445 
VAL CG2  C  N N 446 
VAL OXT  O  N N 447 
VAL H    H  N N 448 
VAL H2   H  N N 449 
VAL HA   H  N N 450 
VAL HB   H  N N 451 
VAL HG11 H  N N 452 
VAL HG12 H  N N 453 
VAL HG13 H  N N 454 
VAL HG21 H  N N 455 
VAL HG22 H  N N 456 
VAL HG23 H  N N 457 
VAL HXT  H  N N 458 
# 
loop_
_chem_comp_bond.comp_id 
_chem_comp_bond.atom_id_1 
_chem_comp_bond.atom_id_2 
_chem_comp_bond.value_order 
_chem_comp_bond.pdbx_aromatic_flag 
_chem_comp_bond.pdbx_stereo_config 
_chem_comp_bond.pdbx_ordinal 
ALA N   CA   sing N N 1   
ALA N   H    sing N N 2   
ALA N   H2   sing N N 3   
ALA CA  C    sing N N 4   
ALA CA  CB   sing N N 5   
ALA CA  HA   sing N N 6   
ALA C   O    doub N N 7   
ALA C   OXT  sing N N 8   
ALA CB  HB1  sing N N 9   
ALA CB  HB2  sing N N 10  
ALA CB  HB3  sing N N 11  
ALA OXT HXT  sing N N 12  
ARG N   CA   sing N N 13  
ARG N   H    sing N N 14  
ARG N   H2   sing N N 15  
ARG CA  C    sing N N 16  
ARG CA  CB   sing N N 17  
ARG CA  HA   sing N N 18  
ARG C   O    doub N N 19  
ARG C   OXT  sing N N 20  
ARG CB  CG   sing N N 21  
ARG CB  HB2  sing N N 22  
ARG CB  HB3  sing N N 23  
ARG CG  CD   sing N N 24  
ARG CG  HG2  sing N N 25  
ARG CG  HG3  sing N N 26  
ARG CD  NE   sing N N 27  
ARG CD  HD2  sing N N 28  
ARG CD  HD3  sing N N 29  
ARG NE  CZ   sing N N 30  
ARG NE  HE   sing N N 31  
ARG CZ  NH1  sing N N 32  
ARG CZ  NH2  doub N N 33  
ARG NH1 HH11 sing N N 34  
ARG NH1 HH12 sing N N 35  
ARG NH2 HH21 sing N N 36  
ARG NH2 HH22 sing N N 37  
ARG OXT HXT  sing N N 38  
ASN N   CA   sing N N 39  
ASN N   H    sing N N 40  
ASN N   H2   sing N N 41  
ASN CA  C    sing N N 42  
ASN CA  CB   sing N N 43  
ASN CA  HA   sing N N 44  
ASN C   O    doub N N 45  
ASN C   OXT  sing N N 46  
ASN CB  CG   sing N N 47  
ASN CB  HB2  sing N N 48  
ASN CB  HB3  sing N N 49  
ASN CG  OD1  doub N N 50  
ASN CG  ND2  sing N N 51  
ASN ND2 HD21 sing N N 52  
ASN ND2 HD22 sing N N 53  
ASN OXT HXT  sing N N 54  
ASP N   CA   sing N N 55  
ASP N   H    sing N N 56  
ASP N   H2   sing N N 57  
ASP CA  C    sing N N 58  
ASP CA  CB   sing N N 59  
ASP CA  HA   sing N N 60  
ASP C   O    doub N N 61  
ASP C   OXT  sing N N 62  
ASP CB  CG   sing N N 63  
ASP CB  HB2  sing N N 64  
ASP CB  HB3  sing N N 65  
ASP CG  OD1  doub N N 66  
ASP CG  OD2  sing N N 67  
ASP OD2 HD2  sing N N 68  
ASP OXT HXT  sing N N 69  
CMO C   O    trip N N 70  
GLN N   CA   sing N N 71  
GLN N   H    sing N N 72  
GLN N   H2   sing N N 73  
GLN CA  C    sing N N 74  
GLN CA  CB   sing N N 75  
GLN CA  HA   sing N N 76  
GLN C   O    doub N N 77  
GLN C   OXT  sing N N 78  
GLN CB  CG   sing N N 79  
GLN CB  HB2  sing N N 80  
GLN CB  HB3  sing N N 81  
GLN CG  CD   sing N N 82  
GLN CG  HG2  sing N N 83  
GLN CG  HG3  sing N N 84  
GLN CD  OE1  doub N N 85  
GLN CD  NE2  sing N N 86  
GLN NE2 HE21 sing N N 87  
GLN NE2 HE22 sing N N 88  
GLN OXT HXT  sing N N 89  
GLU N   CA   sing N N 90  
GLU N   H    sing N N 91  
GLU N   H2   sing N N 92  
GLU CA  C    sing N N 93  
GLU CA  CB   sing N N 94  
GLU CA  HA   sing N N 95  
GLU C   O    doub N N 96  
GLU C   OXT  sing N N 97  
GLU CB  CG   sing N N 98  
GLU CB  HB2  sing N N 99  
GLU CB  HB3  sing N N 100 
GLU CG  CD   sing N N 101 
GLU CG  HG2  sing N N 102 
GLU CG  HG3  sing N N 103 
GLU CD  OE1  doub N N 104 
GLU CD  OE2  sing N N 105 
GLU OE2 HE2  sing N N 106 
GLU OXT HXT  sing N N 107 
GLY N   CA   sing N N 108 
GLY N   H    sing N N 109 
GLY N   H2   sing N N 110 
GLY CA  C    sing N N 111 
GLY CA  HA2  sing N N 112 
GLY CA  HA3  sing N N 113 
GLY C   O    doub N N 114 
GLY C   OXT  sing N N 115 
GLY OXT HXT  sing N N 116 
HEM CHA C1A  sing N N 117 
HEM CHA C4D  doub N N 118 
HEM CHA HHA  sing N N 119 
HEM CHB C4A  sing N N 120 
HEM CHB C1B  doub N N 121 
HEM CHB HHB  sing N N 122 
HEM CHC C4B  sing N N 123 
HEM CHC C1C  doub N N 124 
HEM CHC HHC  sing N N 125 
HEM CHD C4C  doub N N 126 
HEM CHD C1D  sing N N 127 
HEM CHD HHD  sing N N 128 
HEM C1A C2A  doub Y N 129 
HEM C1A NA   sing Y N 130 
HEM C2A C3A  sing Y N 131 
HEM C2A CAA  sing N N 132 
HEM C3A C4A  doub Y N 133 
HEM C3A CMA  sing N N 134 
HEM C4A NA   sing Y N 135 
HEM CMA HMA  sing N N 136 
HEM CMA HMAA sing N N 137 
HEM CMA HMAB sing N N 138 
HEM CAA CBA  sing N N 139 
HEM CAA HAA  sing N N 140 
HEM CAA HAAA sing N N 141 
HEM CBA CGA  sing N N 142 
HEM CBA HBA  sing N N 143 
HEM CBA HBAA sing N N 144 
HEM CGA O1A  doub N N 145 
HEM CGA O2A  sing N N 146 
HEM C1B C2B  sing N N 147 
HEM C1B NB   sing N N 148 
HEM C2B C3B  doub N N 149 
HEM C2B CMB  sing N N 150 
HEM C3B C4B  sing N N 151 
HEM C3B CAB  sing N N 152 
HEM C4B NB   doub N N 153 
HEM CMB HMB  sing N N 154 
HEM CMB HMBA sing N N 155 
HEM CMB HMBB sing N N 156 
HEM CAB CBB  doub N N 157 
HEM CAB HAB  sing N N 158 
HEM CBB HBB  sing N N 159 
HEM CBB HBBA sing N N 160 
HEM C1C C2C  sing Y N 161 
HEM C1C NC   sing Y N 162 
HEM C2C C3C  doub Y N 163 
HEM C2C CMC  sing N N 164 
HEM C3C C4C  sing Y N 165 
HEM C3C CAC  sing N N 166 
HEM C4C NC   sing Y N 167 
HEM CMC HMC  sing N N 168 
HEM CMC HMCA sing N N 169 
HEM CMC HMCB sing N N 170 
HEM CAC CBC  doub N N 171 
HEM CAC HAC  sing N N 172 
HEM CBC HBC  sing N N 173 
HEM CBC HBCA sing N N 174 
HEM C1D C2D  sing N N 175 
HEM C1D ND   doub N N 176 
HEM C2D C3D  doub N N 177 
HEM C2D CMD  sing N N 178 
HEM C3D C4D  sing N N 179 
HEM C3D CAD  sing N N 180 
HEM C4D ND   sing N N 181 
HEM CMD HMD  sing N N 182 
HEM CMD HMDA sing N N 183 
HEM CMD HMDB sing N N 184 
HEM CAD CBD  sing N N 185 
HEM CAD HAD  sing N N 186 
HEM CAD HADA sing N N 187 
HEM CBD CGD  sing N N 188 
HEM CBD HBD  sing N N 189 
HEM CBD HBDA sing N N 190 
HEM CGD O1D  doub N N 191 
HEM CGD O2D  sing N N 192 
HEM O2A H2A  sing N N 193 
HEM O2D H2D  sing N N 194 
HEM FE  NA   sing N N 195 
HEM FE  NB   sing N N 196 
HEM FE  NC   sing N N 197 
HEM FE  ND   sing N N 198 
HIS N   CA   sing N N 199 
HIS N   H    sing N N 200 
HIS N   H2   sing N N 201 
HIS CA  C    sing N N 202 
HIS CA  CB   sing N N 203 
HIS CA  HA   sing N N 204 
HIS C   O    doub N N 205 
HIS C   OXT  sing N N 206 
HIS CB  CG   sing N N 207 
HIS CB  HB2  sing N N 208 
HIS CB  HB3  sing N N 209 
HIS CG  ND1  sing Y N 210 
HIS CG  CD2  doub Y N 211 
HIS ND1 CE1  doub Y N 212 
HIS ND1 HD1  sing N N 213 
HIS CD2 NE2  sing Y N 214 
HIS CD2 HD2  sing N N 215 
HIS CE1 NE2  sing Y N 216 
HIS CE1 HE1  sing N N 217 
HIS NE2 HE2  sing N N 218 
HIS OXT HXT  sing N N 219 
HOH O   H1   sing N N 220 
HOH O   H2   sing N N 221 
ILE N   CA   sing N N 222 
ILE N   H    sing N N 223 
ILE N   H2   sing N N 224 
ILE CA  C    sing N N 225 
ILE CA  CB   sing N N 226 
ILE CA  HA   sing N N 227 
ILE C   O    doub N N 228 
ILE C   OXT  sing N N 229 
ILE CB  CG1  sing N N 230 
ILE CB  CG2  sing N N 231 
ILE CB  HB   sing N N 232 
ILE CG1 CD1  sing N N 233 
ILE CG1 HG12 sing N N 234 
ILE CG1 HG13 sing N N 235 
ILE CG2 HG21 sing N N 236 
ILE CG2 HG22 sing N N 237 
ILE CG2 HG23 sing N N 238 
ILE CD1 HD11 sing N N 239 
ILE CD1 HD12 sing N N 240 
ILE CD1 HD13 sing N N 241 
ILE OXT HXT  sing N N 242 
LEU N   CA   sing N N 243 
LEU N   H    sing N N 244 
LEU N   H2   sing N N 245 
LEU CA  C    sing N N 246 
LEU CA  CB   sing N N 247 
LEU CA  HA   sing N N 248 
LEU C   O    doub N N 249 
LEU C   OXT  sing N N 250 
LEU CB  CG   sing N N 251 
LEU CB  HB2  sing N N 252 
LEU CB  HB3  sing N N 253 
LEU CG  CD1  sing N N 254 
LEU CG  CD2  sing N N 255 
LEU CG  HG   sing N N 256 
LEU CD1 HD11 sing N N 257 
LEU CD1 HD12 sing N N 258 
LEU CD1 HD13 sing N N 259 
LEU CD2 HD21 sing N N 260 
LEU CD2 HD22 sing N N 261 
LEU CD2 HD23 sing N N 262 
LEU OXT HXT  sing N N 263 
LYS N   CA   sing N N 264 
LYS N   H    sing N N 265 
LYS N   H2   sing N N 266 
LYS CA  C    sing N N 267 
LYS CA  CB   sing N N 268 
LYS CA  HA   sing N N 269 
LYS C   O    doub N N 270 
LYS C   OXT  sing N N 271 
LYS CB  CG   sing N N 272 
LYS CB  HB2  sing N N 273 
LYS CB  HB3  sing N N 274 
LYS CG  CD   sing N N 275 
LYS CG  HG2  sing N N 276 
LYS CG  HG3  sing N N 277 
LYS CD  CE   sing N N 278 
LYS CD  HD2  sing N N 279 
LYS CD  HD3  sing N N 280 
LYS CE  NZ   sing N N 281 
LYS CE  HE2  sing N N 282 
LYS CE  HE3  sing N N 283 
LYS NZ  HZ1  sing N N 284 
LYS NZ  HZ2  sing N N 285 
LYS NZ  HZ3  sing N N 286 
LYS OXT HXT  sing N N 287 
MET N   CA   sing N N 288 
MET N   H    sing N N 289 
MET N   H2   sing N N 290 
MET CA  C    sing N N 291 
MET CA  CB   sing N N 292 
MET CA  HA   sing N N 293 
MET C   O    doub N N 294 
MET C   OXT  sing N N 295 
MET CB  CG   sing N N 296 
MET CB  HB2  sing N N 297 
MET CB  HB3  sing N N 298 
MET CG  SD   sing N N 299 
MET CG  HG2  sing N N 300 
MET CG  HG3  sing N N 301 
MET SD  CE   sing N N 302 
MET CE  HE1  sing N N 303 
MET CE  HE2  sing N N 304 
MET CE  HE3  sing N N 305 
MET OXT HXT  sing N N 306 
PHE N   CA   sing N N 307 
PHE N   H    sing N N 308 
PHE N   H2   sing N N 309 
PHE CA  C    sing N N 310 
PHE CA  CB   sing N N 311 
PHE CA  HA   sing N N 312 
PHE C   O    doub N N 313 
PHE C   OXT  sing N N 314 
PHE CB  CG   sing N N 315 
PHE CB  HB2  sing N N 316 
PHE CB  HB3  sing N N 317 
PHE CG  CD1  doub Y N 318 
PHE CG  CD2  sing Y N 319 
PHE CD1 CE1  sing Y N 320 
PHE CD1 HD1  sing N N 321 
PHE CD2 CE2  doub Y N 322 
PHE CD2 HD2  sing N N 323 
PHE CE1 CZ   doub Y N 324 
PHE CE1 HE1  sing N N 325 
PHE CE2 CZ   sing Y N 326 
PHE CE2 HE2  sing N N 327 
PHE CZ  HZ   sing N N 328 
PHE OXT HXT  sing N N 329 
PRO N   CA   sing N N 330 
PRO N   CD   sing N N 331 
PRO N   H    sing N N 332 
PRO CA  C    sing N N 333 
PRO CA  CB   sing N N 334 
PRO CA  HA   sing N N 335 
PRO C   O    doub N N 336 
PRO C   OXT  sing N N 337 
PRO CB  CG   sing N N 338 
PRO CB  HB2  sing N N 339 
PRO CB  HB3  sing N N 340 
PRO CG  CD   sing N N 341 
PRO CG  HG2  sing N N 342 
PRO CG  HG3  sing N N 343 
PRO CD  HD2  sing N N 344 
PRO CD  HD3  sing N N 345 
PRO OXT HXT  sing N N 346 
SER N   CA   sing N N 347 
SER N   H    sing N N 348 
SER N   H2   sing N N 349 
SER CA  C    sing N N 350 
SER CA  CB   sing N N 351 
SER CA  HA   sing N N 352 
SER C   O    doub N N 353 
SER C   OXT  sing N N 354 
SER CB  OG   sing N N 355 
SER CB  HB2  sing N N 356 
SER CB  HB3  sing N N 357 
SER OG  HG   sing N N 358 
SER OXT HXT  sing N N 359 
SO4 S   O1   doub N N 360 
SO4 S   O2   doub N N 361 
SO4 S   O3   sing N N 362 
SO4 S   O4   sing N N 363 
THR N   CA   sing N N 364 
THR N   H    sing N N 365 
THR N   H2   sing N N 366 
THR CA  C    sing N N 367 
THR CA  CB   sing N N 368 
THR CA  HA   sing N N 369 
THR C   O    doub N N 370 
THR C   OXT  sing N N 371 
THR CB  OG1  sing N N 372 
THR CB  CG2  sing N N 373 
THR CB  HB   sing N N 374 
THR OG1 HG1  sing N N 375 
THR CG2 HG21 sing N N 376 
THR CG2 HG22 sing N N 377 
THR CG2 HG23 sing N N 378 
THR OXT HXT  sing N N 379 
TRP N   CA   sing N N 380 
TRP N   H    sing N N 381 
TRP N   H2   sing N N 382 
TRP CA  C    sing N N 383 
TRP CA  CB   sing N N 384 
TRP CA  HA   sing N N 385 
TRP C   O    doub N N 386 
TRP C   OXT  sing N N 387 
TRP CB  CG   sing N N 388 
TRP CB  HB2  sing N N 389 
TRP CB  HB3  sing N N 390 
TRP CG  CD1  doub Y N 391 
TRP CG  CD2  sing Y N 392 
TRP CD1 NE1  sing Y N 393 
TRP CD1 HD1  sing N N 394 
TRP CD2 CE2  doub Y N 395 
TRP CD2 CE3  sing Y N 396 
TRP NE1 CE2  sing Y N 397 
TRP NE1 HE1  sing N N 398 
TRP CE2 CZ2  sing Y N 399 
TRP CE3 CZ3  doub Y N 400 
TRP CE3 HE3  sing N N 401 
TRP CZ2 CH2  doub Y N 402 
TRP CZ2 HZ2  sing N N 403 
TRP CZ3 CH2  sing Y N 404 
TRP CZ3 HZ3  sing N N 405 
TRP CH2 HH2  sing N N 406 
TRP OXT HXT  sing N N 407 
TYR N   CA   sing N N 408 
TYR N   H    sing N N 409 
TYR N   H2   sing N N 410 
TYR CA  C    sing N N 411 
TYR CA  CB   sing N N 412 
TYR CA  HA   sing N N 413 
TYR C   O    doub N N 414 
TYR C   OXT  sing N N 415 
TYR CB  CG   sing N N 416 
TYR CB  HB2  sing N N 417 
TYR CB  HB3  sing N N 418 
TYR CG  CD1  doub Y N 419 
TYR CG  CD2  sing Y N 420 
TYR CD1 CE1  sing Y N 421 
TYR CD1 HD1  sing N N 422 
TYR CD2 CE2  doub Y N 423 
TYR CD2 HD2  sing N N 424 
TYR CE1 CZ   doub Y N 425 
TYR CE1 HE1  sing N N 426 
TYR CE2 CZ   sing Y N 427 
TYR CE2 HE2  sing N N 428 
TYR CZ  OH   sing N N 429 
TYR OH  HH   sing N N 430 
TYR OXT HXT  sing N N 431 
VAL N   CA   sing N N 432 
VAL N   H    sing N N 433 
VAL N   H2   sing N N 434 
VAL CA  C    sing N N 435 
VAL CA  CB   sing N N 436 
VAL CA  HA   sing N N 437 
VAL C   O    doub N N 438 
VAL C   OXT  sing N N 439 
VAL CB  CG1  sing N N 440 
VAL CB  CG2  sing N N 441 
VAL CB  HB   sing N N 442 
VAL CG1 HG11 sing N N 443 
VAL CG1 HG12 sing N N 444 
VAL CG1 HG13 sing N N 445 
VAL CG2 HG21 sing N N 446 
VAL CG2 HG22 sing N N 447 
VAL CG2 HG23 sing N N 448 
VAL OXT HXT  sing N N 449 
# 
_pdbx_audit_support.funding_organization   'Max Planck Society' 
_pdbx_audit_support.country                Germany 
_pdbx_audit_support.grant_number           ? 
_pdbx_audit_support.ordinal                1 
# 
_pdbx_entity_instance_feature.ordinal        1 
_pdbx_entity_instance_feature.comp_id        HEM 
_pdbx_entity_instance_feature.asym_id        ? 
_pdbx_entity_instance_feature.seq_num        ? 
_pdbx_entity_instance_feature.auth_comp_id   HEM 
_pdbx_entity_instance_feature.auth_asym_id   ? 
_pdbx_entity_instance_feature.auth_seq_num   ? 
_pdbx_entity_instance_feature.feature_type   'SUBJECT OF INVESTIGATION' 
_pdbx_entity_instance_feature.details        ? 
# 
_space_group.name_H-M_alt     'P 1 21 1' 
_space_group.name_Hall        'P 2yb' 
_space_group.IT_number        4 
_space_group.crystal_system   monoclinic 
_space_group.id               1 
# 
_atom_sites.entry_id                    8BKN 
_atom_sites.Cartn_transf_matrix[1][1]   ? 
_atom_sites.Cartn_transf_matrix[1][2]   ? 
_atom_sites.Cartn_transf_matrix[1][3]   ? 
_atom_sites.Cartn_transf_matrix[2][1]   ? 
_atom_sites.Cartn_transf_matrix[2][2]   ? 
_atom_sites.Cartn_transf_matrix[2][3]   ? 
_atom_sites.Cartn_transf_matrix[3][1]   ? 
_atom_sites.Cartn_transf_matrix[3][2]   ? 
_atom_sites.Cartn_transf_matrix[3][3]   ? 
_atom_sites.Cartn_transf_vector[1]      ? 
_atom_sites.Cartn_transf_vector[2]      ? 
_atom_sites.Cartn_transf_vector[3]      ? 
_atom_sites.fract_transf_matrix[1][1]   -0.00231939 
_atom_sites.fract_transf_matrix[1][2]   0.01235729 
_atom_sites.fract_transf_matrix[1][3]   0.01083612 
_atom_sites.fract_transf_matrix[2][1]   0.01048939 
_atom_sites.fract_transf_matrix[2][2]   0.02325253 
_atom_sites.fract_transf_matrix[2][3]   -0.02427153 
_atom_sites.fract_transf_matrix[3][1]   -0.02796132 
_atom_sites.fract_transf_matrix[3][2]   0.00922889 
_atom_sites.fract_transf_matrix[3][3]   -0.00324257 
_atom_sites.fract_transf_vector[1]      0.255670 
_atom_sites.fract_transf_vector[2]      -0.255826 
_atom_sites.fract_transf_vector[3]      0.250720 
_atom_sites.solution_primary            ? 
_atom_sites.solution_secondary          ? 
_atom_sites.solution_hydrogens          ? 
_atom_sites.special_details             ? 
# 
loop_
_atom_type.symbol 
_atom_type.scat_dispersion_real 
_atom_type.scat_dispersion_imag 
_atom_type.scat_Cromer_Mann_a1 
_atom_type.scat_Cromer_Mann_a2 
_atom_type.scat_Cromer_Mann_a3 
_atom_type.scat_Cromer_Mann_a4 
_atom_type.scat_Cromer_Mann_b1 
_atom_type.scat_Cromer_Mann_b2 
_atom_type.scat_Cromer_Mann_b3 
_atom_type.scat_Cromer_Mann_b4 
_atom_type.scat_Cromer_Mann_c 
_atom_type.scat_source 
_atom_type.scat_dispersion_source 
C  ? ? 3.54356  2.42580 ? ? 25.62398 1.50364  ? ? 0.0 
;2-Gaussian fit: Grosse-Kunstleve RW, Sauter NK, Adams PD: Newsletter of the IUCr Commission on Crystallographic Computing 2004, 3, 22-31.
;
? 
FE ? ? 20.90327 4.99816 ? ? 2.55100  38.46870 ? ? 0.0 
;2-Gaussian fit: Grosse-Kunstleve RW, Sauter NK, Adams PD: Newsletter of the IUCr Commission on Crystallographic Computing 2004, 3, 22-31.
;
? 
N  ? ? 4.01032  2.96436 ? ? 19.97189 1.75589  ? ? 0.0 
;2-Gaussian fit: Grosse-Kunstleve RW, Sauter NK, Adams PD: Newsletter of the IUCr Commission on Crystallographic Computing 2004, 3, 22-31.
;
? 
O  ? ? 4.49882  3.47563 ? ? 15.80542 1.70748  ? ? 0.0 
;2-Gaussian fit: Grosse-Kunstleve RW, Sauter NK, Adams PD: Newsletter of the IUCr Commission on Crystallographic Computing 2004, 3, 22-31.
;
? 
S  ? ? 9.55732  6.39887 ? ? 1.23737  29.19336 ? ? 0.0 
;2-Gaussian fit: Grosse-Kunstleve RW, Sauter NK, Adams PD: Newsletter of the IUCr Commission on Crystallographic Computing 2004, 3, 22-31.
;
? 
# 
loop_
_atom_site.group_PDB 
_atom_site.id 
_atom_site.type_symbol 
_atom_site.label_atom_id 
_atom_site.label_alt_id 
_atom_site.label_comp_id 
_atom_site.label_asym_id 
_atom_site.label_entity_id 
_atom_site.label_seq_id 
_atom_site.pdbx_PDB_ins_code 
_atom_site.Cartn_x 
_atom_site.Cartn_y 
_atom_site.Cartn_z 
_atom_site.occupancy 
_atom_site.B_iso_or_equiv 
_atom_site.pdbx_formal_charge 
_atom_site.auth_seq_id 
_atom_site.auth_comp_id 
_atom_site.auth_asym_id 
_atom_site.auth_atom_id 
_atom_site.pdbx_PDB_model_num 
ATOM   1    N  N   A GLY A 1 1   ? -8.67199  -12.54741 -8.68675  1.000 39.25000 ? 1   GLY A N   1 
ATOM   2    C  CA  A GLY A 1 1   ? -10.08858 -12.63754 -8.98781  1.000 32.28000 ? 1   GLY A CA  1 
ATOM   3    C  C   A GLY A 1 1   ? -10.96690 -12.55739 -7.75430  1.000 31.17000 ? 1   GLY A C   1 
ATOM   4    O  O   A GLY A 1 1   ? -11.11298 -13.52624 -7.00475  1.000 35.93000 ? 1   GLY A O   1 
ATOM   5    N  N   A LEU A 1 2   ? -11.56072 -11.39439 -7.53651  1.000 21.81000 ? 2   LEU A N   1 
ATOM   6    C  CA  A LEU A 1 2   ? -12.44514 -11.18448 -6.40185  1.000 19.14000 ? 2   LEU A CA  1 
ATOM   7    C  C   A LEU A 1 2   ? -13.88921 -11.22974 -6.85894  1.000 17.90000 ? 2   LEU A C   1 
ATOM   8    O  O   A LEU A 1 2   ? -14.21722 -10.77287 -7.95569  1.000 20.23000 ? 2   LEU A O   1 
ATOM   9    C  CB  A LEU A 1 2   ? -12.17505 -9.83618  -5.75215  1.000 17.99000 ? 2   LEU A CB  1 
ATOM   10   C  CG  A LEU A 1 2   ? -11.00518 -9.75886  -4.78515  1.000 16.53000 ? 2   LEU A CG  1 
ATOM   11   C  CD1 A LEU A 1 2   ? -9.65348  -9.76162  -5.51363  1.000 17.60000 ? 2   LEU A CD1 1 
ATOM   12   C  CD2 A LEU A 1 2   ? -11.18431 -8.52210  -3.92290  1.000 17.26000 ? 2   LEU A CD2 1 
ATOM   13   N  N   A SER A 1 3   ? -14.74625 -11.76887 -6.00931  1.000 15.79000 ? 3   SER A N   1 
ATOM   14   C  CA  A SER A 1 3   ? -16.16600 -11.73718 -6.28352  1.000 18.11000 ? 3   SER A CA  1 
ATOM   15   C  C   A SER A 1 3   ? -16.70549 -10.34068 -6.01586  1.000 19.12000 ? 3   SER A C   1 
ATOM   16   O  O   A SER A 1 3   ? -16.03498 -9.48717  -5.42197  1.000 15.53000 ? 3   SER A O   1 
ATOM   17   C  CB  A SER A 1 3   ? -16.88085 -12.73622 -5.38364  1.000 20.61000 ? 3   SER A CB  1 
ATOM   18   O  OG  A SER A 1 3   ? -16.86252 -12.27335 -4.04155  1.000 21.03000 ? 3   SER A OG  1 
ATOM   19   N  N   A ASP A 1 4   ? -17.93783 -10.10703 -6.47257  1.000 18.81000 ? 4   ASP A N   1 
ATOM   20   C  CA  A ASP A 1 4   ? -18.60806 -8.84999  -6.16871  1.000 23.03000 ? 4   ASP A CA  1 
ATOM   21   C  C   A ASP A 1 4   ? -18.66936 -8.61269  -4.67238  1.000 18.88000 ? 4   ASP A C   1 
ATOM   22   O  O   A ASP A 1 4   ? -18.40872 -7.49876  -4.20632  1.000 17.18000 ? 4   ASP A O   1 
ATOM   23   C  CB  A ASP A 1 4   ? -20.02267 -8.87509  -6.74027  1.000 26.56000 ? 4   ASP A CB  1 
ATOM   24   C  CG  A ASP A 1 4   ? -20.03820 -8.97314  -8.24666  1.000 30.65000 ? 4   ASP A CG  1 
ATOM   25   O  OD1 A ASP A 1 4   ? -19.11612 -8.42079  -8.88867  1.000 35.16000 ? 4   ASP A OD1 1 
ATOM   26   O  OD2 A ASP A 1 4   ? -20.96825 -9.60500  -8.78535  1.000 37.78000 ? 4   ASP A OD2 1 
ATOM   27   N  N   A GLY A 1 5   ? -19.01448 -9.64612  -3.90679  1.000 19.72000 ? 5   GLY A N   1 
ATOM   28   C  CA  A GLY A 1 5   ? -19.10678 -9.48229  -2.47103  1.000 17.77000 ? 5   GLY A CA  1 
ATOM   29   C  C   A GLY A 1 5   ? -17.76469 -9.15675  -1.85332  1.000 15.91000 ? 5   GLY A C   1 
ATOM   30   O  O   A GLY A 1 5   ? -17.68056 -8.37866  -0.90326  1.000 17.55000 ? 5   GLY A O   1 
ATOM   31   N  N   A GLU A 1 6   ? -16.69594 -9.72760  -2.39821  1.000 14.70000 ? 6   GLU A N   1 
ATOM   32   C  CA  A GLU A 1 6   ? -15.37123 -9.40470  -1.88485  1.000 14.05000 ? 6   GLU A CA  1 
ATOM   33   C  C   A GLU A 1 6   ? -14.98763 -7.97653  -2.21503  1.000 12.52000 ? 6   GLU A C   1 
ATOM   34   O  O   A GLU A 1 6   ? -14.46733 -7.26349  -1.36509  1.000 12.66000 ? 6   GLU A O   1 
ATOM   35   C  CB  A GLU A 1 6   ? -14.34834 -10.38700 -2.42882  1.000 15.72000 ? 6   GLU A CB  1 
ATOM   36   C  CG  A GLU A 1 6   ? -14.52411 -11.75384 -1.79774  1.000 16.47000 ? 6   GLU A CG  1 
ATOM   37   C  CD  A GLU A 1 6   ? -13.66086 -12.80642 -2.42582  1.000 19.59000 ? 6   GLU A CD  1 
ATOM   38   O  OE1 A GLU A 1 6   ? -13.46484 -12.77616 -3.65547  1.000 19.40000 ? 6   GLU A OE1 1 
ATOM   39   O  OE2 A GLU A 1 6   ? -13.15372 -13.66185 -1.67845  1.000 21.98000 ? 6   GLU A OE2 1 
ATOM   40   N  N   A TRP A 1 7   ? -15.27566 -7.52440  -3.43250  1.000 12.78000 ? 7   TRP A N   1 
ATOM   41   C  CA  A TRP A 1 7   ? -14.99803 -6.12971  -3.73899  1.000 13.36000 ? 7   TRP A CA  1 
ATOM   42   C  C   A TRP A 1 7   ? -15.80394 -5.22191  -2.83896  1.000 14.52000 ? 7   TRP A C   1 
ATOM   43   O  O   A TRP A 1 7   ? -15.31125 -4.18655  -2.39577  1.000 13.08000 ? 7   TRP A O   1 
ATOM   44   C  CB  A TRP A 1 7   ? -15.29464 -5.82926  -5.19544  1.000 12.65000 ? 7   TRP A CB  1 
ATOM   45   C  CG  A TRP A 1 7   ? -14.23665 -6.28931  -6.08129  1.000 12.86000 ? 7   TRP A CG  1 
ATOM   46   C  CD1 A TRP A 1 7   ? -14.34930 -7.20612  -7.07067  1.000 13.46000 ? 7   TRP A CD1 1 
ATOM   47   C  CD2 A TRP A 1 7   ? -12.86976 -5.86204  -6.08223  1.000 12.40000 ? 7   TRP A CD2 1 
ATOM   48   N  NE1 A TRP A 1 7   ? -13.14685 -7.37186  -7.69773  1.000 13.93000 ? 7   TRP A NE1 1 
ATOM   49   C  CE2 A TRP A 1 7   ? -12.21193 -6.56781  -7.10367  1.000 13.96000 ? 7   TRP A CE2 1 
ATOM   50   C  CE3 A TRP A 1 7   ? -12.13890 -4.94523  -5.32616  1.000 13.43000 ? 7   TRP A CE3 1 
ATOM   51   C  CZ2 A TRP A 1 7   ? -10.86266 -6.39875  -7.37700  1.000 15.49000 ? 7   TRP A CZ2 1 
ATOM   52   C  CZ3 A TRP A 1 7   ? -10.78837 -4.77706  -5.61285  1.000 13.95000 ? 7   TRP A CZ3 1 
ATOM   53   C  CH2 A TRP A 1 7   ? -10.16676 -5.50486  -6.61304  1.000 13.74000 ? 7   TRP A CH2 1 
ATOM   54   N  N   A GLN A 1 8   ? -17.04836 -5.59984  -2.54779  1.000 13.80000 ? 8   GLN A N   1 
ATOM   55   C  CA  A GLN A 1 8   ? -17.85139 -4.79183  -1.65506  1.000 15.82000 ? 8   GLN A CA  1 
ATOM   56   C  C   A GLN A 1 8   ? -17.17899 -4.66341  -0.29994  1.000 13.89000 ? 8   GLN A C   1 
ATOM   57   O  O   A GLN A 1 8   ? -17.12451 -3.57625  0.26898   1.000 13.87000 ? 8   GLN A O   1 
ATOM   58   C  CB  A GLN A 1 8   ? -19.25144 -5.38997  -1.53477  1.000 18.60000 ? 8   GLN A CB  1 
ATOM   59   C  CG  A GLN A 1 8   ? -20.25300 -4.47997  -0.85065  1.000 25.38000 ? 8   GLN A CG  1 
ATOM   60   C  CD  A GLN A 1 8   ? -21.61851 -5.13163  -0.74202  1.000 32.09000 ? 8   GLN A CD  1 
ATOM   61   O  OE1 A GLN A 1 8   ? -22.20876 -5.52550  -1.74293  1.000 36.11000 ? 8   GLN A OE1 1 
ATOM   62   N  NE2 A GLN A 1 8   ? -22.11157 -5.27659  0.48439   1.000 36.93000 ? 8   GLN A NE2 1 
ATOM   63   N  N   A GLN A 1 9   ? -16.62459 -5.75593  0.21461   1.000 13.30000 ? 9   GLN A N   1 
ATOM   64   C  CA  A GLN A 1 9   ? -15.89571 -5.68051  1.47083   1.000 12.74000 ? 9   GLN A CA  1 
ATOM   65   C  C   A GLN A 1 9   ? -14.67537 -4.78288  1.34072   1.000 13.09000 ? 9   GLN A C   1 
ATOM   66   O  O   A GLN A 1 9   ? -14.40592 -3.95831  2.21376   1.000 13.21000 ? 9   GLN A O   1 
ATOM   67   C  CB  A GLN A 1 9   ? -15.47990 -7.07831  1.91880   1.000 17.02000 ? 9   GLN A CB  1 
ATOM   68   C  CG  A GLN A 1 9   ? -16.63535 -8.00788  2.24800   1.000 20.85000 ? 9   GLN A CG  1 
ATOM   69   C  CD  A GLN A 1 9   ? -16.97110 -8.00232  3.71563   1.000 27.00000 ? 9   GLN A CD  1 
ATOM   70   O  OE1 A GLN A 1 9   ? -16.50895 -7.14324  4.46853   1.000 30.77000 ? 9   GLN A OE1 1 
ATOM   71   N  NE2 A GLN A 1 9   ? -17.77080 -8.97526  4.14251   1.000 32.94000 ? 9   GLN A NE2 1 
ATOM   72   N  N   A VAL A 1 10  ? -13.91856 -4.93186  0.25570   1.000 11.93000 ? 10  VAL A N   1 
ATOM   73   C  CA  A VAL A 1 10  ? -12.73992 -4.09596  0.06293   1.000 11.12000 ? 10  VAL A CA  1 
ATOM   74   C  C   A VAL A 1 10  ? -13.11749 -2.63190  0.10407   1.000 10.54000 ? 10  VAL A C   1 
ATOM   75   O  O   A VAL A 1 10  ? -12.46920 -1.83233  0.78176   1.000 10.96000 ? 10  VAL A O   1 
ATOM   76   C  CB  A VAL A 1 10  ? -12.06501 -4.44623  -1.26338  1.000 11.61000 ? 10  VAL A CB  1 
ATOM   77   C  CG1 A VAL A 1 10  ? -10.99055 -3.42447  -1.60019  1.000 12.99000 ? 10  VAL A CG1 1 
ATOM   78   C  CG2 A VAL A 1 10  ? -11.49312 -5.84710  -1.21077  1.000 12.58000 ? 10  VAL A CG2 1 
ATOM   79   N  N   A LEU A 1 11  ? -14.16360 -2.26263  -0.62242  1.000 10.46000 ? 11  LEU A N   1 
ATOM   80   C  CA  A LEU A 1 11  ? -14.48926 -0.85779  -0.70408  1.000 11.73000 ? 11  LEU A CA  1 
ATOM   81   C  C   A LEU A 1 11  ? -15.13843 -0.38180  0.57536   1.000 11.51000 ? 11  LEU A C   1 
ATOM   82   O  O   A LEU A 1 11  ? -15.03509 0.79321   0.89994   1.000 13.42000 ? 11  LEU A O   1 
ATOM   83   C  CB  A LEU A 1 11  ? -15.35539 -0.59267  -1.92695  1.000 12.71000 ? 11  LEU A CB  1 
ATOM   84   C  CG  A LEU A 1 11  ? -14.60456 -0.89703  -3.22000  1.000 15.53000 ? 11  LEU A CG  1 
ATOM   85   C  CD1 A LEU A 1 11  ? -15.46554 -0.64637  -4.43708  1.000 22.40000 ? 11  LEU A CD1 1 
ATOM   86   C  CD2 A LEU A 1 11  ? -13.33668 -0.05845  -3.29764  1.000 18.62000 ? 11  LEU A CD2 1 
ATOM   87   N  N   A ASN A 1 12  ? -15.79134 -1.28024  1.30970   1.000 12.45000 ? 12  ASN A N   1 
ATOM   88   C  CA  A ASN A 1 12  ? -16.25822 -0.92823  2.63764   1.000 14.98000 ? 12  ASN A CA  1 
ATOM   89   C  C   A ASN A 1 12  ? -15.08478 -0.63688  3.56170   1.000 13.43000 ? 12  ASN A C   1 
ATOM   90   O  O   A ASN A 1 12  ? -15.07630 0.37094   4.27411   1.000 16.16000 ? 12  ASN A O   1 
ATOM   91   C  CB  A ASN A 1 12  ? -17.10131 -2.06865  3.18127   1.000 16.67000 ? 12  ASN A CB  1 
ATOM   92   C  CG  A ASN A 1 12  ? -17.73199 -1.72756  4.50196   1.000 24.74000 ? 12  ASN A CG  1 
ATOM   93   O  OD1 A ASN A 1 12  ? -17.24975 -2.13663  5.55593   1.000 29.92000 ? 12  ASN A OD1 1 
ATOM   94   N  ND2 A ASN A 1 12  ? -18.80697 -0.95977  4.45524   1.000 29.13000 ? 12  ASN A ND2 1 
ATOM   95   N  N   A VAL A 1 13  ? -14.08354 -1.50929  3.57208   1.000 11.75000 ? 13  VAL A N   1 
ATOM   96   C  CA  A VAL A 1 13  ? -12.88901 -1.24600  4.36232   1.000 15.94000 ? 13  VAL A CA  1 
ATOM   97   C  C   A VAL A 1 13  ? -12.24188 0.04311   3.91271   1.000 13.13000 ? 13  VAL A C   1 
ATOM   98   O  O   A VAL A 1 13  ? -11.73227 0.82433   4.72905   1.000 13.64000 ? 13  VAL A O   1 
ATOM   99   C  CB  A VAL A 1 13  ? -11.90192 -2.41697  4.23867   1.000 16.13000 ? 13  VAL A CB  1 
ATOM   100  C  CG1 A VAL A 1 13  ? -10.57569 -2.07067  4.89697   1.000 20.76000 ? 13  VAL A CG1 1 
ATOM   101  C  CG2 A VAL A 1 13  ? -12.47306 -3.65714  4.86665   1.000 18.14000 ? 13  VAL A CG2 1 
ATOM   102  N  N   A TRP A 1 14  ? -12.21258 0.27248   2.60446   1.000 11.88000 ? 14  TRP A N   1 
ATOM   103  C  CA  A TRP A 1 14  ? -11.53015 1.44886   2.11433   1.000 11.99000 ? 14  TRP A CA  1 
ATOM   104  C  C   A TRP A 1 14  ? -12.19183 2.71617   2.62033   1.000 12.84000 ? 14  TRP A C   1 
ATOM   105  O  O   A TRP A 1 14  ? -11.51271 3.72973   2.80985   1.000 12.04000 ? 14  TRP A O   1 
ATOM   106  C  CB  A TRP A 1 14  ? -11.45643 1.42960   0.60159   1.000 12.28000 ? 14  TRP A CB  1 
ATOM   107  C  CG  A TRP A 1 14  ? -10.41015 2.36129   0.16921   1.000 13.45000 ? 14  TRP A CG  1 
ATOM   108  C  CD1 A TRP A 1 14  ? -10.58715 3.56852   -0.43211  1.000 17.93000 ? 14  TRP A CD1 1 
ATOM   109  C  CD2 A TRP A 1 14  ? -9.00784  2.18135   0.32723   1.000 12.74000 ? 14  TRP A CD2 1 
ATOM   110  N  NE1 A TRP A 1 14  ? -9.36809  4.15958   -0.65627  1.000 16.22000 ? 14  TRP A NE1 1 
ATOM   111  C  CE2 A TRP A 1 14  ? -8.38266  3.33025   -0.19511  1.000 14.14000 ? 14  TRP A CE2 1 
ATOM   112  C  CE3 A TRP A 1 14  ? -8.21460  1.17163   0.86328   1.000 14.60000 ? 14  TRP A CE3 1 
ATOM   113  C  CZ2 A TRP A 1 14  ? -6.99825  3.48855   -0.20822  1.000 16.39000 ? 14  TRP A CZ2 1 
ATOM   114  C  CZ3 A TRP A 1 14  ? -6.81816  1.33734   0.84070   1.000 19.13000 ? 14  TRP A CZ3 1 
ATOM   115  C  CH2 A TRP A 1 14  ? -6.24152  2.49111   0.31221   1.000 16.65000 ? 14  TRP A CH2 1 
ATOM   116  N  N   A GLY A 1 15  ? -13.50629 2.68807   2.86675   1.000 11.96000 ? 15  GLY A N   1 
ATOM   117  C  CA  A GLY A 1 15  ? -14.15819 3.84321   3.46245   1.000 13.21000 ? 15  GLY A CA  1 
ATOM   118  C  C   A GLY A 1 15  ? -13.53345 4.23049   4.78675   1.000 12.19000 ? 15  GLY A C   1 
ATOM   119  O  O   A GLY A 1 15  ? -13.47985 5.40950   5.13137   1.000 13.47000 ? 15  GLY A O   1 
ATOM   120  N  N   A LYS A 1 16  ? -13.04061 3.25367   5.54946   1.000 12.27000 ? 16  LYS A N   1 
ATOM   121  C  CA  A LYS A 1 16  ? -12.34350 3.57581   6.78605   1.000 13.38000 ? 16  LYS A CA  1 
ATOM   122  C  C   A LYS A 1 16  ? -11.08601 4.36410   6.49036   1.000 11.74000 ? 16  LYS A C   1 
ATOM   123  O  O   A LYS A 1 16  ? -10.76777 5.34092   7.17492   1.000 14.23000 ? 16  LYS A O   1 
ATOM   124  C  CB  A LYS A 1 16  ? -11.96903 2.29945   7.53414   1.000 14.55000 ? 16  LYS A CB  1 
ATOM   125  C  CG  A LYS A 1 16  ? -13.13768 1.47576   7.99534   1.000 18.95000 ? 16  LYS A CG  1 
ATOM   126  C  CD  A LYS A 1 16  ? -12.66888 0.13175   8.53226   1.000 22.40000 ? 16  LYS A CD  1 
ATOM   127  C  CE  A LYS A 1 16  ? -13.59849 -0.43097  9.59340   1.000 26.60000 ? 16  LYS A CE  1 
ATOM   128  N  NZ  A LYS A 1 16  ? -15.04552 -0.23163  9.30988   1.000 27.41000 ? 16  LYS A NZ  1 
ATOM   129  N  N   A VAL A 1 17  ? -10.34781 3.95139   5.46378   1.000 11.87000 ? 17  VAL A N   1 
ATOM   130  C  CA  A VAL A 1 17  ? -9.12045  4.63934   5.09666   1.000 13.82000 ? 17  VAL A CA  1 
ATOM   131  C  C   A VAL A 1 17  ? -9.42282  6.04050   4.59358   1.000 13.24000 ? 17  VAL A C   1 
ATOM   132  O  O   A VAL A 1 17  ? -8.71163  6.99832   4.92346   1.000 13.10000 ? 17  VAL A O   1 
ATOM   133  C  CB  A VAL A 1 17  ? -8.38408  3.80743   4.03473   1.000 11.35000 ? 17  VAL A CB  1 
ATOM   134  C  CG1 A VAL A 1 17  ? -7.14301  4.53592   3.53684   1.000 14.96000 ? 17  VAL A CG1 1 
ATOM   135  C  CG2 A VAL A 1 17  ? -8.03195  2.42674   4.59634   1.000 14.73000 ? 17  VAL A CG2 1 
ATOM   136  N  N   A GLU A 1 18  ? -10.46422 6.18219   3.78167   1.000 12.69000 ? 18  GLU A N   1 
ATOM   137  C  CA  A GLU A 1 18  ? -10.75985 7.47436   3.18435   1.000 15.14000 ? 18  GLU A CA  1 
ATOM   138  C  C   A GLU A 1 18  ? -11.20218 8.48751   4.20897   1.000 13.73000 ? 18  GLU A C   1 
ATOM   139  O  O   A GLU A 1 18  ? -11.08866 9.68863   3.95365   1.000 17.53000 ? 18  GLU A O   1 
ATOM   140  C  CB  A GLU A 1 18  ? -11.83690 7.33213   2.11839   1.000 15.65000 ? 18  GLU A CB  1 
ATOM   141  C  CG  A GLU A 1 18  ? -11.36497 6.50251   0.95887   1.000 19.02000 ? 18  GLU A CG  1 
ATOM   142  C  CD  A GLU A 1 18  ? -12.06605 6.85748   -0.31694  1.000 24.00000 ? 18  GLU A CD  1 
ATOM   143  O  OE1 A GLU A 1 18  ? -13.25505 7.22808   -0.25524  1.000 32.96000 ? 18  GLU A OE1 1 
ATOM   144  O  OE2 A GLU A 1 18  ? -11.41151 6.78900   -1.36905  1.000 26.73000 ? 18  GLU A OE2 1 
ATOM   145  N  N   A ALA A 1 19  ? -11.70285 8.04007   5.35266   1.000 12.38000 ? 19  ALA A N   1 
ATOM   146  C  CA  A ALA A 1 19  ? -12.04001 8.97866   6.40934   1.000 13.96000 ? 19  ALA A CA  1 
ATOM   147  C  C   A ALA A 1 19  ? -10.79970 9.66879   6.95080   1.000 13.55000 ? 19  ALA A C   1 
ATOM   148  O  O   A ALA A 1 19  ? -10.88391 10.78238  7.46624   1.000 14.43000 ? 19  ALA A O   1 
ATOM   149  C  CB  A ALA A 1 19  ? -12.76550 8.24222   7.52718   1.000 14.80000 ? 19  ALA A CB  1 
ATOM   150  N  N   A ASP A 1 20  ? -9.64431  9.02375   6.87278   1.000 12.55000 ? 20  ASP A N   1 
ATOM   151  C  CA  A ASP A 1 20  ? -8.42818  9.64329   7.35792   1.000 12.96000 ? 20  ASP A CA  1 
ATOM   152  C  C   A ASP A 1 20  ? -7.28101  9.09657   6.51607   1.000 11.29000 ? 20  ASP A C   1 
ATOM   153  O  O   A ASP A 1 20  ? -6.48238  8.27281   6.96858   1.000 10.95000 ? 20  ASP A O   1 
ATOM   154  C  CB  A ASP A 1 20  ? -8.17860  9.35929   8.83736   1.000 13.44000 ? 20  ASP A CB  1 
ATOM   155  C  CG  A ASP A 1 20  ? -6.86436  9.94819   9.32105   1.000 13.89000 ? 20  ASP A CG  1 
ATOM   156  O  OD1 A ASP A 1 20  ? -6.31298  10.81077  8.62018   1.000 15.86000 ? 20  ASP A OD1 1 
ATOM   157  O  OD2 A ASP A 1 20  ? -6.41321  9.51036   10.38770  1.000 18.06000 ? 20  ASP A OD2 1 
ATOM   158  N  N   A ILE A 1 21  ? -7.20140  9.56618   5.28418   1.000 12.28000 ? 21  ILE A N   1 
ATOM   159  C  CA  A ILE A 1 21  ? -6.23300  9.00451   4.36091   1.000 12.41000 ? 21  ILE A CA  1 
ATOM   160  C  C   A ILE A 1 21  ? -4.81761  9.31382   4.81195   1.000 13.88000 ? 21  ILE A C   1 
ATOM   161  O  O   A ILE A 1 21  ? -3.94228  8.45299   4.74418   1.000 12.34000 ? 21  ILE A O   1 
ATOM   162  C  CB  A ILE A 1 21  ? -6.51979  9.47027   2.92491   1.000 15.98000 ? 21  ILE A CB  1 
ATOM   163  C  CG1 A ILE A 1 21  ? -5.68373  8.65536   1.94701   1.000 18.15000 ? 21  ILE A CG1 1 
ATOM   164  C  CG2 A ILE A 1 21  ? -6.22876  10.95437  2.76644   1.000 17.74000 ? 21  ILE A CG2 1 
ATOM   165  C  CD1 A ILE A 1 21  ? -6.48101  8.09299   0.78080   1.000 23.68000 ? 21  ILE A CD1 1 
ATOM   166  N  N   A ALA A 1 22  ? -4.57287  10.52397  5.30528   1.000 14.60000 ? 22  ALA A N   1 
ATOM   167  C  CA  A ALA A 1 22  ? -3.22098  10.88706  5.70786   1.000 15.75000 ? 22  ALA A CA  1 
ATOM   168  C  C   A ALA A 1 22  ? -2.78647  10.11860  6.94527   1.000 15.71000 ? 22  ALA A C   1 
ATOM   169  O  O   A ALA A 1 22  ? -1.63409  9.69072   7.03628   1.000 15.65000 ? 22  ALA A O   1 
ATOM   170  C  CB  A ALA A 1 22  ? -3.12128  12.39407  5.93983   1.000 19.46000 ? 22  ALA A CB  1 
ATOM   171  N  N   A GLY A 1 23  ? -3.68085  9.91851   7.90336   1.000 13.74000 ? 23  GLY A N   1 
ATOM   172  C  CA  A GLY A 1 23  ? -3.31134  9.17097   9.08485   1.000 13.66000 ? 23  GLY A CA  1 
ATOM   173  C  C   A GLY A 1 23  ? -3.05549  7.71832   8.75543   1.000 11.04000 ? 23  GLY A C   1 
ATOM   174  O  O   A GLY A 1 23  ? -2.09325  7.12307   9.24223   1.000 12.97000 ? 23  GLY A O   1 
ATOM   175  N  N   A HIS A 1 24  ? -3.90569  7.13115   7.91107   1.000 10.61000 ? 24  HIS A N   1 
ATOM   176  C  CA  A HIS A 1 24  ? -3.64727  5.76744   7.48371   1.000 10.61000 ? 24  HIS A CA  1 
ATOM   177  C  C   A HIS A 1 24  ? -2.37482  5.68213   6.67382   1.000 10.30000 ? 24  HIS A C   1 
ATOM   178  O  O   A HIS A 1 24  ? -1.57297  4.77710   6.89464   1.000 11.28000 ? 24  HIS A O   1 
ATOM   179  C  CB  A HIS A 1 24  ? -4.82150  5.23654   6.67945   1.000 10.38000 ? 24  HIS A CB  1 
ATOM   180  C  CG  A HIS A 1 24  ? -5.97775  4.84174   7.52352   1.000 11.24000 ? 24  HIS A CG  1 
ATOM   181  N  ND1 A HIS A 1 24  ? -6.91634  5.74733   7.95355   1.000 11.97000 ? 24  HIS A ND1 1 
ATOM   182  C  CD2 A HIS A 1 24  ? -6.36143  3.63910   8.00299   1.000 12.39000 ? 24  HIS A CD2 1 
ATOM   183  C  CE1 A HIS A 1 24  ? -7.83196  5.11335   8.66377   1.000 11.89000 ? 24  HIS A CE1 1 
ATOM   184  N  NE2 A HIS A 1 24  ? -7.50904  3.83727   8.71528   1.000 12.59000 ? 24  HIS A NE2 1 
ATOM   185  N  N   A GLY A 1 25  ? -2.16039  6.63247   5.76635   1.000 9.93000  ? 25  GLY A N   1 
ATOM   186  C  CA  A GLY A 1 25  ? -0.98823  6.58303   4.91846   1.000 13.59000 ? 25  GLY A CA  1 
ATOM   187  C  C   A GLY A 1 25  ? 0.28195   6.74100   5.71593   1.000 11.05000 ? 25  GLY A C   1 
ATOM   188  O  O   A GLY A 1 25  ? 1.26784   6.03779   5.48137   1.000 12.13000 ? 25  GLY A O   1 
ATOM   189  N  N   A GLN A 1 26  ? 0.26570   7.65751   6.67399   1.000 11.57000 ? 26  GLN A N   1 
ATOM   190  C  CA  A GLN A 1 26  ? 1.39706   7.83161   7.56328   1.000 15.71000 ? 26  GLN A CA  1 
ATOM   191  C  C   A GLN A 1 26  ? 1.70073   6.54150   8.29807   1.000 11.66000 ? 26  GLN A C   1 
ATOM   192  O  O   A GLN A 1 26  ? 2.85354   6.09032   8.31907   1.000 13.49000 ? 26  GLN A O   1 
ATOM   193  C  CB  A GLN A 1 26  ? 1.08509   8.94331   8.55731   1.000 15.39000 ? 26  GLN A CB  1 
ATOM   194  C  CG  A GLN A 1 26  ? 2.18555   9.19576   9.57070   1.000 18.90000 ? 26  GLN A CG  1 
ATOM   195  C  CD  A GLN A 1 26  ? 1.72778   10.05730  10.72629  1.000 21.55000 ? 26  GLN A CD  1 
ATOM   196  O  OE1 A GLN A 1 26  ? 0.73887   9.74213   11.39546  1.000 27.73000 ? 26  GLN A OE1 1 
ATOM   197  N  NE2 A GLN A 1 26  ? 2.44486   11.14737  10.97070  1.000 29.37000 ? 26  GLN A NE2 1 
ATOM   198  N  N   A GLU A 1 27  ? 0.68393   5.92290   8.89226   1.000 11.45000 ? 27  GLU A N   1 
ATOM   199  C  CA  A GLU A 1 27  ? 0.94729   4.74008   9.68631   1.000 12.55000 ? 27  GLU A CA  1 
ATOM   200  C  C   A GLU A 1 27  ? 1.38531   3.59606   8.80137   1.000 12.41000 ? 27  GLU A C   1 
ATOM   201  O  O   A GLU A 1 27  ? 2.20609   2.78722   9.22407   1.000 12.73000 ? 27  GLU A O   1 
ATOM   202  C  CB  A GLU A 1 27  ? -0.27421  4.36468   10.51787  1.000 13.65000 ? 27  GLU A CB  1 
ATOM   203  C  CG  A GLU A 1 27  ? -0.56911  5.42559   11.57652  1.000 15.14000 ? 27  GLU A CG  1 
ATOM   204  C  CD  A GLU A 1 27  ? -1.56339  4.98102   12.62716  1.000 28.81000 ? 27  GLU A CD  1 
ATOM   205  O  OE1 A GLU A 1 27  ? -1.64818  3.76593   12.88730  1.000 28.81000 ? 27  GLU A OE1 1 
ATOM   206  O  OE2 A GLU A 1 27  ? -2.27595  5.85486   13.17377  1.000 28.67000 ? 27  GLU A OE2 1 
ATOM   207  N  N   A VAL A 1 28  ? 0.84598   3.48971   7.58583   1.000 11.53000 ? 28  VAL A N   1 
ATOM   208  C  CA  A VAL A 1 28  ? 1.30848   2.42940   6.69157   1.000 11.20000 ? 28  VAL A CA  1 
ATOM   209  C  C   A VAL A 1 28  ? 2.79482   2.58772   6.42077   1.000 11.13000 ? 28  VAL A C   1 
ATOM   210  O  O   A VAL A 1 28  ? 3.56838   1.63342   6.51688   1.000 12.02000 ? 28  VAL A O   1 
ATOM   211  C  CB  A VAL A 1 28  ? 0.49309   2.42497   5.38762   1.000 10.46000 ? 28  VAL A CB  1 
ATOM   212  C  CG1 A VAL A 1 28  ? 1.15655   1.48889   4.36557   1.000 11.81000 ? 28  VAL A CG1 1 
ATOM   213  C  CG2 A VAL A 1 28  ? -0.90063  1.90300   5.65182   1.000 14.33000 ? 28  VAL A CG2 1 
ATOM   214  N  N   A LEU A 1 29  ? 3.21936   3.79156   6.06746   1.000 10.15000 ? 29  LEU A N   1 
ATOM   215  C  CA  A LEU A 1 29  ? 4.62325   3.99901   5.77038   1.000 12.01000 ? 29  LEU A CA  1 
ATOM   216  C  C   A LEU A 1 29  ? 5.48035   3.79992   7.00327   1.000 12.37000 ? 29  LEU A C   1 
ATOM   217  O  O   A LEU A 1 29  ? 6.54261   3.18620   6.92227   1.000 13.11000 ? 29  LEU A O   1 
ATOM   218  C  CB  A LEU A 1 29  ? 4.84274   5.37557   5.16461   1.000 13.01000 ? 29  LEU A CB  1 
ATOM   219  C  CG  A LEU A 1 29  ? 4.24283   5.51969   3.76824   1.000 12.83000 ? 29  LEU A CG  1 
ATOM   220  C  CD1 A LEU A 1 29  ? 4.45914   6.93948   3.24894   1.000 15.22000 ? 29  LEU A CD1 1 
ATOM   221  C  CD2 A LEU A 1 29  ? 4.88002   4.51550   2.86108   1.000 15.49000 ? 29  LEU A CD2 1 
ATOM   222  N  N   A ILE A 1 30  ? 5.04016   4.28661   8.15552   1.000 13.01000 ? 30  ILE A N   1 
ATOM   223  C  CA  A ILE A 1 30  ? 5.82897   4.07991   9.36177   1.000 14.06000 ? 30  ILE A CA  1 
ATOM   224  C  C   A ILE A 1 30  ? 5.95380   2.60079   9.67573   1.000 15.57000 ? 30  ILE A C   1 
ATOM   225  O  O   A ILE A 1 30  ? 7.04056   2.11720   10.01866  1.000 14.89000 ? 30  ILE A O   1 
ATOM   226  C  CB  A ILE A 1 30  ? 5.23538   4.88623   10.51747  1.000 13.43000 ? 30  ILE A CB  1 
ATOM   227  C  CG1 A ILE A 1 30  ? 5.48040   6.37075   10.27280  1.000 17.26000 ? 30  ILE A CG1 1 
ATOM   228  C  CG2 A ILE A 1 30  ? 5.85547   4.44812   11.84402  1.000 17.56000 ? 30  ILE A CG2 1 
ATOM   229  C  CD1 A ILE A 1 30  ? 4.86941   7.28575   11.30313  1.000 19.03000 ? 30  ILE A CD1 1 
ATOM   230  N  N   A ARG A 1 31  ? 4.86097   1.85268   9.54286   1.000 12.58000 ? 31  ARG A N   1 
ATOM   231  C  CA  A ARG A 1 31  ? 4.93554   0.41100   9.73893   1.000 13.80000 ? 31  ARG A CA  1 
ATOM   232  C  C   A ARG A 1 31  ? 5.91729   -0.21575  8.76198   1.000 14.19000 ? 31  ARG A C   1 
ATOM   233  O  O   A ARG A 1 31  ? 6.74441   -1.04468  9.15511   1.000 15.90000 ? 31  ARG A O   1 
ATOM   234  C  CB  A ARG A 1 31  ? 3.54022   -0.20691  9.61603   1.000 15.48000 ? 31  ARG A CB  1 
ATOM   235  C  CG  A ARG A 1 31  ? 3.51167   -1.72792  9.66253   1.000 16.20000 ? 31  ARG A CG  1 
ATOM   236  C  CD  A ARG A 1 31  ? 3.96452   -2.26490  11.00777  1.000 20.12000 ? 31  ARG A CD  1 
ATOM   237  N  NE  A ARG A 1 31  ? 3.83744   -3.71441  11.02941  1.000 20.43000 ? 31  ARG A NE  1 
ATOM   238  C  CZ  A ARG A 1 31  ? 4.09971   -4.47120  12.08606  1.000 27.69000 ? 31  ARG A CZ  1 
ATOM   239  N  NH1 A ARG A 1 31  ? 4.52233   -3.94396  13.22208  1.000 29.47000 ? 31  ARG A NH1 1 
ATOM   240  N  NH2 A ARG A 1 31  ? 3.92908   -5.78593  11.99895  1.000 28.78000 ? 31  ARG A NH2 1 
ATOM   241  N  N   A LEU A 1 32  ? 5.88882   0.20731   7.49827   1.000 12.50000 ? 32  LEU A N   1 
ATOM   242  C  CA  A LEU A 1 32  ? 6.83952   -0.31702  6.52333   1.000 11.99000 ? 32  LEU A CA  1 
ATOM   243  C  C   A LEU A 1 32  ? 8.26748   0.03039   6.91040   1.000 12.93000 ? 32  LEU A C   1 
ATOM   244  O  O   A LEU A 1 32  ? 9.16190   -0.82209  6.89369   1.000 12.09000 ? 32  LEU A O   1 
ATOM   245  C  CB  A LEU A 1 32  ? 6.50501   0.30407   5.17345   1.000 12.47000 ? 32  LEU A CB  1 
ATOM   246  C  CG  A LEU A 1 32  ? 7.44051   -0.12016  4.05717   1.000 12.41000 ? 32  LEU A CG  1 
ATOM   247  C  CD1 A LEU A 1 32  ? 7.21474   -1.57287  3.69654   1.000 15.52000 ? 32  LEU A CD1 1 
ATOM   248  C  CD2 A LEU A 1 32  ? 7.24057   0.77779   2.84645   1.000 16.09000 ? 32  LEU A CD2 1 
ATOM   249  N  N   A PHE A 1 33  ? 8.51143   1.27945   7.25643   1.000 12.95000 ? 33  PHE A N   1 
ATOM   250  C  CA  A PHE A 1 33  ? 9.88077   1.71859   7.47827   1.000 13.65000 ? 33  PHE A CA  1 
ATOM   251  C  C   A PHE A 1 33  ? 10.45224  1.13146   8.75420   1.000 17.21000 ? 33  PHE A C   1 
ATOM   252  O  O   A PHE A 1 33  ? 11.63838  0.80493   8.80602   1.000 18.98000 ? 33  PHE A O   1 
ATOM   253  C  CB  A PHE A 1 33  ? 9.93012   3.22980   7.58080   1.000 14.43000 ? 33  PHE A CB  1 
ATOM   254  C  CG  A PHE A 1 33  ? 9.64519   3.93295   6.30194   1.000 14.63000 ? 33  PHE A CG  1 
ATOM   255  C  CD1 A PHE A 1 33  ? 9.78663   3.29222   5.09497   1.000 14.56000 ? 33  PHE A CD1 1 
ATOM   256  C  CD2 A PHE A 1 33  ? 9.23348   5.24433   6.31262   1.000 15.14000 ? 33  PHE A CD2 1 
ATOM   257  C  CE1 A PHE A 1 33  ? 9.53741   3.94983   3.90832   1.000 16.58000 ? 33  PHE A CE1 1 
ATOM   258  C  CE2 A PHE A 1 33  ? 8.98543   5.90652   5.13812   1.000 15.76000 ? 33  PHE A CE2 1 
ATOM   259  C  CZ  A PHE A 1 33  ? 9.13792   5.25259   3.92618   1.000 16.95000 ? 33  PHE A CZ  1 
ATOM   260  N  N   A THR A 1 34  ? 9.64229   1.02777   9.79761   1.000 15.97000 ? 34  THR A N   1 
ATOM   261  C  CA  A THR A 1 34  ? 10.14137  0.50328   11.06309  1.000 19.42000 ? 34  THR A CA  1 
ATOM   262  C  C   A THR A 1 34  ? 10.22256  -1.01049  11.03339  1.000 19.56000 ? 34  THR A C   1 
ATOM   263  O  O   A THR A 1 34  ? 11.15208  -1.59080  11.60741  1.000 21.80000 ? 34  THR A O   1 
ATOM   264  C  CB  A THR A 1 34  ? 9.27009   0.98073   12.22474  1.000 18.00000 ? 34  THR A CB  1 
ATOM   265  O  OG1 A THR A 1 34  ? 7.91945   0.56653   12.01309  1.000 19.59000 ? 34  THR A OG1 1 
ATOM   266  C  CG2 A THR A 1 34  ? 9.31499   2.48080   12.32481  1.000 19.92000 ? 34  THR A CG2 1 
ATOM   267  N  N   A GLY A 1 35  ? 9.27918   -1.66106  10.34625  1.000 16.97000 ? 35  GLY A N   1 
ATOM   268  C  CA  A GLY A 1 35  ? 9.33036   -3.10355  10.22100  1.000 17.35000 ? 35  GLY A CA  1 
ATOM   269  C  C   A GLY A 1 35  ? 10.40647  -3.57415  9.26759   1.000 17.82000 ? 35  GLY A C   1 
ATOM   270  O  O   A GLY A 1 35  ? 10.98064  -4.64730  9.45671   1.000 20.80000 ? 35  GLY A O   1 
ATOM   271  N  N   A HIS A 1 36  ? 10.72411  -2.77392  8.25800   1.000 15.37000 ? 36  HIS A N   1 
ATOM   272  C  CA  A HIS A 1 36  ? 11.64393  -3.17847  7.19588   1.000 16.10000 ? 36  HIS A CA  1 
ATOM   273  C  C   A HIS A 1 36  ? 12.52116  -1.98871  6.86369   1.000 15.78000 ? 36  HIS A C   1 
ATOM   274  O  O   A HIS A 1 36  ? 12.32963  -1.31841  5.84616   1.000 15.05000 ? 36  HIS A O   1 
ATOM   275  C  CB  A HIS A 1 36  ? 10.86278  -3.67055  5.97197   1.000 15.41000 ? 36  HIS A CB  1 
ATOM   276  C  CG  A HIS A 1 36  ? 9.82811   -4.69047  6.30888   1.000 16.31000 ? 36  HIS A CG  1 
ATOM   277  N  ND1 A HIS A 1 36  ? 10.12768  -6.02559  6.45767   1.000 18.48000 ? 36  HIS A ND1 1 
ATOM   278  C  CD2 A HIS A 1 36  ? 8.51175   -4.56757  6.59034   1.000 19.78000 ? 36  HIS A CD2 1 
ATOM   279  C  CE1 A HIS A 1 36  ? 9.02934   -6.68568  6.77812   1.000 22.90000 ? 36  HIS A CE1 1 
ATOM   280  N  NE2 A HIS A 1 36  ? 8.03284   -5.82641  6.86311   1.000 25.07000 ? 36  HIS A NE2 1 
ATOM   281  N  N   A PRO A 1 37  ? 13.50641  -1.68775  7.71129   1.000 14.97000 ? 37  PRO A N   1 
ATOM   282  C  CA  A PRO A 1 37  ? 14.28440  -0.45147  7.53600   1.000 18.20000 ? 37  PRO A CA  1 
ATOM   283  C  C   A PRO A 1 37  ? 14.98060  -0.33611  6.20944   1.000 15.20000 ? 37  PRO A C   1 
ATOM   284  O  O   A PRO A 1 37  ? 15.30226  0.77997   5.78997   1.000 18.39000 ? 37  PRO A O   1 
ATOM   285  C  CB  A PRO A 1 37  ? 15.28626  -0.49572  8.70126   1.000 19.94000 ? 37  PRO A CB  1 
ATOM   286  C  CG  A PRO A 1 37  ? 14.62467  -1.33354  9.71042   1.000 22.54000 ? 37  PRO A CG  1 
ATOM   287  C  CD  A PRO A 1 37  ? 13.85721  -2.38209  8.95886   1.000 19.83000 ? 37  PRO A CD  1 
ATOM   288  N  N   A GLU A 1 38  ? 15.23799  -1.45462  5.52041   1.000 16.35000 ? 38  GLU A N   1 
ATOM   289  C  CA  A GLU A 1 38  ? 15.83040  -1.35810  4.19477   1.000 17.30000 ? 38  GLU A CA  1 
ATOM   290  C  C   A GLU A 1 38  ? 14.92074  -0.59437  3.24073   1.000 15.33000 ? 38  GLU A C   1 
ATOM   291  O  O   A GLU A 1 38  ? 15.40780  0.04100   2.30166   1.000 18.49000 ? 38  GLU A O   1 
ATOM   292  C  CB  A GLU A 1 38  ? 16.16393  -2.75588  3.64394   1.000 15.93000 ? 38  GLU A CB  1 
ATOM   293  C  CG  A GLU A 1 38  ? 14.95485  -3.60274  3.24581   1.000 15.79000 ? 38  GLU A CG  1 
ATOM   294  C  CD  A GLU A 1 38  ? 14.41605  -4.42089  4.38492   1.000 17.42000 ? 38  GLU A CD  1 
ATOM   295  O  OE1 A GLU A 1 38  ? 14.46188  -3.95888  5.54223   1.000 19.42000 ? 38  GLU A OE1 1 
ATOM   296  O  OE2 A GLU A 1 38  ? 13.95075  -5.53854  4.14745   1.000 17.54000 ? 38  GLU A OE2 1 
ATOM   297  N  N   A THR A 1 39  ? 13.60665  -0.60265  3.49469   1.000 15.14000 ? 39  THR A N   1 
ATOM   298  C  CA  A THR A 1 39  ? 12.69864  0.10723   2.60148   1.000 15.98000 ? 39  THR A CA  1 
ATOM   299  C  C   A THR A 1 39  ? 12.90419  1.60353   2.67598   1.000 15.54000 ? 39  THR A C   1 
ATOM   300  O  O   A THR A 1 39  ? 12.72831  2.30255   1.67821   1.000 15.79000 ? 39  THR A O   1 
ATOM   301  C  CB  A THR A 1 39  ? 11.24007  -0.24888  2.89209   1.000 13.65000 ? 39  THR A CB  1 
ATOM   302  O  OG1 A THR A 1 39  ? 10.88229  0.13721   4.22585   1.000 14.87000 ? 39  THR A OG1 1 
ATOM   303  C  CG2 A THR A 1 39  ? 10.99703  -1.74195  2.71164   1.000 15.05000 ? 39  THR A CG2 1 
ATOM   304  N  N   A LEU A 1 40  ? 13.28923  2.10664   3.84808   1.000 15.81000 ? 40  LEU A N   1 
ATOM   305  C  CA  A LEU A 1 40  ? 13.54636  3.52961   3.99067   1.000 15.70000 ? 40  LEU A CA  1 
ATOM   306  C  C   A LEU A 1 40  ? 14.63750  3.97769   3.03749   1.000 14.17000 ? 40  LEU A C   1 
ATOM   307  O  O   A LEU A 1 40  ? 14.60967  5.10002   2.52520   1.000 16.39000 ? 40  LEU A O   1 
ATOM   308  C  CB  A LEU A 1 40  ? 13.94228  3.82426   5.43489   1.000 20.94000 ? 40  LEU A CB  1 
ATOM   309  C  CG  A LEU A 1 40  ? 14.01544  5.29873   5.79395   1.000 21.96000 ? 40  LEU A CG  1 
ATOM   310  C  CD1 A LEU A 1 40  ? 12.64352  5.92190   5.67619   1.000 22.59000 ? 40  LEU A CD1 1 
ATOM   311  C  CD2 A LEU A 1 40  ? 14.54954  5.43931   7.20687   1.000 26.02000 ? 40  LEU A CD2 1 
ATOM   312  N  N   A GLU A 1 41  ? 15.60811  3.10150   2.77133   1.000 15.35000 ? 41  GLU A N   1 
ATOM   313  C  CA  A GLU A 1 41  ? 16.73488  3.47170   1.92866   1.000 19.89000 ? 41  GLU A CA  1 
ATOM   314  C  C   A GLU A 1 41  ? 16.32526  3.74690   0.49784   1.000 17.58000 ? 41  GLU A C   1 
ATOM   315  O  O   A GLU A 1 41  ? 17.10771  4.33090   -0.25689  1.000 22.10000 ? 41  GLU A O   1 
ATOM   316  C  CB  A GLU A 1 41  ? 17.80277  2.37991   1.95496   1.000 22.74000 ? 41  GLU A CB  1 
ATOM   317  C  CG  A GLU A 1 41  ? 18.42757  2.18665   3.31647   1.000 27.47000 ? 41  GLU A CG  1 
ATOM   318  C  CD  A GLU A 1 41  ? 18.97118  3.47327   3.90777   1.000 22.81000 ? 41  GLU A CD  1 
ATOM   319  O  OE1 A GLU A 1 41  ? 19.61760  4.24215   3.17127   1.000 35.13000 ? 41  GLU A OE1 1 
ATOM   320  O  OE2 A GLU A 1 41  ? 18.72112  3.73074   5.10684   1.000 33.06000 ? 41  GLU A OE2 1 
ATOM   321  N  N   A LYS A 1 42  ? 15.13118  3.31556   0.10243   1.000 14.89000 ? 42  LYS A N   1 
ATOM   322  C  CA  A LYS A 1 42  ? 14.66412  3.58481   -1.24286  1.000 15.46000 ? 42  LYS A CA  1 
ATOM   323  C  C   A LYS A 1 42  ? 14.12382  4.98707   -1.39944  1.000 15.36000 ? 42  LYS A C   1 
ATOM   324  O  O   A LYS A 1 42  ? 13.90435  5.42164   -2.52723  1.000 16.07000 ? 42  LYS A O   1 
ATOM   325  C  CB  A LYS A 1 42  ? 13.56925  2.59630   -1.64029  1.000 15.11000 ? 42  LYS A CB  1 
ATOM   326  C  CG  A LYS A 1 42  ? 14.06432  1.17774   -1.78870  1.000 15.25000 ? 42  LYS A CG  1 
ATOM   327  C  CD  A LYS A 1 42  ? 14.90932  1.02481   -3.04250  1.000 17.24000 ? 42  LYS A CD  1 
ATOM   328  C  CE  A LYS A 1 42  ? 15.43695  -0.40352  -3.16154  1.000 18.44000 ? 42  LYS A CE  1 
ATOM   329  N  NZ  A LYS A 1 42  ? 16.25641  -0.59567  -4.37981  1.000 19.79000 ? 42  LYS A NZ  1 
ATOM   330  N  N   A PHE A 1 43  ? 13.91990  5.70480   -0.30238  1.000 14.24000 ? 43  PHE A N   1 
ATOM   331  C  CA  A PHE A 1 43  ? 13.35775  7.04483   -0.33798  1.000 15.91000 ? 43  PHE A CA  1 
ATOM   332  C  C   A PHE A 1 43  ? 14.46782  8.01496   0.02229   1.000 18.48000 ? 43  PHE A C   1 
ATOM   333  O  O   A PHE A 1 43  ? 14.78823  8.19005   1.20183   1.000 20.46000 ? 43  PHE A O   1 
ATOM   334  C  CB  A PHE A 1 43  ? 12.23127  7.16462   0.67248   1.000 15.14000 ? 43  PHE A CB  1 
ATOM   335  C  CG  A PHE A 1 43  ? 11.02023  6.35482   0.35109   1.000 14.09000 ? 43  PHE A CG  1 
ATOM   336  C  CD1 A PHE A 1 43  ? 10.93390  5.04028   0.73435   1.000 16.51000 ? 43  PHE A CD1 1 
ATOM   337  C  CD2 A PHE A 1 43  ? 9.94274   6.93440   -0.29193  1.000 14.45000 ? 43  PHE A CD2 1 
ATOM   338  C  CE1 A PHE A 1 43  ? 9.80387   4.30943   0.45976   1.000 15.48000 ? 43  PHE A CE1 1 
ATOM   339  C  CE2 A PHE A 1 43  ? 8.80678   6.20387   -0.56007  1.000 14.06000 ? 43  PHE A CE2 1 
ATOM   340  C  CZ  A PHE A 1 43  ? 8.74347   4.90062   -0.18796  1.000 14.29000 ? 43  PHE A CZ  1 
ATOM   341  N  N   A ASP A 1 44  ? 15.03706  8.66135   -0.99113  1.000 22.67000 ? 44  ASP A N   1 
ATOM   342  C  CA  A ASP A 1 44  ? 15.98795  9.73153   -0.71840  1.000 25.23000 ? 44  ASP A CA  1 
ATOM   343  C  C   A ASP A 1 44  ? 15.39022  10.76980  0.21961   1.000 24.62000 ? 44  ASP A C   1 
ATOM   344  O  O   A ASP A 1 44  ? 16.08117  11.30215  1.09350   1.000 27.92000 ? 44  ASP A O   1 
ATOM   345  C  CB  A ASP A 1 44  ? 16.43608  10.38256  -2.02632  1.000 30.33000 ? 44  ASP A CB  1 
ATOM   346  C  CG  A ASP A 1 44  ? 17.33900  9.48582   -2.83612  1.000 36.14000 ? 44  ASP A CG  1 
ATOM   347  O  OD1 A ASP A 1 44  ? 18.14454  8.75627   -2.22074  1.000 35.82000 ? 44  ASP A OD1 1 
ATOM   348  O  OD2 A ASP A 1 44  ? 17.23983  9.50594   -4.07975  1.000 42.62000 ? 44  ASP A OD2 1 
ATOM   349  N  N   A LYS A 1 45  ? 14.09329  11.02834  0.09830   1.000 20.17000 ? 45  LYS A N   1 
ATOM   350  C  CA  A LYS A 1 45  ? 13.49738  12.08582  0.90172   1.000 21.41000 ? 45  LYS A CA  1 
ATOM   351  C  C   A LYS A 1 45  ? 13.09333  11.63742  2.29661   1.000 19.12000 ? 45  LYS A C   1 
ATOM   352  O  O   A LYS A 1 45  ? 12.63258  12.46934  3.08308   1.000 18.88000 ? 45  LYS A O   1 
ATOM   353  C  CB  A LYS A 1 45  ? 12.32790  12.72713  0.16784   1.000 23.12000 ? 45  LYS A CB  1 
ATOM   354  C  CG  A LYS A 1 45  ? 11.10957  11.84054  0.01053   1.000 22.87000 ? 45  LYS A CG  1 
ATOM   355  C  CD  A LYS A 1 45  ? 10.02384  12.62246  -0.71638  1.000 23.42000 ? 45  LYS A CD  1 
ATOM   356  C  CE  A LYS A 1 45  ? 8.74076   11.82257  -0.83601  1.000 25.57000 ? 45  LYS A CE  1 
ATOM   357  N  NZ  A LYS A 1 45  ? 7.73804   12.49049  -1.72621  1.000 28.75000 ? 45  LYS A NZ  1 
ATOM   358  N  N   A PHE A 1 46  ? 13.25057  10.37103  2.64412   1.000 15.65000 ? 46  PHE A N   1 
ATOM   359  C  CA  A PHE A 1 46  ? 12.95246  9.93428   3.99006   1.000 17.49000 ? 46  PHE A CA  1 
ATOM   360  C  C   A PHE A 1 46  ? 14.12139  9.27229   4.68794   1.000 20.45000 ? 46  PHE A C   1 
ATOM   361  O  O   A PHE A 1 46  ? 14.02376  9.01911   5.88727   1.000 20.06000 ? 46  PHE A O   1 
ATOM   362  C  CB  A PHE A 1 46  ? 11.75718  8.96935   4.02300   1.000 17.35000 ? 46  PHE A CB  1 
ATOM   363  C  CG  A PHE A 1 46  ? 10.48679  9.57654   3.52326   1.000 18.72000 ? 46  PHE A CG  1 
ATOM   364  C  CD1 A PHE A 1 46  ? 10.08866  10.83882  3.94393   1.000 17.96000 ? 46  PHE A CD1 1 
ATOM   365  C  CD2 A PHE A 1 46  ? 9.68956   8.88975   2.62377   1.000 17.53000 ? 46  PHE A CD2 1 
ATOM   366  C  CE1 A PHE A 1 46  ? 8.91193   11.40582  3.47229   1.000 18.63000 ? 46  PHE A CE1 1 
ATOM   367  C  CE2 A PHE A 1 46  ? 8.50923   9.45657   2.14604   1.000 20.18000 ? 46  PHE A CE2 1 
ATOM   368  C  CZ  A PHE A 1 46  ? 8.12423   10.71150  2.56970   1.000 17.97000 ? 46  PHE A CZ  1 
ATOM   369  N  N   A LYS A 1 47  ? 15.20393  8.96670   3.97518   1.000 22.09000 ? 47  LYS A N   1 
ATOM   370  C  CA  A LYS A 1 47  ? 16.32316  8.25800   4.58508   1.000 25.59000 ? 47  LYS A CA  1 
ATOM   371  C  C   A LYS A 1 47  ? 16.96393  9.04107   5.72825   1.000 25.92000 ? 47  LYS A C   1 
ATOM   372  O  O   A LYS A 1 47  ? 17.68334  8.44902   6.53679   1.000 29.95000 ? 47  LYS A O   1 
ATOM   373  C  CB  A LYS A 1 47  ? 17.35006  7.87956   3.51445   1.000 27.62000 ? 47  LYS A CB  1 
ATOM   374  C  CG  A LYS A 1 47  ? 17.94402  9.05396   2.74918   1.000 29.23000 ? 47  LYS A CG  1 
ATOM   375  C  CD  A LYS A 1 47  ? 18.86344  8.57699   1.63056   1.000 34.81000 ? 47  LYS A CD  1 
ATOM   376  C  CE  A LYS A 1 47  ? 19.68343  9.73004   1.05713   1.000 37.63000 ? 47  LYS A CE  1 
ATOM   377  N  NZ  A LYS A 1 47  ? 18.86311  10.82929  0.47038   1.000 38.75000 ? 47  LYS A NZ  1 
ATOM   378  N  N   A HIS A 1 48  ? 16.71733  10.34879  5.82128   1.000 26.61000 ? 48  HIS A N   1 
ATOM   379  C  CA  A HIS A 1 48  ? 17.22445  11.12838  6.94688   1.000 25.85000 ? 48  HIS A CA  1 
ATOM   380  C  C   A HIS A 1 48  ? 16.48174  10.80882  8.23035   1.000 27.62000 ? 48  HIS A C   1 
ATOM   381  O  O   A HIS A 1 48  ? 16.94791  11.17924  9.31183   1.000 35.33000 ? 48  HIS A O   1 
ATOM   382  C  CB  A HIS A 1 48  ? 17.05252  12.61323  6.67174   1.000 28.77000 ? 48  HIS A CB  1 
ATOM   383  C  CG  A HIS A 1 48  ? 15.62466  13.05914  6.73283   1.000 26.55000 ? 48  HIS A CG  1 
ATOM   384  N  ND1 A HIS A 1 48  ? 14.73763  12.82629  5.70715   1.000 24.52000 ? 48  HIS A ND1 1 
ATOM   385  C  CD2 A HIS A 1 48  ? 14.92367  13.69072  7.70517   1.000 26.21000 ? 48  HIS A CD2 1 
ATOM   386  C  CE1 A HIS A 1 48  ? 13.55266  13.30632  6.03646   1.000 24.33000 ? 48  HIS A CE1 1 
ATOM   387  N  NE2 A HIS A 1 48  ? 13.63959  13.83648  7.24345   1.000 25.18000 ? 48  HIS A NE2 1 
ATOM   388  N  N   A LEU A 1 49  ? 15.31764  10.17562  8.13469   1.000 24.76000 ? 49  LEU A N   1 
ATOM   389  C  CA  A LEU A 1 49  ? 14.51770  9.88430   9.31603   1.000 26.79000 ? 49  LEU A CA  1 
ATOM   390  C  C   A LEU A 1 49  ? 15.17124  8.75389   10.10114  1.000 27.47000 ? 49  LEU A C   1 
ATOM   391  O  O   A LEU A 1 49  ? 15.19670  7.60006   9.65813   1.000 31.85000 ? 49  LEU A O   1 
ATOM   392  C  CB  A LEU A 1 49  ? 13.07909  9.55988   8.92172   1.000 27.76000 ? 49  LEU A CB  1 
ATOM   393  C  CG  A LEU A 1 49  ? 12.29489  10.74679  8.34607   1.000 22.28000 ? 49  LEU A CG  1 
ATOM   394  C  CD1 A LEU A 1 49  ? 11.02974  10.28161  7.68152   1.000 22.13000 ? 49  LEU A CD1 1 
ATOM   395  C  CD2 A LEU A 1 49  ? 11.95067  11.75430  9.42219   1.000 24.39000 ? 49  LEU A CD2 1 
ATOM   396  N  N   A LYS A 1 50  ? 15.73035  9.09831   11.25737  1.000 29.38000 ? 50  LYS A N   1 
ATOM   397  C  CA  A LYS A 1 50  ? 16.45669  8.13981   12.07762  1.000 32.72000 ? 50  LYS A CA  1 
ATOM   398  C  C   A LYS A 1 50  ? 15.56971  7.44995   13.10356  1.000 32.82000 ? 50  LYS A C   1 
ATOM   399  O  O   A LYS A 1 50  ? 15.82692  6.29581   13.45674  1.000 34.83000 ? 50  LYS A O   1 
ATOM   400  C  CB  A LYS A 1 50  ? 17.60799  8.84422   12.80608  1.000 36.27000 ? 50  LYS A CB  1 
ATOM   401  C  CG  A LYS A 1 50  ? 18.73075  9.35830   11.90513  1.000 35.58000 ? 50  LYS A CG  1 
ATOM   402  C  CD  A LYS A 1 50  ? 19.74658  8.26068   11.58710  1.000 39.72000 ? 50  LYS A CD  1 
ATOM   403  C  CE  A LYS A 1 50  ? 19.45370  7.58017   10.25732  1.000 35.74000 ? 50  LYS A CE  1 
ATOM   404  N  NZ  A LYS A 1 50  ? 20.16550  6.27836   10.13453  1.000 42.80000 ? 50  LYS A NZ  1 
ATOM   405  N  N   A THR A 1 51  ? 14.53090  8.12464   13.58532  1.000 26.07000 ? 51  THR A N   1 
ATOM   406  C  CA  A THR A 1 51  ? 13.66407  7.58365   14.61462  1.000 24.69000 ? 51  THR A CA  1 
ATOM   407  C  C   A THR A 1 51  ? 12.22216  7.61317   14.14161  1.000 23.19000 ? 51  THR A C   1 
ATOM   408  O  O   A THR A 1 51  ? 11.85479  8.36719   13.23418  1.000 22.37000 ? 51  THR A O   1 
ATOM   409  C  CB  A THR A 1 51  ? 13.77048  8.40122   15.90518  1.000 22.05000 ? 51  THR A CB  1 
ATOM   410  O  OG1 A THR A 1 51  ? 13.27593  9.72688   15.66597  1.000 24.22000 ? 51  THR A OG1 1 
ATOM   411  C  CG2 A THR A 1 51  ? 15.20980  8.47988   16.37045  1.000 24.39000 ? 51  THR A CG2 1 
ATOM   412  N  N   A GLU A 1 52  ? 11.41153  6.77501   14.78139  1.000 19.46000 ? 52  GLU A N   1 
ATOM   413  C  CA  A GLU A 1 52  ? 9.97979   6.79030   14.51821  1.000 21.03000 ? 52  GLU A CA  1 
ATOM   414  C  C   A GLU A 1 52  ? 9.36000   8.12577   14.91175  1.000 22.41000 ? 52  GLU A C   1 
ATOM   415  O  O   A GLU A 1 52  ? 8.43701   8.60750   14.24756  1.000 22.12000 ? 52  GLU A O   1 
ATOM   416  C  CB  A GLU A 1 52  ? 9.30231   5.63370   15.24122  1.000 20.73000 ? 52  GLU A CB  1 
ATOM   417  C  CG  A GLU A 1 52  ? 7.82495   5.53612   14.93143  1.000 21.89000 ? 52  GLU A CG  1 
ATOM   418  C  CD  A GLU A 1 52  ? 7.18493   4.30883   15.52312  1.000 24.39000 ? 52  GLU A CD  1 
ATOM   419  O  OE1 A GLU A 1 52  ? 7.92790   3.38895   15.92621  1.000 31.67000 ? 52  GLU A OE1 1 
ATOM   420  O  OE2 A GLU A 1 52  ? 5.94414   4.26831   15.59219  1.000 34.58000 ? 52  GLU A OE2 1 
ATOM   421  N  N   A ALA A 1 53  ? 9.85091   8.74570   15.98764  1.000 21.15000 ? 53  ALA A N   1 
ATOM   422  C  CA  A ALA A 1 53  ? 9.34463   10.06711  16.33989  1.000 20.73000 ? 53  ALA A CA  1 
ATOM   423  C  C   A ALA A 1 53  ? 9.53758   11.04120  15.19201  1.000 20.87000 ? 53  ALA A C   1 
ATOM   424  O  O   A ALA A 1 53  ? 8.63256   11.81911  14.86865  1.000 22.55000 ? 53  ALA A O   1 
ATOM   425  C  CB  A ALA A 1 53  ? 10.06002  10.58993  17.58804  1.000 21.34000 ? 53  ALA A CB  1 
ATOM   426  N  N   A GLU A 1 54  ? 10.70909  11.00934  14.55508  1.000 20.55000 ? 54  GLU A N   1 
ATOM   427  C  CA  A GLU A 1 54  ? 10.93941  11.86199  13.39694  1.000 20.27000 ? 54  GLU A CA  1 
ATOM   428  C  C   A GLU A 1 54  ? 10.00060  11.50182  12.25448  1.000 19.66000 ? 54  GLU A C   1 
ATOM   429  O  O   A GLU A 1 54  ? 9.49226   12.38645  11.55489  1.000 21.03000 ? 54  GLU A O   1 
ATOM   430  C  CB  A GLU A 1 54  ? 12.39441  11.75057  12.94848  1.000 20.65000 ? 54  GLU A CB  1 
ATOM   431  C  CG  A GLU A 1 54  ? 13.36506  12.43020  13.89431  1.000 26.35000 ? 54  GLU A CG  1 
ATOM   432  C  CD  A GLU A 1 54  ? 14.79608  12.04038  13.61849  1.000 31.29000 ? 54  GLU A CD  1 
ATOM   433  O  OE1 A GLU A 1 54  ? 15.00724  11.03949  12.90465  1.000 32.66000 ? 54  GLU A OE1 1 
ATOM   434  O  OE2 A GLU A 1 54  ? 15.71190  12.72369  14.12488  1.000 36.87000 ? 54  GLU A OE2 1 
ATOM   435  N  N   A MET A 1 55  ? 9.77970   10.20921  12.03338  1.000 19.07000 ? 55  MET A N   1 
ATOM   436  C  CA  A MET A 1 55  ? 8.83323   9.79497   11.00408  1.000 19.58000 ? 55  MET A CA  1 
ATOM   437  C  C   A MET A 1 55  ? 7.44602   10.30197  11.32695  1.000 17.38000 ? 55  MET A C   1 
ATOM   438  O  O   A MET A 1 55  ? 6.74343   10.81243  10.45187  1.000 17.15000 ? 55  MET A O   1 
ATOM   439  C  CB  A MET A 1 55  ? 8.79022   8.27987   10.91797  1.000 18.57000 ? 55  MET A CB  1 
ATOM   440  C  CG  A MET A 1 55  ? 10.09949  7.64531   10.58429  1.000 18.09000 ? 55  MET A CG  1 
ATOM   441  S  SD  A MET A 1 55  ? 9.84032   5.86320   10.53341  1.000 20.21000 ? 55  MET A SD  1 
ATOM   442  C  CE  A MET A 1 55  ? 11.50779  5.24050   10.32382  1.000 22.13000 ? 55  MET A CE  1 
ATOM   443  N  N   A LYS A 1 56  ? 7.03240   10.15422  12.58212  1.000 18.61000 ? 56  LYS A N   1 
ATOM   444  C  CA  A LYS A 1 56  ? 5.70948   10.60135  12.98422  1.000 20.23000 ? 56  LYS A CA  1 
ATOM   445  C  C   A LYS A 1 56  ? 5.56518   12.10672  12.83063  1.000 19.14000 ? 56  LYS A C   1 
ATOM   446  O  O   A LYS A 1 56  ? 4.48417   12.59159  12.47834  1.000 20.06000 ? 56  LYS A O   1 
ATOM   447  C  CB  A LYS A 1 56  ? 5.45035   10.19439  14.43502  1.000 22.75000 ? 56  LYS A CB  1 
ATOM   448  C  CG  A LYS A 1 56  ? 3.98270   10.05663  14.78582  1.000 30.95000 ? 56  LYS A CG  1 
ATOM   449  C  CD  A LYS A 1 56  ? 3.46069   8.68748   14.39462  1.000 29.41000 ? 56  LYS A CD  1 
ATOM   450  C  CE  A LYS A 1 56  ? 4.01368   7.60535   15.30728  1.000 31.75000 ? 56  LYS A CE  1 
ATOM   451  N  NZ  A LYS A 1 56  ? 3.53922   6.24115   14.93123  1.000 34.17000 ? 56  LYS A NZ  1 
ATOM   452  N  N   A ALA A 1 57  ? 6.63363   12.85943  13.05892  1.000 18.06000 ? 57  ALA A N   1 
ATOM   453  C  CA  A ALA A 1 57  ? 6.57662   14.31024  12.97492  1.000 20.16000 ? 57  ALA A CA  1 
ATOM   454  C  C   A ALA A 1 57  ? 6.71917   14.81733  11.55371  1.000 20.95000 ? 57  ALA A C   1 
ATOM   455  O  O   A ALA A 1 57  ? 6.53540   16.01284  11.31541  1.000 22.42000 ? 57  ALA A O   1 
ATOM   456  C  CB  A ALA A 1 57  ? 7.66530   14.93841  13.85281  1.000 24.42000 ? 57  ALA A CB  1 
ATOM   457  N  N   A SER A 1 58  ? 7.02798   13.93878  10.60178  1.000 15.87000 ? 58  SER A N   1 
ATOM   458  C  CA  A SER A 1 58  ? 7.32314   14.35959  9.24511   1.000 16.74000 ? 58  SER A CA  1 
ATOM   459  C  C   A SER A 1 58  ? 6.03336   14.64535  8.50015   1.000 15.75000 ? 58  SER A C   1 
ATOM   460  O  O   A SER A 1 58  ? 5.24302   13.73235  8.23123   1.000 15.90000 ? 58  SER A O   1 
ATOM   461  C  CB  A SER A 1 58  ? 8.10123   13.27436  8.51849   1.000 13.82000 ? 58  SER A CB  1 
ATOM   462  O  OG  A SER A 1 58  ? 8.25208   13.67267  7.19105   1.000 16.94000 ? 58  SER A OG  1 
ATOM   463  N  N   A GLU A 1 59  ? 5.82780   15.89828  8.12901   1.000 14.86000 ? 59  GLU A N   1 
ATOM   464  C  CA  A GLU A 1 59  ? 4.64522   16.21751  7.34057   1.000 13.50000 ? 59  GLU A CA  1 
ATOM   465  C  C   A GLU A 1 59  ? 4.78505   15.70356  5.92359   1.000 14.62000 ? 59  GLU A C   1 
ATOM   466  O  O   A GLU A 1 59  ? 3.79197   15.36018  5.27861   1.000 13.17000 ? 59  GLU A O   1 
ATOM   467  C  CB  A GLU A 1 59  ? 4.38411   17.72144  7.34982   1.000 15.81000 ? 59  GLU A CB  1 
ATOM   468  C  CG  A GLU A 1 59  ? 4.14297   18.27510  8.73930   1.000 19.26000 ? 59  GLU A CG  1 
ATOM   469  C  CD  A GLU A 1 59  ? 2.95045   17.64522  9.42808   1.000 18.80000 ? 59  GLU A CD  1 
ATOM   470  O  OE1 A GLU A 1 59  ? 2.03542   17.12494  8.75761   1.000 20.92000 ? 59  GLU A OE1 1 
ATOM   471  O  OE2 A GLU A 1 59  ? 2.91220   17.69006  10.68036  1.000 27.69000 ? 59  GLU A OE2 1 
ATOM   472  N  N   A ASP A 1 60  ? 6.00484   15.64722  5.42189   1.000 12.70000 ? 60  ASP A N   1 
ATOM   473  C  CA  A ASP A 1 60  ? 6.20913   15.13141  4.08323   1.000 14.04000 ? 60  ASP A CA  1 
ATOM   474  C  C   A ASP A 1 60  ? 5.93874   13.63687  4.01575   1.000 14.29000 ? 60  ASP A C   1 
ATOM   475  O  O   A ASP A 1 60  ? 5.48386   13.13981  2.97885   1.000 12.95000 ? 60  ASP A O   1 
ATOM   476  C  CB  A ASP A 1 60  ? 7.62228   15.44879  3.60821   1.000 15.45000 ? 60  ASP A CB  1 
ATOM   477  C  CG  A ASP A 1 60  ? 7.74144   15.37271  2.14482   1.000 20.91000 ? 60  ASP A CG  1 
ATOM   478  O  OD1 A ASP A 1 60  ? 6.91327   16.01774  1.47495   1.000 19.58000 ? 60  ASP A OD1 1 
ATOM   479  O  OD2 A ASP A 1 60  ? 8.64251   14.65223  1.66992   1.000 23.30000 ? 60  ASP A OD2 1 
ATOM   480  N  N   A LEU A 1 61  ? 6.18880   12.90454  5.09200   1.000 11.46000 ? 61  LEU A N   1 
ATOM   481  C  CA  A LEU A 1 61  ? 5.85657   11.48663  5.10894   1.000 13.59000 ? 61  LEU A CA  1 
ATOM   482  C  C   A LEU A 1 61  ? 4.34982   11.29736  5.06563   1.000 13.08000 ? 61  LEU A C   1 
ATOM   483  O  O   A LEU A 1 61  ? 3.85024   10.44349  4.33056   1.000 12.44000 ? 61  LEU A O   1 
ATOM   484  C  CB  A LEU A 1 61  ? 6.48927   10.83863  6.34140   1.000 15.48000 ? 61  LEU A CB  1 
ATOM   485  C  CG  A LEU A 1 61  ? 6.38340   9.31855   6.41776   1.000 15.73000 ? 61  LEU A CG  1 
ATOM   486  C  CD1 A LEU A 1 61  ? 7.55358   8.82614   7.24963   1.000 18.46000 ? 61  LEU A CD1 1 
ATOM   487  C  CD2 A LEU A 1 61  ? 5.10100   8.85879   7.03193   1.000 24.14000 ? 61  LEU A CD2 1 
ATOM   488  N  N   A LYS A 1 62  ? 3.60565   12.08702  5.83710   1.000 12.70000 ? 62  LYS A N   1 
ATOM   489  C  CA  A LYS A 1 62  ? 2.15503   12.02737  5.76089   1.000 12.49000 ? 62  LYS A CA  1 
ATOM   490  C  C   A LYS A 1 62  ? 1.68157   12.39108  4.37421   1.000 11.33000 ? 62  LYS A C   1 
ATOM   491  O  O   A LYS A 1 62  ? 0.76738   11.76292  3.83722   1.000 11.99000 ? 62  LYS A O   1 
ATOM   492  C  CB  A LYS A 1 62  ? 1.55385   13.00214  6.76714   1.000 16.00000 ? 62  LYS A CB  1 
ATOM   493  C  CG  A LYS A 1 62  ? 1.26544   12.40889  8.11385   1.000 24.27000 ? 62  LYS A CG  1 
ATOM   494  C  CD  A LYS A 1 62  ? 0.64707   13.43307  9.05265   1.000 25.52000 ? 62  LYS A CD  1 
ATOM   495  C  CE  A LYS A 1 62  ? -0.62462  14.04817  8.51352   1.000 24.48000 ? 62  LYS A CE  1 
ATOM   496  N  NZ  A LYS A 1 62  ? -1.24076  14.88285  9.58799   1.000 25.80000 ? 62  LYS A NZ  1 
ATOM   497  N  N   A LYS A 1 63  ? 2.28539   13.40919  3.78263   1.000 10.42000 ? 63  LYS A N   1 
ATOM   498  C  CA  A LYS A 1 63  ? 1.91635   13.78622  2.43788   1.000 10.79000 ? 63  LYS A CA  1 
ATOM   499  C  C   A LYS A 1 63  ? 2.13425   12.62563  1.48547   1.000 11.74000 ? 63  LYS A C   1 
ATOM   500  O  O   A LYS A 1 63  ? 1.27053   12.31036  0.66365   1.000 10.42000 ? 63  LYS A O   1 
ATOM   501  C  CB  A LYS A 1 63  ? 2.77062   14.98031  2.04190   1.000 11.61000 ? 63  LYS A CB  1 
ATOM   502  C  CG  A LYS A 1 63  ? 2.53011   15.47549  0.64683   1.000 13.64000 ? 63  LYS A CG  1 
ATOM   503  C  CD  A LYS A 1 63  ? 3.40434   16.69280  0.40067   1.000 15.39000 ? 63  LYS A CD  1 
ATOM   504  C  CE  A LYS A 1 63  ? 3.18871   17.26848  -0.96165  1.000 18.30000 ? 63  LYS A CE  1 
ATOM   505  N  NZ  A LYS A 1 63  ? 3.94251   18.53693  -1.04693  1.000 18.98000 ? 63  LYS A NZ  1 
ATOM   506  N  N   A HIS A 1 64  ? 3.28604   11.98064  1.57568   1.000 10.42000 ? 64  HIS A N   1 
ATOM   507  C  CA  A HIS A 1 64  ? 3.51997   10.87703  0.67463   1.000 9.94000  ? 64  HIS A CA  1 
ATOM   508  C  C   A HIS A 1 64  ? 2.57768   9.72580   0.96485   1.000 10.94000 ? 64  HIS A C   1 
ATOM   509  O  O   A HIS A 1 64  ? 2.15793   9.01990   0.04480   1.000 10.72000 ? 64  HIS A O   1 
ATOM   510  C  CB  A HIS A 1 64  ? 4.95806   10.40296  0.73751   1.000 11.63000 ? 64  HIS A CB  1 
ATOM   511  C  CG  A HIS A 1 64  ? 5.29464   9.57573   -0.44484  1.000 12.91000 ? 64  HIS A CG  1 
ATOM   512  N  ND1 A HIS A 1 64  ? 5.26873   10.09198  -1.72118  1.000 16.06000 ? 64  HIS A ND1 1 
ATOM   513  C  CD2 A HIS A 1 64  ? 5.57171   8.25869   -0.57135  1.000 15.26000 ? 64  HIS A CD2 1 
ATOM   514  C  CE1 A HIS A 1 64  ? 5.55854   9.13301   -2.58283  1.000 17.80000 ? 64  HIS A CE1 1 
ATOM   515  N  NE2 A HIS A 1 64  ? 5.72992   8.01032   -1.91164  1.000 17.50000 ? 64  HIS A NE2 1 
ATOM   516  N  N   A GLY A 1 65  ? 2.25552   9.51513   2.22973   1.000 10.26000 ? 65  GLY A N   1 
ATOM   517  C  CA  A GLY A 1 65  ? 1.27150   8.50833   2.56918   1.000 10.96000 ? 65  GLY A CA  1 
ATOM   518  C  C   A GLY A 1 65  ? -0.04967  8.78157   1.88570   1.000 10.22000 ? 65  GLY A C   1 
ATOM   519  O  O   A GLY A 1 65  ? -0.73043  7.85714   1.43413   1.000 11.40000 ? 65  GLY A O   1 
ATOM   520  N  N   A THR A 1 66  ? -0.43131  10.04850  1.80295   1.000 10.29000 ? 66  THR A N   1 
ATOM   521  C  CA  A THR A 1 66  ? -1.65258  10.40621  1.10139   1.000 10.91000 ? 66  THR A CA  1 
ATOM   522  C  C   A THR A 1 66  ? -1.53462  10.07547  -0.37293  1.000 10.51000 ? 66  THR A C   1 
ATOM   523  O  O   A THR A 1 66  ? -2.47636  9.56503   -0.98604  1.000 11.09000 ? 66  THR A O   1 
ATOM   524  C  CB  A THR A 1 66  ? -1.92942  11.88503  1.28434   1.000 13.15000 ? 66  THR A CB  1 
ATOM   525  O  OG1 A THR A 1 66  ? -2.12969  12.13788  2.68039   1.000 16.45000 ? 66  THR A OG1 1 
ATOM   526  C  CG2 A THR A 1 66  ? -3.17042  12.27949  0.51952   1.000 16.31000 ? 66  THR A CG2 1 
ATOM   527  N  N   A VAL A 1 67  ? -0.38728  10.36928  -0.97088  1.000 9.58000  ? 67  VAL A N   1 
ATOM   528  C  CA  A VAL A 1 67  ? -0.17894  10.06708  -2.37590  1.000 10.61000 ? 67  VAL A CA  1 
ATOM   529  C  C   A VAL A 1 67  ? -0.30569  8.56818   -2.60743  1.000 10.09000 ? 67  VAL A C   1 
ATOM   530  O  O   A VAL A 1 67  ? -1.01319  8.10819   -3.51634  1.000 9.84000  ? 67  VAL A O   1 
ATOM   531  C  CB  A VAL A 1 67  ? 1.18488   10.61421  -2.81315  1.000 10.14000 ? 67  VAL A CB  1 
ATOM   532  C  CG1 A VAL A 1 67  ? 1.52943   10.09722  -4.19534  1.000 13.52000 ? 67  VAL A CG1 1 
ATOM   533  C  CG2 A VAL A 1 67  ? 1.15143   12.13712  -2.79468  1.000 13.08000 ? 67  VAL A CG2 1 
ATOM   534  N  N   A VAL A 1 68  ? 0.34036   7.77460   -1.75818  1.000 8.49000  ? 68  VAL A N   1 
ATOM   535  C  CA  A VAL A 1 68  ? 0.34292   6.33134   -1.94145  1.000 9.75000  ? 68  VAL A CA  1 
ATOM   536  C  C   A VAL A 1 68  ? -1.06336  5.78439   -1.82268  1.000 8.19000  ? 68  VAL A C   1 
ATOM   537  O  O   A VAL A 1 68  ? -1.52043  5.00651   -2.66244  1.000 8.93000  ? 68  VAL A O   1 
ATOM   538  C  CB  A VAL A 1 68  ? 1.28206   5.69935   -0.91230  1.000 9.12000  ? 68  VAL A CB  1 
ATOM   539  C  CG1 A VAL A 1 68  ? 1.12571   4.20005   -0.89878  1.000 12.30000 ? 68  VAL A CG1 1 
ATOM   540  C  CG2 A VAL A 1 68  ? 2.69611   6.12218   -1.20465  1.000 11.76000 ? 68  VAL A CG2 1 
ATOM   541  N  N   A LEU A 1 69  ? -1.76242  6.14999   -0.75614  1.000 9.33000  ? 69  LEU A N   1 
ATOM   542  C  CA  A LEU A 1 69  ? -3.06214  5.55363   -0.54580  1.000 9.41000  ? 69  LEU A CA  1 
ATOM   543  C  C   A LEU A 1 69  ? -4.08475  6.09478   -1.50657  1.000 10.19000 ? 69  LEU A C   1 
ATOM   544  O  O   A LEU A 1 69  ? -5.03651  5.38997   -1.83729  1.000 10.77000 ? 69  LEU A O   1 
ATOM   545  C  CB  A LEU A 1 69  ? -3.53831  5.70618   0.89750   1.000 9.96000  ? 69  LEU A CB  1 
ATOM   546  C  CG  A LEU A 1 69  ? -2.73482  4.89002   1.89615   1.000 11.03000 ? 69  LEU A CG  1 
ATOM   547  C  CD1 A LEU A 1 69  ? -3.49849  4.87001   3.20800   1.000 14.94000 ? 69  LEU A CD1 1 
ATOM   548  C  CD2 A LEU A 1 69  ? -2.48418  3.46251   1.39996   1.000 14.69000 ? 69  LEU A CD2 1 
ATOM   549  N  N   A THR A 1 70  ? -3.92488  7.33382   -1.96230  1.000 8.87000  ? 70  THR A N   1 
ATOM   550  C  CA  A THR A 1 70  ? -4.81347  7.82752   -3.00780  1.000 9.63000  ? 70  THR A CA  1 
ATOM   551  C  C   A THR A 1 70  ? -4.65604  7.00386   -4.26126  1.000 9.08000  ? 70  THR A C   1 
ATOM   552  O  O   A THR A 1 70  ? -5.63876  6.64299   -4.90837  1.000 9.55000  ? 70  THR A O   1 
ATOM   553  C  CB  A THR A 1 70  ? -4.49266  9.27879   -3.31542  1.000 11.17000 ? 70  THR A CB  1 
ATOM   554  O  OG1 A THR A 1 70  ? -4.79334  10.03895  -2.15859  1.000 12.90000 ? 70  THR A OG1 1 
ATOM   555  C  CG2 A THR A 1 70  ? -5.32957  9.77575   -4.47764  1.000 14.08000 ? 70  THR A CG2 1 
ATOM   556  N  N   A ALA A 1 71  ? -3.42689  6.70881   -4.62783  1.000 9.23000  ? 71  ALA A N   1 
ATOM   557  C  CA  A ALA A 1 71  ? -3.19097  5.89271   -5.79660  1.000 10.00000 ? 71  ALA A CA  1 
ATOM   558  C  C   A ALA A 1 71  ? -3.77426  4.50640   -5.58951  1.000 11.32000 ? 71  ALA A C   1 
ATOM   559  O  O   A ALA A 1 71  ? -4.46339  3.96904   -6.46596  1.000 10.84000 ? 71  ALA A O   1 
ATOM   560  C  CB  A ALA A 1 71  ? -1.69462  5.80620   -6.04665  1.000 10.56000 ? 71  ALA A CB  1 
ATOM   561  N  N   A LEU A 1 72  ? -3.51236  3.90552   -4.43298  1.000 8.99000  ? 72  LEU A N   1 
ATOM   562  C  CA  A LEU A 1 72  ? -4.03020  2.56557   -4.19236  1.000 9.39000  ? 72  LEU A CA  1 
ATOM   563  C  C   A LEU A 1 72  ? -5.54350  2.55505   -4.20942  1.000 9.82000  ? 72  LEU A C   1 
ATOM   564  O  O   A LEU A 1 72  ? -6.15762  1.64368   -4.76910  1.000 10.57000 ? 72  LEU A O   1 
ATOM   565  C  CB  A LEU A 1 72  ? -3.49984  2.06369   -2.85834  1.000 9.99000  ? 72  LEU A CB  1 
ATOM   566  C  CG  A LEU A 1 72  ? -3.88786  0.61505   -2.54824  1.000 11.85000 ? 72  LEU A CG  1 
ATOM   567  C  CD1 A LEU A 1 72  ? -3.39640  -0.35857  -3.60080  1.000 14.17000 ? 72  LEU A CD1 1 
ATOM   568  C  CD2 A LEU A 1 72  ? -3.35676  0.21296   -1.19227  1.000 13.35000 ? 72  LEU A CD2 1 
ATOM   569  N  N   A GLY A 1 73  ? -6.15720  3.55135   -3.59125  1.000 9.69000  ? 73  GLY A N   1 
ATOM   570  C  CA  A GLY A 1 73  ? -7.60284  3.61553   -3.57714  1.000 11.36000 ? 73  GLY A CA  1 
ATOM   571  C  C   A GLY A 1 73  ? -8.17834  3.73592   -4.96829  1.000 13.05000 ? 73  GLY A C   1 
ATOM   572  O  O   A GLY A 1 73  ? -9.19019  3.11820   -5.28217  1.000 12.75000 ? 73  GLY A O   1 
ATOM   573  N  N   A GLY A 1 74  ? -7.53751  4.52825   -5.81821  1.000 13.26000 ? 74  GLY A N   1 
ATOM   574  C  CA  A GLY A 1 74  ? -7.99865  4.63378   -7.18722  1.000 14.36000 ? 74  GLY A CA  1 
ATOM   575  C  C   A GLY A 1 74  ? -7.94044  3.30033   -7.89407  1.000 13.87000 ? 74  GLY A C   1 
ATOM   576  O  O   A GLY A 1 74  ? -8.83713  2.95096   -8.66562  1.000 16.17000 ? 74  GLY A O   1 
ATOM   577  N  N   A ILE A 1 75  ? -6.90191  2.52273   -7.61571  1.000 11.36000 ? 75  ILE A N   1 
ATOM   578  C  CA  A ILE A 1 75  ? -6.77184  1.20186   -8.19386  1.000 11.59000 ? 75  ILE A CA  1 
ATOM   579  C  C   A ILE A 1 75  ? -7.84215  0.28159   -7.64052  1.000 10.68000 ? 75  ILE A C   1 
ATOM   580  O  O   A ILE A 1 75  ? -8.54292  -0.40319  -8.39775  1.000 11.87000 ? 75  ILE A O   1 
ATOM   581  C  CB  A ILE A 1 75  ? -5.34956  0.68529   -7.94206  1.000 13.86000 ? 75  ILE A CB  1 
ATOM   582  C  CG1 A ILE A 1 75  ? -4.39528  1.43973   -8.87125  1.000 18.09000 ? 75  ILE A CG1 1 
ATOM   583  C  CG2 A ILE A 1 75  ? -5.26642  -0.80824  -8.12272  1.000 15.81000 ? 75  ILE A CG2 1 
ATOM   584  C  CD1 A ILE A 1 75  ? -2.94740  1.33053   -8.49376  1.000 19.63000 ? 75  ILE A CD1 1 
ATOM   585  N  N   A LEU A 1 76  ? -8.02529  0.28855   -6.32467  1.000 10.93000 ? 76  LEU A N   1 
ATOM   586  C  CA  A LEU A 1 76  ? -8.98884  -0.62596  -5.72546  1.000 12.09000 ? 76  LEU A CA  1 
ATOM   587  C  C   A LEU A 1 76  ? -10.39137 -0.33866  -6.22464  1.000 11.40000 ? 76  LEU A C   1 
ATOM   588  O  O   A LEU A 1 76  ? -11.18179 -1.26078  -6.44575  1.000 12.45000 ? 76  LEU A O   1 
ATOM   589  C  CB  A LEU A 1 76  ? -8.93685  -0.50816  -4.20327  1.000 12.39000 ? 76  LEU A CB  1 
ATOM   590  C  CG  A LEU A 1 76  ? -7.68340  -1.06027  -3.53768  1.000 14.24000 ? 76  LEU A CG  1 
ATOM   591  C  CD1 A LEU A 1 76  ? -7.73106  -0.84005  -2.04311  1.000 16.70000 ? 76  LEU A CD1 1 
ATOM   592  C  CD2 A LEU A 1 76  ? -7.51083  -2.53472  -3.86884  1.000 16.35000 ? 76  LEU A CD2 1 
ATOM   593  N  N   A LYS A 1 77  ? -10.71437 0.92664   -6.44319  1.000 10.90000 ? 77  LYS A N   1 
ATOM   594  C  CA  A LYS A 1 77  ? -12.05215 1.25705   -6.88468  1.000 13.44000 ? 77  LYS A CA  1 
ATOM   595  C  C   A LYS A 1 77  ? -12.32576 0.78620   -8.29543  1.000 14.62000 ? 77  LYS A C   1 
ATOM   596  O  O   A LYS A 1 77  ? -13.48902 0.75281   -8.70102  1.000 15.27000 ? 77  LYS A O   1 
ATOM   597  C  CB  A LYS A 1 77  ? -12.28174 2.74578   -6.74291  1.000 14.38000 ? 77  LYS A CB  1 
ATOM   598  C  CG  A LYS A 1 77  ? -12.32919 3.16187   -5.29562  1.000 16.12000 ? 77  LYS A CG  1 
ATOM   599  C  CD  A LYS A 1 77  ? -12.48791 4.64568   -5.13953  1.000 20.17000 ? 77  LYS A CD  1 
ATOM   600  C  CE  A LYS A 1 77  ? -12.47568 4.98813   -3.66737  1.000 24.32000 ? 77  LYS A CE  1 
ATOM   601  N  NZ  A LYS A 1 77  ? -13.12391 6.28876   -3.41088  1.000 29.72000 ? 77  LYS A NZ  1 
ATOM   602  N  N   A LYS A 1 78  ? -11.30421 0.37893   -9.02750  1.000 11.12000 ? 78  LYS A N   1 
ATOM   603  C  CA  A LYS A 1 78  ? -11.50911 -0.22066  -10.33748 1.000 11.81000 ? 78  LYS A CA  1 
ATOM   604  C  C   A LYS A 1 78  ? -11.92309 -1.67040  -10.25436 1.000 13.15000 ? 78  LYS A C   1 
ATOM   605  O  O   A LYS A 1 78  ? -12.24572 -2.26070  -11.29007 1.000 14.89000 ? 78  LYS A O   1 
ATOM   606  C  CB  A LYS A 1 78  ? -10.24115 -0.11628  -11.18084 1.000 12.81000 ? 78  LYS A CB  1 
ATOM   607  C  CG  A LYS A 1 78  ? -9.76355  1.31037   -11.41237 1.000 16.43000 ? 78  LYS A CG  1 
ATOM   608  C  CD  A LYS A 1 78  ? -10.78477 2.17447   -12.13278 1.000 20.98000 ? 78  LYS A CD  1 
ATOM   609  C  CE  A LYS A 1 78  ? -11.11638 1.63265   -13.51037 1.000 25.76000 ? 78  LYS A CE  1 
ATOM   610  N  NZ  A LYS A 1 78  ? -9.94923  1.61010   -14.43040 1.000 26.40000 ? 78  LYS A NZ  1 
ATOM   611  N  N   A LYS A 1 79  ? -11.88717 -2.27289  -9.07228  1.000 11.70000 ? 79  LYS A N   1 
ATOM   612  C  CA  A LYS A 1 79  ? -12.33967 -3.64724  -8.89005  1.000 11.82000 ? 79  LYS A CA  1 
ATOM   613  C  C   A LYS A 1 79  ? -11.65976 -4.57670  -9.87980  1.000 14.69000 ? 79  LYS A C   1 
ATOM   614  O  O   A LYS A 1 79  ? -12.29904 -5.40957  -10.52892 1.000 14.57000 ? 79  LYS A O   1 
ATOM   615  C  CB  A LYS A 1 79  ? -13.86224 -3.75459  -8.97486  1.000 14.40000 ? 79  LYS A CB  1 
ATOM   616  C  CG  A LYS A 1 79  ? -14.58610 -2.96614  -7.87953  1.000 13.41000 ? 79  LYS A CG  1 
ATOM   617  C  CD  A LYS A 1 79  ? -16.07285 -2.86116  -8.15310  1.000 18.23000 ? 79  LYS A CD  1 
ATOM   618  C  CE  A LYS A 1 79  ? -16.75395 -4.21559  -8.27255  1.000 22.75000 ? 79  LYS A CE  1 
ATOM   619  N  NZ  A LYS A 1 79  ? -18.21461 -4.03155  -8.60998  1.000 20.33000 ? 79  LYS A NZ  1 
ATOM   620  N  N   A GLY A 1 80  ? -10.35048 -4.41555  -9.99519  1.000 12.71000 ? 80  GLY A N   1 
ATOM   621  C  CA  A GLY A 1 80  ? -9.54616  -5.28194  -10.81852 1.000 13.55000 ? 80  GLY A CA  1 
ATOM   622  C  C   A GLY A 1 80  ? -9.34861  -4.82039  -12.24073 1.000 13.46000 ? 80  GLY A C   1 
ATOM   623  O  O   A GLY A 1 80  ? -8.48927  -5.37104  -12.93220 1.000 16.05000 ? 80  GLY A O   1 
ATOM   624  N  N   A HIS A 1 81  ? -10.13174 -3.86521  -12.70861 1.000 13.27000 ? 81  HIS A N   1 
ATOM   625  C  CA  A HIS A 1 81  ? -9.96505  -3.32954  -14.05574 1.000 14.70000 ? 81  HIS A CA  1 
ATOM   626  C  C   A HIS A 1 81  ? -9.05608  -2.11062  -14.02131 1.000 12.67000 ? 81  HIS A C   1 
ATOM   627  O  O   A HIS A 1 81  ? -9.45204  -1.00369  -14.31721 1.000 14.86000 ? 81  HIS A O   1 
ATOM   628  C  CB  A HIS A 1 81  ? -11.32018 -2.99775  -14.65429 1.000 18.27000 ? 81  HIS A CB  1 
ATOM   629  C  CG  A HIS A 1 81  ? -12.21421 -4.18631  -14.74021 1.000 21.67000 ? 81  HIS A CG  1 
ATOM   630  N  ND1 A HIS A 1 81  ? -12.05768 -5.16291  -15.69956 1.000 31.83000 ? 81  HIS A ND1 1 
ATOM   631  C  CD2 A HIS A 1 81  ? -13.25168 -4.57992  -13.96698 1.000 25.09000 ? 81  HIS A CD2 1 
ATOM   632  C  CE1 A HIS A 1 81  ? -12.97099 -6.09957  -15.52348 1.000 27.28000 ? 81  HIS A CE1 1 
ATOM   633  N  NE2 A HIS A 1 81  ? -13.71172 -5.76668  -14.48307 1.000 28.63000 ? 81  HIS A NE2 1 
ATOM   634  N  N   A HIS A 1 82  ? -7.81770  -2.35816  -13.60141 1.000 14.12000 ? 82  HIS A N   1 
ATOM   635  C  CA  A HIS A 1 82  ? -6.90650  -1.28926  -13.20925 1.000 13.27000 ? 82  HIS A CA  1 
ATOM   636  C  C   A HIS A 1 82  ? -5.65298  -1.25649  -14.06798 1.000 13.49000 ? 82  HIS A C   1 
ATOM   637  O  O   A HIS A 1 82  ? -4.63925  -0.71550  -13.63240 1.000 14.49000 ? 82  HIS A O   1 
ATOM   638  C  CB  A HIS A 1 82  ? -6.52323  -1.46129  -11.74175 1.000 13.67000 ? 82  HIS A CB  1 
ATOM   639  C  CG  A HIS A 1 82  ? -5.99762  -2.82691  -11.42730 1.000 12.52000 ? 82  HIS A CG  1 
ATOM   640  N  ND1 A HIS A 1 82  ? -6.37258  -3.52581  -10.30190 1.000 14.20000 ? 82  HIS A ND1 1 
ATOM   641  C  CD2 A HIS A 1 82  ? -5.12350  -3.61815  -12.09045 1.000 15.28000 ? 82  HIS A CD2 1 
ATOM   642  C  CE1 A HIS A 1 82  ? -5.76017  -4.69422  -10.29341 1.000 12.94000 ? 82  HIS A CE1 1 
ATOM   643  N  NE2 A HIS A 1 82  ? -4.98951  -4.77290  -11.36169 1.000 13.16000 ? 82  HIS A NE2 1 
ATOM   644  N  N   A GLU A 1 83  ? -5.68897  -1.84603  -15.26197 1.000 15.37000 ? 83  GLU A N   1 
ATOM   645  C  CA  A GLU A 1 83  ? -4.47920  -1.90702  -16.07421 1.000 16.08000 ? 83  GLU A CA  1 
ATOM   646  C  C   A GLU A 1 83  ? -3.89932  -0.51601  -16.31163 1.000 17.18000 ? 83  GLU A C   1 
ATOM   647  O  O   A GLU A 1 83  ? -2.68569  -0.30478  -16.17232 1.000 18.44000 ? 83  GLU A O   1 
ATOM   648  C  CB  A GLU A 1 83  ? -4.76934  -2.61377  -17.40183 1.000 19.31000 ? 83  GLU A CB  1 
ATOM   649  C  CG  A GLU A 1 83  ? -3.68004  -2.45335  -18.45441 1.000 26.24000 ? 83  GLU A CG  1 
ATOM   650  C  CD  A GLU A 1 83  ? -2.44638  -3.30720  -18.19379 1.000 35.20000 ? 83  GLU A CD  1 
ATOM   651  O  OE1 A GLU A 1 83  ? -2.51445  -4.22251  -17.34328 1.000 38.29000 ? 83  GLU A OE1 1 
ATOM   652  O  OE2 A GLU A 1 83  ? -1.40248  -3.06553  -18.84288 1.000 37.62000 ? 83  GLU A OE2 1 
ATOM   653  N  N   A ALA A 1 84  ? -4.74599  0.44994   -16.64868 1.000 15.77000 ? 84  ALA A N   1 
ATOM   654  C  CA  A ALA A 1 84  ? -4.24339  1.78433   -16.95635 1.000 15.89000 ? 84  ALA A CA  1 
ATOM   655  C  C   A ALA A 1 84  ? -3.68474  2.47266   -15.72181 1.000 16.76000 ? 84  ALA A C   1 
ATOM   656  O  O   A ALA A 1 84  ? -2.69740  3.21352   -15.80541 1.000 17.13000 ? 84  ALA A O   1 
ATOM   657  C  CB  A ALA A 1 84  ? -5.35786  2.63004   -17.57364 1.000 20.24000 ? 84  ALA A CB  1 
ATOM   658  N  N   A GLU A 1 85  ? -4.30351  2.24832   -14.56920 1.000 14.93000 ? 85  GLU A N   1 
ATOM   659  C  CA  A GLU A 1 85  ? -3.85556  2.85285   -13.32207 1.000 16.41000 ? 85  GLU A CA  1 
ATOM   660  C  C   A GLU A 1 85  ? -2.61176  2.16684   -12.79909 1.000 16.95000 ? 85  GLU A C   1 
ATOM   661  O  O   A GLU A 1 85  ? -1.73305  2.82015   -12.23156 1.000 16.43000 ? 85  GLU A O   1 
ATOM   662  C  CB  A GLU A 1 85  ? -4.97341  2.77198   -12.28105 1.000 16.00000 ? 85  GLU A CB  1 
ATOM   663  C  CG  A GLU A 1 85  ? -6.18697  3.61923   -12.57848 1.000 20.33000 ? 85  GLU A CG  1 
ATOM   664  C  CD  A GLU A 1 85  ? -7.11933  3.01654   -13.60812 1.000 21.46000 ? 85  GLU A CD  1 
ATOM   665  O  OE1 A GLU A 1 85  ? -6.95935  1.83549   -13.96396 1.000 16.74000 ? 85  GLU A OE1 1 
ATOM   666  O  OE2 A GLU A 1 85  ? -8.04007  3.73440   -14.05818 1.000 27.04000 ? 85  GLU A OE2 1 
ATOM   667  N  N   A LEU A 1 86  ? -2.50334  0.86592   -13.01495 1.000 14.03000 ? 86  LEU A N   1 
ATOM   668  C  CA  A LEU A 1 86  ? -1.41405  0.10190   -12.42312 1.000 14.90000 ? 86  LEU A CA  1 
ATOM   669  C  C   A LEU A 1 86  ? -0.14115  0.21754   -13.24050 1.000 15.57000 ? 86  LEU A C   1 
ATOM   670  O  O   A LEU A 1 86  ? 0.94907   0.29174   -12.67359 1.000 16.29000 ? 86  LEU A O   1 
ATOM   671  C  CB  A LEU A 1 86  ? -1.85802  -1.35318  -12.28844 1.000 18.49000 ? 86  LEU A CB  1 
ATOM   672  C  CG  A LEU A 1 86  ? -0.96322  -2.29335  -11.49824 1.000 18.99000 ? 86  LEU A CG  1 
ATOM   673  C  CD1 A LEU A 1 86  ? -1.82106  -3.14027  -10.57680 1.000 20.69000 ? 86  LEU A CD1 1 
ATOM   674  C  CD2 A LEU A 1 86  ? -0.17978  -3.16751  -12.44684 1.000 22.79000 ? 86  LEU A CD2 1 
ATOM   675  N  N   A LYS A 1 87  ? -0.26454  0.24955   -14.57025 1.000 17.23000 ? 87  LYS A N   1 
ATOM   676  C  CA  A LYS A 1 87  ? 0.86290   0.31010   -15.49602 1.000 17.88000 ? 87  LYS A CA  1 
ATOM   677  C  C   A LYS A 1 87  ? 1.90184   1.35817   -15.11358 1.000 15.30000 ? 87  LYS A C   1 
ATOM   678  O  O   A LYS A 1 87  ? 3.06743   0.98207   -14.92519 1.000 18.03000 ? 87  LYS A O   1 
ATOM   679  C  CB  A LYS A 1 87  ? 0.39738   0.52421   -16.93844 1.000 24.78000 ? 87  LYS A CB  1 
ATOM   680  C  CG  A LYS A 1 87  ? 1.54545   0.58159   -17.93232 1.000 27.39000 ? 87  LYS A CG  1 
ATOM   681  C  CD  A LYS A 1 87  ? 1.03536   0.73248   -19.35303 1.000 33.06000 ? 87  LYS A CD  1 
ATOM   682  C  CE  A LYS A 1 87  ? 1.96433   0.04508   -20.33980 1.000 33.33000 ? 87  LYS A CE  1 
ATOM   683  N  NZ  A LYS A 1 87  ? 1.45523   0.21659   -21.72871 1.000 38.47000 ? 87  LYS A NZ  1 
ATOM   684  N  N   A PRO A 1 88  ? 1.54970   2.64292   -14.97066 1.000 18.13000 ? 88  PRO A N   1 
ATOM   685  C  CA  A PRO A 1 88  ? 2.57902   3.63344   -14.64171 1.000 17.14000 ? 88  PRO A CA  1 
ATOM   686  C  C   A PRO A 1 88  ? 3.21608   3.37703   -13.30060 1.000 14.17000 ? 88  PRO A C   1 
ATOM   687  O  O   A PRO A 1 88  ? 4.40209   3.66224   -13.13281 1.000 14.15000 ? 88  PRO A O   1 
ATOM   688  C  CB  A PRO A 1 88  ? 1.80520   4.96030   -14.64359 1.000 20.74000 ? 88  PRO A CB  1 
ATOM   689  C  CG  A PRO A 1 88  ? 0.45151   4.56100   -14.24747 1.000 20.48000 ? 88  PRO A CG  1 
ATOM   690  C  CD  A PRO A 1 88  ? 0.21421   3.28499   -14.95592 1.000 17.54000 ? 88  PRO A CD  1 
ATOM   691  N  N   A LEU A 1 89  ? 2.45681   2.85854   -12.33091 1.000 13.29000 ? 89  LEU A N   1 
ATOM   692  C  CA  A LEU A 1 89  ? 3.04091   2.60816   -11.01852 1.000 13.81000 ? 89  LEU A CA  1 
ATOM   693  C  C   A LEU A 1 89  ? 4.00604   1.44458   -11.07783 1.000 10.86000 ? 89  LEU A C   1 
ATOM   694  O  O   A LEU A 1 89  ? 5.09334   1.50865   -10.51465 1.000 10.80000 ? 89  LEU A O   1 
ATOM   695  C  CB  A LEU A 1 89  ? 1.93922   2.34522   -9.99553  1.000 17.79000 ? 89  LEU A CB  1 
ATOM   696  C  CG  A LEU A 1 89  ? 1.13002   3.58709   -9.63279  1.000 19.17000 ? 89  LEU A CG  1 
ATOM   697  C  CD1 A LEU A 1 89  ? 0.11416   3.25519   -8.57784  1.000 21.95000 ? 89  LEU A CD1 1 
ATOM   698  C  CD2 A LEU A 1 89  ? 2.05301   4.66471   -9.12562  1.000 21.29000 ? 89  LEU A CD2 1 
ATOM   699  N  N   A ALA A 1 90  ? 3.61064   0.36402   -11.74860 1.000 10.82000 ? 90  ALA A N   1 
ATOM   700  C  CA  A ALA A 1 90  ? 4.54688   -0.72476  -11.94893 1.000 11.79000 ? 90  ALA A CA  1 
ATOM   701  C  C   A ALA A 1 90  ? 5.78637   -0.21929  -12.65682 1.000 12.25000 ? 90  ALA A C   1 
ATOM   702  O  O   A ALA A 1 90  ? 6.90917   -0.54291  -12.26981 1.000 13.37000 ? 90  ALA A O   1 
ATOM   703  C  CB  A ALA A 1 90  ? 3.86487   -1.84154  -12.73619 1.000 14.95000 ? 90  ALA A CB  1 
ATOM   704  N  N   A GLN A 1 91  ? 5.61309   0.62285   -13.67158 1.000 11.98000 ? 91  GLN A N   1 
ATOM   705  C  CA  A GLN A 1 91  ? 6.77688   1.07200   -14.41681 1.000 13.82000 ? 91  GLN A CA  1 
ATOM   706  C  C   A GLN A 1 91  ? 7.64531   1.99492   -13.57803 1.000 12.47000 ? 91  GLN A C   1 
ATOM   707  O  O   A GLN A 1 91  ? 8.86638   1.83361   -13.53998 1.000 13.41000 ? 91  GLN A O   1 
ATOM   708  C  CB  A GLN A 1 91  ? 6.35057   1.69152   -15.74693 1.000 19.87000 ? 91  GLN A CB  1 
ATOM   709  C  CG  A GLN A 1 91  ? 5.73088   0.62905   -16.66123 1.000 26.79000 ? 91  GLN A CG  1 
ATOM   710  C  CD  A GLN A 1 91  ? 5.53406   1.08012   -18.09273 1.000 32.13000 ? 91  GLN A CD  1 
ATOM   711  O  OE1 A GLN A 1 91  ? 4.75756   1.99573   -18.36499 1.000 33.32000 ? 91  GLN A OE1 1 
ATOM   712  N  NE2 A GLN A 1 91  ? 6.22060   0.41740   -19.01992 1.000 35.37000 ? 91  GLN A NE2 1 
ATOM   713  N  N   A SER A 1 92  ? 7.04612   2.92306   -12.84046 1.000 10.83000 ? 92  SER A N   1 
ATOM   714  C  CA  A SER A 1 92  ? 7.89212   3.81066   -12.06407 1.000 10.64000 ? 92  SER A CA  1 
ATOM   715  C  C   A SER A 1 92  ? 8.56690   3.06617   -10.93923 1.000 11.59000 ? 92  SER A C   1 
ATOM   716  O  O   A SER A 1 92  ? 9.72563   3.32493   -10.63884 1.000 11.29000 ? 92  SER A O   1 
ATOM   717  C  CB  A SER A 1 92  ? 7.09752   4.99685   -11.53801 1.000 12.65000 ? 92  SER A CB  1 
ATOM   718  O  OG  A SER A 1 92  ? 6.17833   4.58913   -10.54584 1.000 12.91000 ? 92  SER A OG  1 
ATOM   719  N  N   A HIS A 1 93  ? 7.86416   2.12543   -10.32498 1.000 9.69000  ? 93  HIS A N   1 
ATOM   720  C  CA  A HIS A 1 93  ? 8.46557   1.43844   -9.19852  1.000 9.88000  ? 93  HIS A CA  1 
ATOM   721  C  C   A HIS A 1 93  ? 9.53051   0.45946   -9.62975  1.000 10.74000 ? 93  HIS A C   1 
ATOM   722  O  O   A HIS A 1 93  ? 10.49691  0.25606   -8.89485  1.000 12.28000 ? 93  HIS A O   1 
ATOM   723  C  CB  A HIS A 1 93  ? 7.38891   0.82627   -8.31649  1.000 8.87000  ? 93  HIS A CB  1 
ATOM   724  C  CG  A HIS A 1 93  ? 6.70521   1.86156   -7.49537  1.000 8.99000  ? 93  HIS A CG  1 
ATOM   725  N  ND1 A HIS A 1 93  ? 5.98342   2.89670   -8.05453  1.000 10.00000 ? 93  HIS A ND1 1 
ATOM   726  C  CD2 A HIS A 1 93  ? 6.70482   2.08512   -6.16142  1.000 8.00000  ? 93  HIS A CD2 1 
ATOM   727  C  CE1 A HIS A 1 93  ? 5.54392   3.69134   -7.09150  1.000 9.63000  ? 93  HIS A CE1 1 
ATOM   728  N  NE2 A HIS A 1 93  ? 5.94494   3.20483   -5.93212  1.000 8.59000  ? 93  HIS A NE2 1 
ATOM   729  N  N   A ALA A 1 94  ? 9.39948   -0.11922  -10.81379 1.000 9.98000  ? 94  ALA A N   1 
ATOM   730  C  CA  A ALA A 1 94  ? 10.45602  -0.99080  -11.30533 1.000 11.31000 ? 94  ALA A CA  1 
ATOM   731  C  C   A ALA A 1 94  ? 11.63335  -0.19723  -11.85402 1.000 13.05000 ? 94  ALA A C   1 
ATOM   732  O  O   A ALA A 1 94  ? 12.78975  -0.51816  -11.55725 1.000 18.43000 ? 94  ALA A O   1 
ATOM   733  C  CB  A ALA A 1 94  ? 9.89983   -1.90102  -12.38869 1.000 11.88000 ? 94  ALA A CB  1 
ATOM   734  N  N   A THR A 1 95  ? 11.37364  0.81939   -12.65918 1.000 13.38000 ? 95  THR A N   1 
ATOM   735  C  CA  A THR A 1 95  ? 12.42625  1.41200   -13.47169 1.000 15.10000 ? 95  THR A CA  1 
ATOM   736  C  C   A THR A 1 95  ? 13.05830  2.61101   -12.81439 1.000 17.37000 ? 95  THR A C   1 
ATOM   737  O  O   A THR A 1 95  ? 14.26342  2.83549   -12.97507 1.000 22.63000 ? 95  THR A O   1 
ATOM   738  C  CB  A THR A 1 95  ? 11.87980  1.81506   -14.84787 1.000 17.05000 ? 95  THR A CB  1 
ATOM   739  O  OG1 A THR A 1 95  ? 10.95086  2.90223   -14.72425 1.000 21.89000 ? 95  THR A OG1 1 
ATOM   740  C  CG2 A THR A 1 95  ? 11.20262  0.61479   -15.52152 1.000 20.08000 ? 95  THR A CG2 1 
ATOM   741  N  N   A LYS A 1 96  ? 12.27886  3.38990   -12.08010 1.000 15.11000 ? 96  LYS A N   1 
ATOM   742  C  CA  A LYS A 1 96  ? 12.82294  4.57429   -11.44581 1.000 16.37000 ? 96  LYS A CA  1 
ATOM   743  C  C   A LYS A 1 96  ? 13.14617  4.33052   -9.98449  1.000 15.91000 ? 96  LYS A C   1 
ATOM   744  O  O   A LYS A 1 96  ? 14.27253  4.55986   -9.54348  1.000 19.52000 ? 96  LYS A O   1 
ATOM   745  C  CB  A LYS A 1 96  ? 11.87323  5.76828   -11.59731 1.000 18.52000 ? 96  LYS A CB  1 
ATOM   746  C  CG  A LYS A 1 96  ? 12.45739  7.04309   -11.00560 1.000 25.43000 ? 96  LYS A CG  1 
ATOM   747  C  CD  A LYS A 1 96  ? 11.80311  8.28467   -11.56848 1.000 28.94000 ? 96  LYS A CD  1 
ATOM   748  C  CE  A LYS A 1 96  ? 12.71901  9.47751   -11.38486 1.000 28.89000 ? 96  LYS A CE  1 
ATOM   749  N  NZ  A LYS A 1 96  ? 13.33543  9.48207   -10.02751 1.000 33.85000 ? 96  LYS A NZ  1 
ATOM   750  N  N   A HIS A 1 97  ? 12.19657  3.80643   -9.22574  1.000 13.41000 ? 97  HIS A N   1 
ATOM   751  C  CA  A HIS A 1 97  ? 12.40125  3.65725   -7.79758  1.000 12.33000 ? 97  HIS A CA  1 
ATOM   752  C  C   A HIS A 1 97  ? 13.10407  2.37186   -7.43993  1.000 14.17000 ? 97  HIS A C   1 
ATOM   753  O  O   A HIS A 1 97  ? 13.70528  2.30007   -6.36976  1.000 14.87000 ? 97  HIS A O   1 
ATOM   754  C  CB  A HIS A 1 97  ? 11.05802  3.73933   -7.08084  1.000 12.29000 ? 97  HIS A CB  1 
ATOM   755  C  CG  A HIS A 1 97  ? 10.26038  4.92631   -7.47654  1.000 12.33000 ? 97  HIS A CG  1 
ATOM   756  N  ND1 A HIS A 1 97  ? 10.82467  6.17010   -7.65140  1.000 14.36000 ? 97  HIS A ND1 1 
ATOM   757  C  CD2 A HIS A 1 97  ? 8.95084   5.04906   -7.78417  1.000 12.68000 ? 97  HIS A CD2 1 
ATOM   758  C  CE1 A HIS A 1 97  ? 9.88272   7.01555   -8.03046  1.000 14.15000 ? 97  HIS A CE1 1 
ATOM   759  N  NE2 A HIS A 1 97  ? 8.73943   6.35895   -8.11633  1.000 13.05000 ? 97  HIS A NE2 1 
ATOM   760  N  N   A LYS A 1 98  ? 13.04591  1.37920   -8.32030  1.000 12.29000 ? 98  LYS A N   1 
ATOM   761  C  CA  A LYS A 1 98  ? 13.73519  0.10571   -8.15006  1.000 13.04000 ? 98  LYS A CA  1 
ATOM   762  C  C   A LYS A 1 98  ? 13.27066  -0.59872  -6.88007  1.000 13.69000 ? 98  LYS A C   1 
ATOM   763  O  O   A LYS A 1 98  ? 14.04986  -0.95646  -6.00256  1.000 13.83000 ? 98  LYS A O   1 
ATOM   764  C  CB  A LYS A 1 98  ? 15.25777  0.25785   -8.22108  1.000 15.55000 ? 98  LYS A CB  1 
ATOM   765  C  CG  A LYS A 1 98  ? 15.74479  0.66144   -9.59112  1.000 23.71000 ? 98  LYS A CG  1 
ATOM   766  C  CD  A LYS A 1 98  ? 17.25912  0.83729   -9.59656  1.000 28.00000 ? 98  LYS A CD  1 
ATOM   767  C  CE  A LYS A 1 98  ? 17.81659  0.73480   -11.00465 1.000 35.11000 ? 98  LYS A CE  1 
ATOM   768  N  NZ  A LYS A 1 98  ? 17.05683  1.63686   -11.91661 1.000 34.22000 ? 98  LYS A NZ  1 
ATOM   769  N  N   A ILE A 1 99  ? 11.96512  -0.82111  -6.81592  1.000 11.66000 ? 99  ILE A N   1 
ATOM   770  C  CA  A ILE A 1 99  ? 11.31516  -1.37299  -5.63225  1.000 12.09000 ? 99  ILE A CA  1 
ATOM   771  C  C   A ILE A 1 99  ? 11.07801  -2.85233  -5.88840  1.000 11.90000 ? 99  ILE A C   1 
ATOM   772  O  O   A ILE A 1 99  ? 10.22171  -3.19311  -6.70970  1.000 13.04000 ? 99  ILE A O   1 
ATOM   773  C  CB  A ILE A 1 99  ? 9.98853   -0.66508  -5.33299  1.000 10.54000 ? 99  ILE A CB  1 
ATOM   774  C  CG1 A ILE A 1 99  ? 10.19268  0.82795   -5.14617  1.000 11.76000 ? 99  ILE A CG1 1 
ATOM   775  C  CG2 A ILE A 1 99  ? 9.35480   -1.28065  -4.09597  1.000 13.09000 ? 99  ILE A CG2 1 
ATOM   776  C  CD1 A ILE A 1 99  ? 11.35655  1.15725   -4.25082  1.000 12.89000 ? 99  ILE A CD1 1 
ATOM   777  N  N   A PRO A 1 100 ? 11.76131  -3.74559  -5.20560  1.000 10.99000 ? 100 PRO A N   1 
ATOM   778  C  CA  A PRO A 1 100 ? 11.48616  -5.16827  -5.40213  1.000 12.30000 ? 100 PRO A CA  1 
ATOM   779  C  C   A PRO A 1 100 ? 10.07319  -5.51876  -4.98632  1.000 11.93000 ? 100 PRO A C   1 
ATOM   780  O  O   A PRO A 1 100 ? 9.46985   -4.87770  -4.11646  1.000 11.93000 ? 100 PRO A O   1 
ATOM   781  C  CB  A PRO A 1 100 ? 12.52044  -5.86659  -4.51435  1.000 15.15000 ? 100 PRO A CB  1 
ATOM   782  C  CG  A PRO A 1 100 ? 12.98767  -4.85552  -3.59188  1.000 18.11000 ? 100 PRO A CG  1 
ATOM   783  C  CD  A PRO A 1 100 ? 12.83330  -3.50770  -4.22572  1.000 12.82000 ? 100 PRO A CD  1 
ATOM   784  N  N   A ILE A 1 101 ? 9.52255   -6.53321  -5.63762  1.000 12.87000 ? 101 ILE A N   1 
ATOM   785  C  CA  A ILE A 1 101 ? 8.15793   -6.92182  -5.33610  1.000 12.71000 ? 101 ILE A CA  1 
ATOM   786  C  C   A ILE A 1 101 ? 8.02602   -7.29413  -3.86966  1.000 12.21000 ? 101 ILE A C   1 
ATOM   787  O  O   A ILE A 1 101 ? 6.97090   -7.09365  -3.26316  1.000 12.61000 ? 101 ILE A O   1 
ATOM   788  C  CB  A ILE A 1 101 ? 7.70157   -8.02785  -6.30277  1.000 14.74000 ? 101 ILE A CB  1 
ATOM   789  C  CG1 A ILE A 1 101 ? 6.19800   -8.22949  -6.22600  1.000 18.63000 ? 101 ILE A CG1 1 
ATOM   790  C  CG2 A ILE A 1 101 ? 8.46604   -9.29578  -6.11647  1.000 21.84000 ? 101 ILE A CG2 1 
ATOM   791  C  CD1 A ILE A 1 101 ? 5.47372   -7.15800  -6.96176  1.000 22.97000 ? 101 ILE A CD1 1 
ATOM   792  N  N   A LYS A 1 102 ? 9.10626   -7.78319  -3.25769  1.000 12.53000 ? 102 LYS A N   1 
ATOM   793  C  CA  A LYS A 1 102 ? 9.07851   -8.09646  -1.83620  1.000 12.34000 ? 102 LYS A CA  1 
ATOM   794  C  C   A LYS A 1 102 ? 8.62657   -6.90262  -1.01836  1.000 11.78000 ? 102 LYS A C   1 
ATOM   795  O  O   A LYS A 1 102 ? 7.92351   -7.05458  -0.01997  1.000 12.02000 ? 102 LYS A O   1 
ATOM   796  C  CB  A LYS A 1 102 ? 10.48433  -8.52055  -1.39847  1.000 14.56000 ? 102 LYS A CB  1 
ATOM   797  C  CG  A LYS A 1 102 ? 10.57421  -9.00478  0.02032   1.000 17.82000 ? 102 LYS A CG  1 
ATOM   798  C  CD  A LYS A 1 102 ? 9.86385   -10.31658 0.14669   1.000 25.26000 ? 102 LYS A CD  1 
ATOM   799  C  CE  A LYS A 1 102 ? 10.10144  -11.00164 1.48334   1.000 29.22000 ? 102 LYS A CE  1 
ATOM   800  N  NZ  A LYS A 1 102 ? 9.34129   -12.27412 1.53881   1.000 28.72000 ? 102 LYS A NZ  1 
ATOM   801  N  N   A TYR A 1 103 ? 9.03521   -5.70917  -1.41026  1.000 11.36000 ? 103 TYR A N   1 
ATOM   802  C  CA  A TYR A 1 103 ? 8.63464   -4.54560  -0.62822  1.000 11.81000 ? 103 TYR A CA  1 
ATOM   803  C  C   A TYR A 1 103 ? 7.16273   -4.24345  -0.80660  1.000 11.23000 ? 103 TYR A C   1 
ATOM   804  O  O   A TYR A 1 103 ? 6.54312   -3.65245  0.07935   1.000 10.81000 ? 103 TYR A O   1 
ATOM   805  C  CB  A TYR A 1 103 ? 9.44860   -3.31210  -0.99373  1.000 13.47000 ? 103 TYR A CB  1 
ATOM   806  C  CG  A TYR A 1 103 ? 10.91648  -3.41014  -0.68394  1.000 12.56000 ? 103 TYR A CG  1 
ATOM   807  C  CD1 A TYR A 1 103 ? 11.45654  -4.54541  -0.10340  1.000 14.72000 ? 103 TYR A CD1 1 
ATOM   808  C  CD2 A TYR A 1 103 ? 11.74866  -2.36301  -0.96044  1.000 12.75000 ? 103 TYR A CD2 1 
ATOM   809  C  CE1 A TYR A 1 103 ? 12.81413  -4.62268  0.15686   1.000 15.33000 ? 103 TYR A CE1 1 
ATOM   810  C  CE2 A TYR A 1 103 ? 13.09856  -2.43162  -0.70971  1.000 17.25000 ? 103 TYR A CE2 1 
ATOM   811  C  CZ  A TYR A 1 103 ? 13.61230  -3.55643  -0.14649  1.000 18.20000 ? 103 TYR A CZ  1 
ATOM   812  O  OH  A TYR A 1 103 ? 14.95638  -3.61576  0.10772   1.000 20.87000 ? 103 TYR A OH  1 
ATOM   813  N  N   A LEU A 1 104 ? 6.60154   -4.62168  -1.94969  1.000 10.12000 ? 104 LEU A N   1 
ATOM   814  C  CA  A LEU A 1 104 ? 5.16986   -4.50225  -2.13630  1.000 10.93000 ? 104 LEU A CA  1 
ATOM   815  C  C   A LEU A 1 104 ? 4.42926   -5.51186  -1.29103  1.000 10.57000 ? 104 LEU A C   1 
ATOM   816  O  O   A LEU A 1 104 ? 3.33782   -5.22337  -0.80596  1.000 11.11000 ? 104 LEU A O   1 
ATOM   817  C  CB  A LEU A 1 104 ? 4.81655   -4.64054  -3.61250  1.000 11.91000 ? 104 LEU A CB  1 
ATOM   818  C  CG  A LEU A 1 104 ? 5.35540   -3.46210  -4.42093  1.000 15.41000 ? 104 LEU A CG  1 
ATOM   819  C  CD1 A LEU A 1 104 ? 5.19227   -3.72288  -5.90328  1.000 20.36000 ? 104 LEU A CD1 1 
ATOM   820  C  CD2 A LEU A 1 104 ? 4.67514   -2.18442  -4.01748  1.000 21.73000 ? 104 LEU A CD2 1 
ATOM   821  N  N   A GLU A 1 105 ? 5.01033   -6.68905  -1.07384  1.000 11.38000 ? 105 GLU A N   1 
ATOM   822  C  CA  A GLU A 1 105 ? 4.45692   -7.60645  -0.09126  1.000 10.76000 ? 105 GLU A CA  1 
ATOM   823  C  C   A GLU A 1 105 ? 4.51599   -6.97690  1.29176   1.000 10.81000 ? 105 GLU A C   1 
ATOM   824  O  O   A GLU A 1 105 ? 3.53844   -7.00489  2.04076   1.000 11.52000 ? 105 GLU A O   1 
ATOM   825  C  CB  A GLU A 1 105 ? 5.23694   -8.90995  -0.13106  1.000 14.13000 ? 105 GLU A CB  1 
ATOM   826  C  CG  A GLU A 1 105 ? 4.77224   -9.89847  0.90731   1.000 16.36000 ? 105 GLU A CG  1 
ATOM   827  C  CD  A GLU A 1 105 ? 5.72108   -11.06719 1.03768   1.000 21.99000 ? 105 GLU A CD  1 
ATOM   828  O  OE1 A GLU A 1 105 ? 6.73047   -11.10427 0.30393   1.000 21.67000 ? 105 GLU A OE1 1 
ATOM   829  O  OE2 A GLU A 1 105 ? 5.45963   -11.94644 1.87689   1.000 31.51000 ? 105 GLU A OE2 1 
ATOM   830  N  N   A PHE A 1 106 ? 5.65629   -6.38256  1.63730   1.000 10.95000 ? 106 PHE A N   1 
ATOM   831  C  CA  A PHE A 1 106 ? 5.77702   -5.74712  2.94379   1.000 11.09000 ? 106 PHE A CA  1 
ATOM   832  C  C   A PHE A 1 106 ? 4.69694   -4.69746  3.14024   1.000 11.35000 ? 106 PHE A C   1 
ATOM   833  O  O   A PHE A 1 106 ? 4.06813   -4.63444  4.19244   1.000 11.34000 ? 106 PHE A O   1 
ATOM   834  C  CB  A PHE A 1 106 ? 7.13539   -5.08660  3.10461   1.000 12.89000 ? 106 PHE A CB  1 
ATOM   835  C  CG  A PHE A 1 106 ? 8.29591   -6.03499  3.18791   1.000 12.26000 ? 106 PHE A CG  1 
ATOM   836  C  CD1 A PHE A 1 106 ? 8.11951   -7.38007  3.44787   1.000 16.18000 ? 106 PHE A CD1 1 
ATOM   837  C  CD2 A PHE A 1 106 ? 9.56652   -5.54594  3.01452   1.000 14.07000 ? 106 PHE A CD2 1 
ATOM   838  C  CE1 A PHE A 1 106 ? 9.21785   -8.23158  3.53909   1.000 17.99000 ? 106 PHE A CE1 1 
ATOM   839  C  CE2 A PHE A 1 106 ? 10.66996  -6.40205  3.10353   1.000 15.20000 ? 106 PHE A CE2 1 
ATOM   840  C  CZ  A PHE A 1 106 ? 10.47308  -7.73891  3.36251   1.000 19.00000 ? 106 PHE A CZ  1 
ATOM   841  N  N   A ILE A 1 107 ? 4.48350   -3.83881  2.14425   1.000 9.68000  ? 107 ILE A N   1 
ATOM   842  C  CA  A ILE A 1 107 ? 3.52801   -2.77013  2.36200   1.000 11.03000 ? 107 ILE A CA  1 
ATOM   843  C  C   A ILE A 1 107 ? 2.12266   -3.32130  2.37848   1.000 10.63000 ? 107 ILE A C   1 
ATOM   844  O  O   A ILE A 1 107 ? 1.25477   -2.77979  3.07200   1.000 10.93000 ? 107 ILE A O   1 
ATOM   845  C  CB  A ILE A 1 107 ? 3.73101   -1.64478  1.33870   1.000 9.68000  ? 107 ILE A CB  1 
ATOM   846  C  CG1 A ILE A 1 107 ? 3.14557   -0.34620  1.89745   1.000 11.80000 ? 107 ILE A CG1 1 
ATOM   847  C  CG2 A ILE A 1 107 ? 3.07846   -2.00906  0.02732   1.000 11.86000 ? 107 ILE A CG2 1 
ATOM   848  C  CD1 A ILE A 1 107 ? 3.41767   0.86637   1.07462   1.000 12.14000 ? 107 ILE A CD1 1 
ATOM   849  N  N   A SER A 1 108 ? 1.87318   -4.41231  1.66213   1.000 11.78000 ? 108 SER A N   1 
ATOM   850  C  CA  A SER A 1 108 ? 0.56056   -5.02693  1.69417   1.000 11.63000 ? 108 SER A CA  1 
ATOM   851  C  C   A SER A 1 108 ? 0.25243   -5.52007  3.08474   1.000 12.45000 ? 108 SER A C   1 
ATOM   852  O  O   A SER A 1 108 ? -0.83179  -5.26848  3.62173   1.000 13.20000 ? 108 SER A O   1 
ATOM   853  C  CB  A SER A 1 108 ? 0.51106   -6.18320  0.70287   1.000 11.73000 ? 108 SER A CB  1 
ATOM   854  O  OG  A SER A 1 108 ? 0.58921   -5.69195  -0.61919  1.000 13.57000 ? 108 SER A OG  1 
ATOM   855  N  N   A ASP A 1 109 ? 1.19890   -6.22188  3.68751   1.000 13.07000 ? 109 ASP A N   1 
ATOM   856  C  CA  A ASP A 1 109 ? 0.97748   -6.68776  5.04738   1.000 13.25000 ? 109 ASP A CA  1 
ATOM   857  C  C   A ASP A 1 109 ? 0.90818   -5.53604  6.01780   1.000 12.42000 ? 109 ASP A C   1 
ATOM   858  O  O   A ASP A 1 109 ? 0.16584   -5.61149  6.99708   1.000 12.00000 ? 109 ASP A O   1 
ATOM   859  C  CB  A ASP A 1 109 ? 2.07078   -7.68106  5.42709   1.000 15.40000 ? 109 ASP A CB  1 
ATOM   860  C  CG  A ASP A 1 109 ? 1.86492   -9.03034  4.77810   1.000 18.63000 ? 109 ASP A CG  1 
ATOM   861  O  OD1 A ASP A 1 109 ? 0.72269   -9.32809  4.37060   1.000 20.93000 ? 109 ASP A OD1 1 
ATOM   862  O  OD2 A ASP A 1 109 ? 2.83890   -9.79158  4.70041   1.000 24.31000 ? 109 ASP A OD2 1 
ATOM   863  N  N   A ALA A 1 110 ? 1.65465   -4.47606  5.75864   1.000 11.35000 ? 110 ALA A N   1 
ATOM   864  C  CA  A ALA A 1 110 ? 1.57945   -3.30085  6.61845   1.000 11.89000 ? 110 ALA A CA  1 
ATOM   865  C  C   A ALA A 1 110 ? 0.19522   -2.68345  6.58125   1.000 12.17000 ? 110 ALA A C   1 
ATOM   866  O  O   A ALA A 1 110 ? -0.29668  -2.20239  7.59696   1.000 11.94000 ? 110 ALA A O   1 
ATOM   867  C  CB  A ALA A 1 110 ? 2.64213   -2.27794  6.23122   1.000 12.30000 ? 110 ALA A CB  1 
ATOM   868  N  N   A ILE A 1 111 ? -0.44622  -2.67854  5.42091   1.000 12.38000 ? 111 ILE A N   1 
ATOM   869  C  CA  A ILE A 1 111 ? -1.79362  -2.14188  5.35708   1.000 10.79000 ? 111 ILE A CA  1 
ATOM   870  C  C   A ILE A 1 111 ? -2.71448  -2.94968  6.24814   1.000 11.50000 ? 111 ILE A C   1 
ATOM   871  O  O   A ILE A 1 111 ? -3.54136  -2.39559  6.98014   1.000 11.51000 ? 111 ILE A O   1 
ATOM   872  C  CB  A ILE A 1 111 ? -2.28245  -2.11190  3.90227   1.000 10.97000 ? 111 ILE A CB  1 
ATOM   873  C  CG1 A ILE A 1 111 ? -1.57269  -0.98333  3.15910   1.000 12.51000 ? 111 ILE A CG1 1 
ATOM   874  C  CG2 A ILE A 1 111 ? -3.77793  -1.97638  3.84567   1.000 13.03000 ? 111 ILE A CG2 1 
ATOM   875  C  CD1 A ILE A 1 111 ? -1.69102  -1.10969  1.66386   1.000 13.74000 ? 111 ILE A CD1 1 
ATOM   876  N  N   A ILE A 1 112 ? -2.59317  -4.27683  6.20276   1.000 10.50000 ? 112 ILE A N   1 
ATOM   877  C  CA  A ILE A 1 112 ? -3.44747  -5.12518  7.02571   1.000 11.76000 ? 112 ILE A CA  1 
ATOM   878  C  C   A ILE A 1 112 ? -3.17551  -4.84822  8.48355   1.000 11.96000 ? 112 ILE A C   1 
ATOM   879  O  O   A ILE A 1 112 ? -4.10305  -4.72563  9.29398   1.000 12.91000 ? 112 ILE A O   1 
ATOM   880  C  CB  A ILE A 1 112 ? -3.19051  -6.60173  6.68257   1.000 10.81000 ? 112 ILE A CB  1 
ATOM   881  C  CG1 A ILE A 1 112 ? -3.54298  -6.89086  5.21745   1.000 14.46000 ? 112 ILE A CG1 1 
ATOM   882  C  CG2 A ILE A 1 112 ? -3.88961  -7.52879  7.66982   1.000 14.74000 ? 112 ILE A CG2 1 
ATOM   883  C  CD1 A ILE A 1 112 ? -4.98700  -6.69602  4.88595   1.000 17.32000 ? 112 ILE A CD1 1 
ATOM   884  N  N   A HIS A 1 113 ? -1.90271  -4.72983  8.83513   1.000 11.75000 ? 113 HIS A N   1 
ATOM   885  C  CA  A HIS A 1 113 ? -1.53683  -4.45076  10.21082  1.000 12.87000 ? 113 HIS A CA  1 
ATOM   886  C  C   A HIS A 1 113 ? -2.13058  -3.13256  10.66872  1.000 12.48000 ? 113 HIS A C   1 
ATOM   887  O  O   A HIS A 1 113 ? -2.69812  -3.03243  11.76408  1.000 12.37000 ? 113 HIS A O   1 
ATOM   888  C  CB  A HIS A 1 113 ? -0.02187  -4.39701  10.30919  1.000 14.92000 ? 113 HIS A CB  1 
ATOM   889  C  CG  A HIS A 1 113 ? 0.44878   -4.18910  11.70261  1.000 17.77000 ? 113 HIS A CG  1 
ATOM   890  N  ND1 A HIS A 1 113 ? 0.67604   -5.23497  12.56728  1.000 24.67000 ? 113 HIS A ND1 1 
ATOM   891  C  CD2 A HIS A 1 113 ? 0.67815   -3.05616  12.40112  1.000 20.15000 ? 113 HIS A CD2 1 
ATOM   892  C  CE1 A HIS A 1 113 ? 1.05405   -4.75407  13.73682  1.000 22.26000 ? 113 HIS A CE1 1 
ATOM   893  N  NE2 A HIS A 1 113 ? 1.06779   -3.43601  13.66067  1.000 22.45000 ? 113 HIS A NE2 1 
ATOM   894  N  N   A VAL A 1 114 ? -2.01369  -2.10116  9.83736   1.000 10.79000 ? 114 VAL A N   1 
ATOM   895  C  CA  A VAL A 1 114 ? -2.51031  -0.78482  10.21068  1.000 12.56000 ? 114 VAL A CA  1 
ATOM   896  C  C   A VAL A 1 114 ? -4.01557  -0.81401  10.36345  1.000 11.87000 ? 114 VAL A C   1 
ATOM   897  O  O   A VAL A 1 114 ? -4.56645  -0.18488  11.26776  1.000 11.38000 ? 114 VAL A O   1 
ATOM   898  C  CB  A VAL A 1 114 ? -2.04977  0.27607   9.19487   1.000 13.19000 ? 114 VAL A CB  1 
ATOM   899  C  CG1 A VAL A 1 114 ? -2.80402  1.59404   9.39168   1.000 13.65000 ? 114 VAL A CG1 1 
ATOM   900  C  CG2 A VAL A 1 114 ? -0.55706  0.52016   9.33250   1.000 13.01000 ? 114 VAL A CG2 1 
ATOM   901  N  N   A LEU A 1 115 ? -4.71077  -1.53780  9.49292   1.000 10.21000 ? 115 LEU A N   1 
ATOM   902  C  CA  A LEU A 1 115 ? -6.15987  -1.57895  9.62078   1.000 11.50000 ? 115 LEU A CA  1 
ATOM   903  C  C   A LEU A 1 115 ? -6.57209  -2.20629  10.94225  1.000 10.78000 ? 115 LEU A C   1 
ATOM   904  O  O   A LEU A 1 115 ? -7.48322  -1.71187  11.60970  1.000 11.00000 ? 115 LEU A O   1 
ATOM   905  C  CB  A LEU A 1 115 ? -6.78472  -2.31824  8.44664   1.000 11.90000 ? 115 LEU A CB  1 
ATOM   906  C  CG  A LEU A 1 115 ? -6.71448  -1.54763  7.12912   1.000 12.86000 ? 115 LEU A CG  1 
ATOM   907  C  CD1 A LEU A 1 115 ? -7.09950  -2.43730  5.97115   1.000 15.39000 ? 115 LEU A CD1 1 
ATOM   908  C  CD2 A LEU A 1 115 ? -7.60320  -0.32575  7.18882   1.000 16.00000 ? 115 LEU A CD2 1 
ATOM   909  N  N   A HIS A 1 116 ? -5.93564  -3.30538  11.33364  1.000 10.88000 ? 116 HIS A N   1 
ATOM   910  C  CA  A HIS A 1 116 ? -6.24656  -3.86288  12.63814  1.000 11.21000 ? 116 HIS A CA  1 
ATOM   911  C  C   A HIS A 1 116 ? -5.86477  -2.91842  13.75147  1.000 12.13000 ? 116 HIS A C   1 
ATOM   912  O  O   A HIS A 1 116 ? -6.55272  -2.85992  14.77087  1.000 13.33000 ? 116 HIS A O   1 
ATOM   913  C  CB  A HIS A 1 116 ? -5.52277  -5.18740  12.82229  1.000 10.15000 ? 116 HIS A CB  1 
ATOM   914  C  CG  A HIS A 1 116 ? -6.21450  -6.32612  12.17519  1.000 12.04000 ? 116 HIS A CG  1 
ATOM   915  N  ND1 A HIS A 1 116 ? -7.50631  -6.67103  12.48477  1.000 11.96000 ? 116 HIS A ND1 1 
ATOM   916  C  CD2 A HIS A 1 116 ? -5.80598  -7.19193  11.22199  1.000 11.70000 ? 116 HIS A CD2 1 
ATOM   917  C  CE1 A HIS A 1 116 ? -7.86491  -7.71347  11.76054  1.000 12.95000 ? 116 HIS A CE1 1 
ATOM   918  N  NE2 A HIS A 1 116 ? -6.85040  -8.04763  10.98665  1.000 12.80000 ? 116 HIS A NE2 1 
ATOM   919  N  N   A SER A 1 117 ? -4.76027  -2.21009  13.59740  1.000 10.76000 ? 117 SER A N   1 
ATOM   920  C  CA  A SER A 1 117 ? -4.29756  -1.34939  14.66981  1.000 13.41000 ? 117 SER A CA  1 
ATOM   921  C  C   A SER A 1 117 ? -5.22519  -0.16565  14.85603  1.000 11.75000 ? 117 SER A C   1 
ATOM   922  O  O   A SER A 1 117 ? -5.48763  0.24676   15.99073  1.000 12.88000 ? 117 SER A O   1 
ATOM   923  C  CB  A SER A 1 117 ? -2.89172  -0.85644  14.35549  1.000 15.32000 ? 117 SER A CB  1 
ATOM   924  O  OG  A SER A 1 117 ? -2.46909  0.05713   15.33936  1.000 22.28000 ? 117 SER A OG  1 
ATOM   925  N  N   A LYS A 1 118 ? -5.73937  0.38640   13.76276  1.000 10.83000 ? 118 LYS A N   1 
ATOM   926  C  CA  A LYS A 1 118 ? -6.60307  1.55580   13.84102  1.000 11.75000 ? 118 LYS A CA  1 
ATOM   927  C  C   A LYS A 1 118 ? -8.05574  1.19686   14.02702  1.000 11.80000 ? 118 LYS A C   1 
ATOM   928  O  O   A LYS A 1 118 ? -8.82738  2.02501   14.51449  1.000 12.87000 ? 118 LYS A O   1 
ATOM   929  C  CB  A LYS A 1 118 ? -6.44208  2.40342   12.58138  1.000 11.54000 ? 118 LYS A CB  1 
ATOM   930  C  CG  A LYS A 1 118 ? -5.05750  3.04021   12.49432  1.000 15.04000 ? 118 LYS A CG  1 
ATOM   931  C  CD  A LYS A 1 118 ? -4.92869  3.95738   11.29901  1.000 18.32000 ? 118 LYS A CD  1 
ATOM   932  C  CE  A LYS A 1 118 ? -5.68458  5.25062   11.53090  1.000 19.30000 ? 118 LYS A CE  1 
ATOM   933  N  NZ  A LYS A 1 118 ? -5.11181  6.01481   12.68607  1.000 22.54000 ? 118 LYS A NZ  1 
ATOM   934  N  N   A HIS A 1 119 ? -8.44536  -0.02545  13.68864  1.000 11.65000 ? 119 HIS A N   1 
ATOM   935  C  CA  A HIS A 1 119 ? -9.84552  -0.43507  13.76174  1.000 11.78000 ? 119 HIS A CA  1 
ATOM   936  C  C   A HIS A 1 119 ? -9.96438  -1.77929  14.45068  1.000 10.17000 ? 119 HIS A C   1 
ATOM   937  O  O   A HIS A 1 119 ? -10.56483 -2.70088  13.91759  1.000 12.26000 ? 119 HIS A O   1 
ATOM   938  C  CB  A HIS A 1 119 ? -10.45605 -0.47584  12.36934  1.000 12.91000 ? 119 HIS A CB  1 
ATOM   939  C  CG  A HIS A 1 119 ? -10.16648 0.75410   11.58231  1.000 12.48000 ? 119 HIS A CG  1 
ATOM   940  N  ND1 A HIS A 1 119 ? -10.89206 1.91667   11.71082  1.000 13.61000 ? 119 HIS A ND1 1 
ATOM   941  C  CD2 A HIS A 1 119 ? -9.20176  1.00600   10.67669  1.000 13.96000 ? 119 HIS A CD2 1 
ATOM   942  C  CE1 A HIS A 1 119 ? -10.37184 2.83821   10.91661  1.000 14.09000 ? 119 HIS A CE1 1 
ATOM   943  N  NE2 A HIS A 1 119 ? -9.34943  2.30529   10.27633  1.000 14.54000 ? 119 HIS A NE2 1 
ATOM   944  N  N   A PRO A 1 120 ? -9.40443  -1.91897  15.64690  1.000 11.14000 ? 120 PRO A N   1 
ATOM   945  C  CA  A PRO A 1 120 ? -9.40876  -3.22866  16.30525  1.000 12.74000 ? 120 PRO A CA  1 
ATOM   946  C  C   A PRO A 1 120 ? -10.82512 -3.68495  16.55876  1.000 13.22000 ? 120 PRO A C   1 
ATOM   947  O  O   A PRO A 1 120 ? -11.63764 -2.95202  17.11867  1.000 13.99000 ? 120 PRO A O   1 
ATOM   948  C  CB  A PRO A 1 120 ? -8.67239  -2.97299  17.61700  1.000 12.48000 ? 120 PRO A CB  1 
ATOM   949  C  CG  A PRO A 1 120 ? -8.89886  -1.50858  17.88189  1.000 13.16000 ? 120 PRO A CG  1 
ATOM   950  C  CD  A PRO A 1 120 ? -8.84851  -0.87179  16.51028  1.000 11.17000 ? 120 PRO A CD  1 
ATOM   951  N  N   A GLY A 1 121 ? -11.12081 -4.90479  16.15743  1.000 12.31000 ? 121 GLY A N   1 
ATOM   952  C  CA  A GLY A 1 121 ? -12.45379 -5.42270  16.30234  1.000 14.47000 ? 121 GLY A CA  1 
ATOM   953  C  C   A GLY A 1 121 ? -13.39100 -4.98832  15.22396  1.000 13.02000 ? 121 GLY A C   1 
ATOM   954  O  O   A GLY A 1 121 ? -14.53358 -5.45401  15.18203  1.000 16.94000 ? 121 GLY A O   1 
ATOM   955  N  N   A ASP A 1 122 ? -12.94911 -4.11218  14.33645  1.000 12.25000 ? 122 ASP A N   1 
ATOM   956  C  CA  A ASP A 1 122 ? -13.80120 -3.59383  13.28391  1.000 14.83000 ? 122 ASP A CA  1 
ATOM   957  C  C   A ASP A 1 122 ? -13.24824 -3.94047  11.91416  1.000 15.01000 ? 122 ASP A C   1 
ATOM   958  O  O   A ASP A 1 122 ? -13.68752 -3.38122  10.90803  1.000 20.61000 ? 122 ASP A O   1 
ATOM   959  C  CB  A ASP A 1 122 ? -13.94406 -2.08345  13.45199  1.000 15.99000 ? 122 ASP A CB  1 
ATOM   960  C  CG  A ASP A 1 122 ? -15.11903 -1.52331  12.69890  1.000 24.61000 ? 122 ASP A CG  1 
ATOM   961  O  OD1 A ASP A 1 122 ? -16.08796 -2.27661  12.46953  1.000 28.54000 ? 122 ASP A OD1 1 
ATOM   962  O  OD2 A ASP A 1 122 ? -15.06367 -0.33270  12.32134  1.000 28.52000 ? 122 ASP A OD2 1 
ATOM   963  N  N   A PHE A 1 123 ? -12.30920 -4.84459  11.84988  1.000 12.09000 ? 123 PHE A N   1 
ATOM   964  C  CA  A PHE A 1 123 ? -11.72986 -5.28995  10.59281  1.000 13.23000 ? 123 PHE A CA  1 
ATOM   965  C  C   A PHE A 1 123 ? -11.88350 -6.79754  10.64163  1.000 13.35000 ? 123 PHE A C   1 
ATOM   966  O  O   A PHE A 1 123 ? -10.97231 -7.51650  11.04298  1.000 16.58000 ? 123 PHE A O   1 
ATOM   967  C  CB  A PHE A 1 123 ? -10.29889 -4.83060  10.50523  1.000 13.55000 ? 123 PHE A CB  1 
ATOM   968  C  CG  A PHE A 1 123 ? -9.62644  -5.17346  9.22121   1.000 12.64000 ? 123 PHE A CG  1 
ATOM   969  C  CD1 A PHE A 1 123 ? -10.30219 -5.13620  8.01030   1.000 13.90000 ? 123 PHE A CD1 1 
ATOM   970  C  CD2 A PHE A 1 123 ? -8.28845  -5.48086  9.21481   1.000 11.75000 ? 123 PHE A CD2 1 
ATOM   971  C  CE1 A PHE A 1 123 ? -9.64293  -5.43422  6.82157   1.000 13.08000 ? 123 PHE A CE1 1 
ATOM   972  C  CE2 A PHE A 1 123 ? -7.63738  -5.78368  8.02810   1.000 12.47000 ? 123 PHE A CE2 1 
ATOM   973  C  CZ  A PHE A 1 123 ? -8.32140  -5.76052  6.83927   1.000 13.26000 ? 123 PHE A CZ  1 
ATOM   974  N  N   A GLY A 1 124 ? -13.06008 -7.25108  10.25136  1.000 13.11000 ? 124 GLY A N   1 
ATOM   975  C  CA  A GLY A 1 124 ? -13.43493 -8.63325  10.44515  1.000 17.21000 ? 124 GLY A CA  1 
ATOM   976  C  C   A GLY A 1 124 ? -12.69576 -9.57701  9.53405   1.000 17.55000 ? 124 GLY A C   1 
ATOM   977  O  O   A GLY A 1 124 ? -11.97292 -9.19572  8.61594   1.000 14.49000 ? 124 GLY A O   1 
ATOM   978  N  N   A ALA A 1 125 ? -12.89655 -10.86142 9.80242   1.000 15.64000 ? 125 ALA A N   1 
ATOM   979  C  CA  A ALA A 1 125 ? -12.17340 -11.87491 9.06856   1.000 13.31000 ? 125 ALA A CA  1 
ATOM   980  C  C   A ALA A 1 125 ? -12.51298 -11.83456 7.58954   1.000 13.54000 ? 125 ALA A C   1 
ATOM   981  O  O   A ALA A 1 125 ? -11.62928 -12.00538 6.74588   1.000 13.12000 ? 125 ALA A O   1 
ATOM   982  C  CB  A ALA A 1 125 ? -12.45874 -13.25502 9.66568   1.000 17.94000 ? 125 ALA A CB  1 
ATOM   983  N  N   A ASP A 1 126 ? -13.78050 -11.60161 7.26058   1.000 13.45000 ? 126 ASP A N   1 
ATOM   984  C  CA  A ASP A 1 126 ? -14.15752 -11.49394 5.85743   1.000 14.89000 ? 126 ASP A CA  1 
ATOM   985  C  C   A ASP A 1 126 ? -13.50576 -10.28436 5.21467   1.000 12.65000 ? 126 ASP A C   1 
ATOM   986  O  O   A ASP A 1 126 ? -12.98356 -10.37658 4.09424   1.000 14.08000 ? 126 ASP A O   1 
ATOM   987  C  CB  A ASP A 1 126 ? -15.68529 -11.46057 5.70643   1.000 18.02000 ? 126 ASP A CB  1 
ATOM   988  C  CG  A ASP A 1 126 ? -16.35704 -10.43981 6.61163   1.000 22.15000 ? 126 ASP A CG  1 
ATOM   989  O  OD1 A ASP A 1 126 ? -15.67222 -9.80389  7.43122   1.000 22.41000 ? 126 ASP A OD1 1 
ATOM   990  O  OD2 A ASP A 1 126 ? -17.59225 -10.28564 6.49244   1.000 31.60000 ? 126 ASP A OD2 1 
ATOM   991  N  N   A ALA A 1 127 ? -13.49214 -9.16490  5.91729   1.000 12.39000 ? 127 ALA A N   1 
ATOM   992  C  CA  A ALA A 1 127 ? -12.88294 -7.94687  5.40060   1.000 13.51000 ? 127 ALA A CA  1 
ATOM   993  C  C   A ALA A 1 127 ? -11.39022 -8.14100  5.19531   1.000 12.84000 ? 127 ALA A C   1 
ATOM   994  O  O   A ALA A 1 127 ? -10.83290 -7.73806  4.15821   1.000 11.06000 ? 127 ALA A O   1 
ATOM   995  C  CB  A ALA A 1 127 ? -13.14808 -6.81851  6.39456   1.000 15.86000 ? 127 ALA A CB  1 
ATOM   996  N  N   A GLN A 1 128 ? -10.72574 -8.78136  6.15722   1.000 12.10000 ? 128 GLN A N   1 
ATOM   997  C  CA  A GLN A 1 128 ? -9.31222  -9.05519  5.98786   1.000 10.08000 ? 128 GLN A CA  1 
ATOM   998  C  C   A GLN A 1 128 ? -9.08999  -9.95709  4.79336   1.000 11.07000 ? 128 GLN A C   1 
ATOM   999  O  O   A GLN A 1 128 ? -8.17702  -9.72707  4.00689   1.000 11.64000 ? 128 GLN A O   1 
ATOM   1000 C  CB  A GLN A 1 128 ? -8.71777  -9.69558  7.24300   1.000 11.88000 ? 128 GLN A CB  1 
ATOM   1001 C  CG  A GLN A 1 128 ? -7.23967  -9.97325  7.06306   1.000 12.31000 ? 128 GLN A CG  1 
ATOM   1002 C  CD  A GLN A 1 128 ? -6.58296  -10.49298 8.29822   1.000 11.62000 ? 128 GLN A CD  1 
ATOM   1003 O  OE1 A GLN A 1 128 ? -7.07482  -10.31438 9.40282   1.000 12.88000 ? 128 GLN A OE1 1 
ATOM   1004 N  NE2 A GLN A 1 128 ? -5.44503  -11.13625 8.12005   1.000 13.15000 ? 128 GLN A NE2 1 
ATOM   1005 N  N   A GLY A 1 129 ? -9.91541  -10.98724 4.63062   1.000 10.70000 ? 129 GLY A N   1 
ATOM   1006 C  CA  A GLY A 1 129 ? -9.74296  -11.86648 3.49144   1.000 12.60000 ? 129 GLY A CA  1 
ATOM   1007 C  C   A GLY A 1 129 ? -9.86855  -11.11309 2.18741   1.000 11.21000 ? 129 GLY A C   1 
ATOM   1008 O  O   A GLY A 1 129 ? -9.03825  -11.25040 1.28749   1.000 12.22000 ? 129 GLY A O   1 
ATOM   1009 N  N   A ALA A 1 130 ? -10.87614 -10.26953 2.08572   1.000 11.41000 ? 130 ALA A N   1 
ATOM   1010 C  CA  A ALA A 1 130 ? -11.09766 -9.56458  0.83164   1.000 11.25000 ? 130 ALA A CA  1 
ATOM   1011 C  C   A ALA A 1 130 ? -9.99654  -8.55172  0.57761   1.000 10.45000 ? 130 ALA A C   1 
ATOM   1012 O  O   A ALA A 1 130 ? -9.48899  -8.45224  -0.54685  1.000 11.00000 ? 130 ALA A O   1 
ATOM   1013 C  CB  A ALA A 1 130 ? -12.44814 -8.86247  0.88147   1.000 13.38000 ? 130 ALA A CB  1 
ATOM   1014 N  N   A MET A 1 131 ? -9.60646  -7.80458  1.59688   1.000 9.64000  ? 131 MET A N   1 
ATOM   1015 C  CA  A MET A 1 131 ? -8.54161  -6.83185  1.41349   1.000 10.08000 ? 131 MET A CA  1 
ATOM   1016 C  C   A MET A 1 131 ? -7.24667  -7.52187  1.03644   1.000 11.73000 ? 131 MET A C   1 
ATOM   1017 O  O   A MET A 1 131 ? -6.49660  -7.04423  0.17598   1.000 11.01000 ? 131 MET A O   1 
ATOM   1018 C  CB  A MET A 1 131 ? -8.34245  -6.03430  2.70610   1.000 13.71000 ? 131 MET A CB  1 
ATOM   1019 C  CG  A MET A 1 131 ? -7.36919  -4.88658  2.56808   1.000 13.28000 ? 131 MET A CG  1 
ATOM   1020 S  SD  A MET A 1 131 ? -7.88329  -3.68460  1.31410   1.000 23.63000 ? 131 MET A SD  1 
ATOM   1021 C  CE  A MET A 1 131 ? -9.53529  -3.39939  1.80910   1.000 22.47000 ? 131 MET A CE  1 
ATOM   1022 N  N   A THR A 1 132 ? -6.95318  -8.64383  1.67985   1.000 10.33000 ? 132 THR A N   1 
ATOM   1023 C  CA  A THR A 1 132 ? -5.74101  -9.36959  1.35755   1.000 9.84000  ? 132 THR A CA  1 
ATOM   1024 C  C   A THR A 1 132 ? -5.77576  -9.82064  -0.08332  1.000 10.60000 ? 132 THR A C   1 
ATOM   1025 O  O   A THR A 1 132 ? -4.78913  -9.64428  -0.80812  1.000 11.06000 ? 132 THR A O   1 
ATOM   1026 C  CB  A THR A 1 132 ? -5.60327  -10.54431 2.31687   1.000 13.00000 ? 132 THR A CB  1 
ATOM   1027 O  OG1 A THR A 1 132 ? -5.48165  -10.01733 3.63590   1.000 14.00000 ? 132 THR A OG1 1 
ATOM   1028 C  CG2 A THR A 1 132 ? -4.36341  -11.38326 1.99094   1.000 14.65000 ? 132 THR A CG2 1 
ATOM   1029 N  N   A LYS A 1 133 ? -6.90571  -10.36199 -0.53174  1.000 10.84000 ? 133 LYS A N   1 
ATOM   1030 C  CA  A LYS A 1 133 ? -7.00355  -10.77475 -1.92258  1.000 11.66000 ? 133 LYS A CA  1 
ATOM   1031 C  C   A LYS A 1 133 ? -6.82742  -9.59397  -2.85796  1.000 10.31000 ? 133 LYS A C   1 
ATOM   1032 O  O   A LYS A 1 133 ? -6.19349  -9.72193  -3.91067  1.000 10.76000 ? 133 LYS A O   1 
ATOM   1033 C  CB  A LYS A 1 133 ? -8.35054  -11.44556 -2.16522  1.000 14.55000 ? 133 LYS A CB  1 
ATOM   1034 C  CG  A LYS A 1 133 ? -8.42011  -12.88382 -1.67563  1.000 20.87000 ? 133 LYS A CG  1 
ATOM   1035 C  CD  A LYS A 1 133 ? -9.76006  -13.52119 -1.99345  1.000 24.57000 ? 133 LYS A CD  1 
ATOM   1036 C  CE  A LYS A 1 133 ? -10.01804 -13.55061 -3.47939  1.000 24.12000 ? 133 LYS A CE  1 
ATOM   1037 N  NZ  A LYS A 1 133 ? -11.10883 -14.52262 -3.80121  1.000 27.55000 ? 133 LYS A NZ  1 
ATOM   1038 N  N   A ALA A 1 134 ? -7.38539  -8.44381  -2.51078  1.000 10.02000 ? 134 ALA A N   1 
ATOM   1039 C  CA  A ALA A 1 134 ? -7.24867  -7.30325  -3.39436  1.000 11.79000 ? 134 ALA A CA  1 
ATOM   1040 C  C   A ALA A 1 134 ? -5.80968  -6.84611  -3.46608  1.000 10.12000 ? 134 ALA A C   1 
ATOM   1041 O  O   A ALA A 1 134 ? -5.33953  -6.45932  -4.53745  1.000 11.02000 ? 134 ALA A O   1 
ATOM   1042 C  CB  A ALA A 1 134 ? -8.12902  -6.18529  -2.88949  1.000 10.95000 ? 134 ALA A CB  1 
ATOM   1043 N  N   A LEU A 1 135 ? -5.08801  -6.89493  -2.35520  1.000 9.72000  ? 135 LEU A N   1 
ATOM   1044 C  CA  A LEU A 1 135 ? -3.69088  -6.49506  -2.37512  1.000 9.68000  ? 135 LEU A CA  1 
ATOM   1045 C  C   A LEU A 1 135 ? -2.84546  -7.52770  -3.07593  1.000 10.85000 ? 135 LEU A C   1 
ATOM   1046 O  O   A LEU A 1 135 ? -1.83692  -7.18562  -3.70069  1.000 9.74000  ? 135 LEU A O   1 
ATOM   1047 C  CB  A LEU A 1 135 ? -3.20098  -6.26563  -0.95857  1.000 10.54000 ? 135 LEU A CB  1 
ATOM   1048 C  CG  A LEU A 1 135 ? -3.86013  -5.06650  -0.28470  1.000 12.44000 ? 135 LEU A CG  1 
ATOM   1049 C  CD1 A LEU A 1 135 ? -3.44113  -5.02965  1.16770   1.000 15.69000 ? 135 LEU A CD1 1 
ATOM   1050 C  CD2 A LEU A 1 135 ? -3.51999  -3.76502  -1.01180  1.000 18.01000 ? 135 LEU A CD2 1 
ATOM   1051 N  N   A GLU A 1 136 ? -3.23205  -8.79443  -2.99134  1.000 8.90000  ? 136 GLU A N   1 
ATOM   1052 C  CA  A GLU A 1 136 ? -2.52568  -9.81326  -3.74191  1.000 11.97000 ? 136 GLU A CA  1 
ATOM   1053 C  C   A GLU A 1 136 ? -2.71871  -9.60352  -5.22598  1.000 10.67000 ? 136 GLU A C   1 
ATOM   1054 O  O   A GLU A 1 136 ? -1.78255  -9.77042  -6.00841  1.000 11.05000 ? 136 GLU A O   1 
ATOM   1055 C  CB  A GLU A 1 136 ? -3.02887  -11.18885 -3.33616  1.000 11.40000 ? 136 GLU A CB  1 
ATOM   1056 C  CG  A GLU A 1 136 ? -2.45817  -11.61088 -2.00395  1.000 13.33000 ? 136 GLU A CG  1 
ATOM   1057 C  CD  A GLU A 1 136 ? -3.14331  -12.81691 -1.40123  1.000 19.10000 ? 136 GLU A CD  1 
ATOM   1058 O  OE1 A GLU A 1 136 ? -4.20511  -13.22914 -1.90541  1.000 18.19000 ? 136 GLU A OE1 1 
ATOM   1059 O  OE2 A GLU A 1 136 ? -2.60424  -13.34549 -0.40093  1.000 22.89000 ? 136 GLU A OE2 1 
ATOM   1060 N  N   A LEU A 1 137 ? -3.92983  -9.25560  -5.64094  1.000 9.50000  ? 137 LEU A N   1 
ATOM   1061 C  CA  A LEU A 1 137 ? -4.18948  -9.00987  -7.05114  1.000 13.16000 ? 137 LEU A CA  1 
ATOM   1062 C  C   A LEU A 1 137 ? -3.35566  -7.84224  -7.53789  1.000 11.22000 ? 137 LEU A C   1 
ATOM   1063 O  O   A LEU A 1 137 ? -2.71888  -7.90553  -8.59561  1.000 11.47000 ? 137 LEU A O   1 
ATOM   1064 C  CB  A LEU A 1 137 ? -5.67489  -8.71212  -7.23520  1.000 11.95000 ? 137 LEU A CB  1 
ATOM   1065 C  CG  A LEU A 1 137 ? -6.08504  -8.35261  -8.66817  1.000 14.89000 ? 137 LEU A CG  1 
ATOM   1066 C  CD1 A LEU A 1 137 ? -5.82183  -9.49842  -9.61297  1.000 20.76000 ? 137 LEU A CD1 1 
ATOM   1067 C  CD2 A LEU A 1 137 ? -7.55353  -7.96262  -8.71739  1.000 17.84000 ? 137 LEU A CD2 1 
ATOM   1068 N  N   A PHE A 1 138 ? -3.34876  -6.76434  -6.76775  1.000 10.55000 ? 138 PHE A N   1 
ATOM   1069 C  CA  A PHE A 1 138 ? -2.51890  -5.60821  -7.06122  1.000 10.20000 ? 138 PHE A CA  1 
ATOM   1070 C  C   A PHE A 1 138 ? -1.07022  -6.01582  -7.22024  1.000 10.92000 ? 138 PHE A C   1 
ATOM   1071 O  O   A PHE A 1 138 ? -0.42033  -5.69758  -8.21868  1.000 11.32000 ? 138 PHE A O   1 
ATOM   1072 C  CB  A PHE A 1 138 ? -2.68273  -4.63944  -5.88768  1.000 10.83000 ? 138 PHE A CB  1 
ATOM   1073 C  CG  A PHE A 1 138 ? -1.71461  -3.50007  -5.85893  1.000 13.90000 ? 138 PHE A CG  1 
ATOM   1074 C  CD1 A PHE A 1 138 ? -1.83027  -2.44352  -6.74202  1.000 16.83000 ? 138 PHE A CD1 1 
ATOM   1075 C  CD2 A PHE A 1 138 ? -0.73826  -3.45384  -4.89220  1.000 17.31000 ? 138 PHE A CD2 1 
ATOM   1076 C  CE1 A PHE A 1 138 ? -0.93309  -1.36797  -6.67596  1.000 20.51000 ? 138 PHE A CE1 1 
ATOM   1077 C  CE2 A PHE A 1 138 ? 0.13146   -2.40214  -4.82167  1.000 19.36000 ? 138 PHE A CE2 1 
ATOM   1078 C  CZ  A PHE A 1 138 ? 0.03326   -1.35865  -5.70974  1.000 19.92000 ? 138 PHE A CZ  1 
ATOM   1079 N  N   A ARG A 1 139 ? -0.54612  -6.73184  -6.24060  1.000 10.79000 ? 139 ARG A N   1 
ATOM   1080 C  CA  A ARG A 1 139 ? 0.84717   -7.13725  -6.27202  1.000 12.07000 ? 139 ARG A CA  1 
ATOM   1081 C  C   A ARG A 1 139 ? 1.10841   -8.07956  -7.42455  1.000 10.45000 ? 139 ARG A C   1 
ATOM   1082 O  O   A ARG A 1 139 ? 2.18067   -8.02698  -8.05249  1.000 11.66000 ? 139 ARG A O   1 
ATOM   1083 C  CB  A ARG A 1 139 ? 1.15300   -7.85975  -4.96351  1.000 16.72000 ? 139 ARG A CB  1 
ATOM   1084 C  CG  A ARG A 1 139 ? 2.57661   -8.03619  -4.65947  1.000 21.07000 ? 139 ARG A CG  1 
ATOM   1085 C  CD  A ARG A 1 139 ? 2.72881   -8.16074  -3.15640  1.000 13.57000 ? 139 ARG A CD  1 
ATOM   1086 N  NE  A ARG A 1 139 ? 2.31217   -9.44971  -2.62011  1.000 11.96000 ? 139 ARG A NE  1 
ATOM   1087 C  CZ  A ARG A 1 139 ? 1.29889   -9.63205  -1.79214  1.000 12.19000 ? 139 ARG A CZ  1 
ATOM   1088 N  NH1 A ARG A 1 139 ? 0.50385   -8.63281  -1.43812  1.000 13.55000 ? 139 ARG A NH1 1 
ATOM   1089 N  NH2 A ARG A 1 139 ? 1.06853   -10.84565 -1.30478  1.000 15.10000 ? 139 ARG A NH2 1 
ATOM   1090 N  N   A ASN A 1 140 ? 0.16768   -8.96532  -7.70770  1.000 10.25000 ? 140 ASN A N   1 
ATOM   1091 C  CA  A ASN A 1 140 ? 0.37730   -9.93728  -8.76442  1.000 11.08000 ? 140 ASN A CA  1 
ATOM   1092 C  C   A ASN A 1 140 ? 0.40571   -9.25934  -10.12205 1.000 11.41000 ? 140 ASN A C   1 
ATOM   1093 O  O   A ASN A 1 140 ? 1.21441   -9.60827  -10.99032 1.000 11.33000 ? 140 ASN A O   1 
ATOM   1094 C  CB  A ASN A 1 140 ? -0.69934  -11.00122 -8.70252  1.000 12.60000 ? 140 ASN A CB  1 
ATOM   1095 C  CG  A ASN A 1 140 ? -0.35763  -12.16884 -9.54578  1.000 14.22000 ? 140 ASN A CG  1 
ATOM   1096 O  OD1 A ASN A 1 140 ? 0.61942   -12.86866 -9.28332  1.000 17.35000 ? 140 ASN A OD1 1 
ATOM   1097 N  ND2 A ASN A 1 140 ? -1.12559  -12.38117 -10.57143 1.000 15.31000 ? 140 ASN A ND2 1 
ATOM   1098 N  N   A ASP A 1 141 ? -0.44945  -8.28508  -10.32570 1.000 10.40000 ? 141 ASP A N   1 
ATOM   1099 C  CA  A ASP A 1 141 ? -0.43898  -7.58219  -11.59464 1.000 10.12000 ? 141 ASP A CA  1 
ATOM   1100 C  C   A ASP A 1 141 ? 0.79724   -6.72570  -11.71379 1.000 12.36000 ? 141 ASP A C   1 
ATOM   1101 O  O   A ASP A 1 141 ? 1.35850   -6.61618  -12.80686 1.000 13.86000 ? 141 ASP A O   1 
ATOM   1102 C  CB  A ASP A 1 141 ? -1.70384  -6.75583  -11.75581 1.000 12.50000 ? 141 ASP A CB  1 
ATOM   1103 C  CG  A ASP A 1 141 ? -2.89158  -7.59098  -12.12189 1.000 14.52000 ? 141 ASP A CG  1 
ATOM   1104 O  OD1 A ASP A 1 141 ? -2.75103  -8.80840  -12.34978 1.000 16.65000 ? 141 ASP A OD1 1 
ATOM   1105 O  OD2 A ASP A 1 141 ? -4.00826  -7.05515  -12.20430 1.000 16.93000 ? 141 ASP A OD2 1 
ATOM   1106 N  N   A ILE A 1 142 ? 1.27715   -6.15396  -10.61627 1.000 10.95000 ? 142 ILE A N   1 
ATOM   1107 C  CA  A ILE A 1 142 ? 2.56737   -5.48477  -10.66520 1.000 11.93000 ? 142 ILE A CA  1 
ATOM   1108 C  C   A ILE A 1 142 ? 3.65220   -6.49172  -10.99132 1.000 12.59000 ? 142 ILE A C   1 
ATOM   1109 O  O   A ILE A 1 142 ? 4.53410   -6.21962  -11.81037 1.000 12.11000 ? 142 ILE A O   1 
ATOM   1110 C  CB  A ILE A 1 142 ? 2.86974   -4.75129  -9.34875  1.000 12.32000 ? 142 ILE A CB  1 
ATOM   1111 C  CG1 A ILE A 1 142 ? 1.92494   -3.57599  -9.16643  1.000 14.75000 ? 142 ILE A CG1 1 
ATOM   1112 C  CG2 A ILE A 1 142 ? 4.28735   -4.25552  -9.36369  1.000 14.81000 ? 142 ILE A CG2 1 
ATOM   1113 C  CD1 A ILE A 1 142 ? 2.14643   -2.84567  -7.89231  1.000 20.15000 ? 142 ILE A CD1 1 
ATOM   1114 N  N   A ALA A 1 143 ? 3.58916   -7.67112  -10.37857 1.000 12.08000 ? 143 ALA A N   1 
ATOM   1115 C  CA  A ALA A 1 143 ? 4.60444   -8.68632  -10.60338 1.000 14.12000 ? 143 ALA A CA  1 
ATOM   1116 C  C   A ALA A 1 143 ? 4.67110   -9.05101  -12.07002 1.000 11.60000 ? 143 ALA A C   1 
ATOM   1117 O  O   A ALA A 1 143 ? 5.76068   -9.27594  -12.61396 1.000 12.47000 ? 143 ALA A O   1 
ATOM   1118 C  CB  A ALA A 1 143 ? 4.30369   -9.93223  -9.76539  1.000 14.85000 ? 143 ALA A CB  1 
ATOM   1119 N  N   A ALA A 1 144 ? 3.52701   -9.10783  -12.73494 1.000 12.08000 ? 144 ALA A N   1 
ATOM   1120 C  CA  A ALA A 1 144 ? 3.52103   -9.43339  -14.14906 1.000 12.45000 ? 144 ALA A CA  1 
ATOM   1121 C  C   A ALA A 1 144 ? 4.25920   -8.37206  -14.93567 1.000 12.10000 ? 144 ALA A C   1 
ATOM   1122 O  O   A ALA A 1 144 ? 5.04164   -8.67801  -15.84810 1.000 12.21000 ? 144 ALA A O   1 
ATOM   1123 C  CB  A ALA A 1 144 ? 2.07878   -9.57389  -14.63712 1.000 14.86000 ? 144 ALA A CB  1 
ATOM   1124 N  N   A LYS A 1 145 ? 4.04502   -7.11727  -14.58774 1.000 11.37000 ? 145 LYS A N   1 
ATOM   1125 C  CA  A LYS A 1 145 ? 4.75588   -6.04547  -15.26441 1.000 12.48000 ? 145 LYS A CA  1 
ATOM   1126 C  C   A LYS A 1 145 ? 6.23117   -6.07861  -14.93422 1.000 12.13000 ? 145 LYS A C   1 
ATOM   1127 O  O   A LYS A 1 145 ? 7.07583   -5.86536  -15.80980 1.000 12.72000 ? 145 LYS A O   1 
ATOM   1128 C  CB  A LYS A 1 145 ? 4.15603   -4.70056  -14.88803 1.000 14.38000 ? 145 LYS A CB  1 
ATOM   1129 C  CG  A LYS A 1 145 ? 2.73471   -4.52189  -15.37898 1.000 21.74000 ? 145 LYS A CG  1 
ATOM   1130 C  CD  A LYS A 1 145 ? 2.67369   -4.55888  -16.88570 1.000 22.44000 ? 145 LYS A CD  1 
ATOM   1131 C  CE  A LYS A 1 145 ? 1.27023   -4.30224  -17.40014 1.000 34.86000 ? 145 LYS A CE  1 
ATOM   1132 N  NZ  A LYS A 1 145 ? 0.33155   -5.39944  -17.04210 1.000 36.57000 ? 145 LYS A NZ  1 
ATOM   1133 N  N   A TYR A 1 146 ? 6.57886   -6.38050  -13.68484 1.000 11.39000 ? 146 TYR A N   1 
ATOM   1134 C  CA  A TYR A 1 146 ? 7.98353   -6.52341  -13.33222 1.000 11.52000 ? 146 TYR A CA  1 
ATOM   1135 C  C   A TYR A 1 146 ? 8.62962   -7.61310  -14.16656 1.000 11.87000 ? 146 TYR A C   1 
ATOM   1136 O  O   A TYR A 1 146 ? 9.76039   -7.44664  -14.63691 1.000 13.16000 ? 146 TYR A O   1 
ATOM   1137 C  CB  A TYR A 1 146 ? 8.10836   -6.87724  -11.86188 1.000 12.16000 ? 146 TYR A CB  1 
ATOM   1138 C  CG  A TYR A 1 146 ? 8.12003   -5.70799  -10.93687 1.000 10.90000 ? 146 TYR A CG  1 
ATOM   1139 C  CD1 A TYR A 1 146 ? 7.49964   -4.52255  -11.25745 1.000 10.43000 ? 146 TYR A CD1 1 
ATOM   1140 C  CD2 A TYR A 1 146 ? 8.76548   -5.80456  -9.72479  1.000 14.78000 ? 146 TYR A CD2 1 
ATOM   1141 C  CE1 A TYR A 1 146 ? 7.51615   -3.45937  -10.39279 1.000 10.82000 ? 146 TYR A CE1 1 
ATOM   1142 C  CE2 A TYR A 1 146 ? 8.77568   -4.76033  -8.85056  1.000 15.26000 ? 146 TYR A CE2 1 
ATOM   1143 C  CZ  A TYR A 1 146 ? 8.15827   -3.59169  -9.19899  1.000 11.42000 ? 146 TYR A CZ  1 
ATOM   1144 O  OH  A TYR A 1 146 ? 8.19490   -2.53492  -8.34339  1.000 12.98000 ? 146 TYR A OH  1 
ATOM   1145 N  N   A LYS A 1 147 ? 7.93775   -8.73333  -14.35790 1.000 11.60000 ? 147 LYS A N   1 
ATOM   1146 C  CA  A LYS A 1 147 ? 8.52267   -9.81613  -15.12939 1.000 13.17000 ? 147 LYS A CA  1 
ATOM   1147 C  C   A LYS A 1 147 ? 8.75015   -9.37401  -16.55438 1.000 12.69000 ? 147 LYS A C   1 
ATOM   1148 O  O   A LYS A 1 147 ? 9.80814   -9.65104  -17.13868 1.000 13.54000 ? 147 LYS A O   1 
ATOM   1149 C  CB  A LYS A 1 147 ? 7.63241   -11.04599 -15.10964 1.000 14.40000 ? 147 LYS A CB  1 
ATOM   1150 C  CG  A LYS A 1 147 ? 8.15785   -12.08689 -16.07125 1.000 16.91000 ? 147 LYS A CG  1 
ATOM   1151 C  CD  A LYS A 1 147 ? 7.43727   -13.39439 -15.91763 1.000 18.97000 ? 147 LYS A CD  1 
ATOM   1152 C  CE  A LYS A 1 147 ? 8.00143   -14.41255 -16.90166 1.000 23.92000 ? 147 LYS A CE  1 
ATOM   1153 N  NZ  A LYS A 1 147 ? 7.64378   -15.78763 -16.52536 1.000 28.49000 ? 147 LYS A NZ  1 
ATOM   1154 N  N   A GLU A 1 148 ? 7.78514   -8.67340  -17.12858 1.000 11.21000 ? 148 GLU A N   1 
ATOM   1155 C  CA  A GLU A 1 148 ? 7.92780   -8.15363  -18.47812 1.000 15.12000 ? 148 GLU A CA  1 
ATOM   1156 C  C   A GLU A 1 148 ? 9.19031   -7.32203  -18.60249 1.000 14.58000 ? 148 GLU A C   1 
ATOM   1157 O  O   A GLU A 1 148 ? 9.97332   -7.49336  -19.55689 1.000 15.33000 ? 148 GLU A O   1 
ATOM   1158 C  CB  A GLU A 1 148 ? 6.69370   -7.31767  -18.76767 1.000 17.66000 ? 148 GLU A CB  1 
ATOM   1159 C  CG  A GLU A 1 148 ? 6.61053   -6.71073  -20.10518 1.000 22.53000 ? 148 GLU A CG  1 
ATOM   1160 C  CD  A GLU A 1 148 ? 5.32019   -5.95738  -20.25445 1.000 22.88000 ? 148 GLU A CD  1 
ATOM   1161 O  OE1 A GLU A 1 148 ? 4.28240   -6.46696  -19.78105 1.000 28.72000 ? 148 GLU A OE1 1 
ATOM   1162 O  OE2 A GLU A 1 148 ? 5.35340   -4.85018  -20.82450 1.000 29.91000 ? 148 GLU A OE2 1 
ATOM   1163 N  N   A LEU A 1 149 ? 9.45106   -6.48736  -17.60749 1.000 12.68000 ? 149 LEU A N   1 
ATOM   1164 C  CA  A LEU A 1 149 ? 10.60551  -5.60534  -17.55181 1.000 13.96000 ? 149 LEU A CA  1 
ATOM   1165 C  C   A LEU A 1 149 ? 11.86296  -6.29633  -17.07847 1.000 12.64000 ? 149 LEU A C   1 
ATOM   1166 O  O   A LEU A 1 149 ? 12.91966  -5.65527  -17.06667 1.000 16.86000 ? 149 LEU A O   1 
ATOM   1167 C  CB  A LEU A 1 149 ? 10.33207  -4.42622  -16.61580 1.000 14.11000 ? 149 LEU A CB  1 
ATOM   1168 C  CG  A LEU A 1 149 ? 9.11754   -3.60419  -17.01324 1.000 14.47000 ? 149 LEU A CG  1 
ATOM   1169 C  CD1 A LEU A 1 149 ? 8.75927   -2.64671  -15.88521 1.000 18.84000 ? 149 LEU A CD1 1 
ATOM   1170 C  CD2 A LEU A 1 149 ? 9.36273   -2.83956  -18.29424 1.000 20.00000 ? 149 LEU A CD2 1 
ATOM   1171 N  N   A GLY A 1 150 ? 11.79644  -7.55726  -16.68606 1.000 11.57000 ? 150 GLY A N   1 
ATOM   1172 C  CA  A GLY A 1 150 ? 12.97740  -8.22846  -16.20940 1.000 13.68000 ? 150 GLY A CA  1 
ATOM   1173 C  C   A GLY A 1 150 ? 13.47883  -7.68347  -14.90772 1.000 14.10000 ? 150 GLY A C   1 
ATOM   1174 O  O   A GLY A 1 150 ? 14.65383  -7.83313  -14.58536 1.000 15.81000 ? 150 GLY A O   1 
ATOM   1175 N  N   A PHE A 1 151 ? 12.61862  -7.04332  -14.13669 1.000 15.16000 ? 151 PHE A N   1 
ATOM   1176 C  CA  A PHE A 1 151 ? 13.07616  -6.39129  -12.92840 1.000 19.73000 ? 151 PHE A CA  1 
ATOM   1177 C  C   A PHE A 1 151 ? 12.98116  -7.33425  -11.74174 1.000 20.75000 ? 151 PHE A C   1 
ATOM   1178 O  O   A PHE A 1 151 ? 11.93893  -7.95496  -11.51889 1.000 24.30000 ? 151 PHE A O   1 
ATOM   1179 C  CB  A PHE A 1 151 ? 12.27669  -5.12499  -12.64397 1.000 18.50000 ? 151 PHE A CB  1 
ATOM   1180 C  CG  A PHE A 1 151 ? 12.68282  -4.46238  -11.38249 1.000 19.67000 ? 151 PHE A CG  1 
ATOM   1181 C  CD1 A PHE A 1 151 ? 13.94547  -3.90893  -11.25826 1.000 22.14000 ? 151 PHE A CD1 1 
ATOM   1182 C  CD2 A PHE A 1 151 ? 11.82870  -4.42569  -10.30782 1.000 19.81000 ? 151 PHE A CD2 1 
ATOM   1183 C  CE1 A PHE A 1 151 ? 14.33824  -3.31988  -10.08173 1.000 23.26000 ? 151 PHE A CE1 1 
ATOM   1184 C  CE2 A PHE A 1 151 ? 12.21510  -3.83080  -9.13280  1.000 22.15000 ? 151 PHE A CE2 1 
ATOM   1185 C  CZ  A PHE A 1 151 ? 13.47492  -3.29928  -9.01920  1.000 18.26000 ? 151 PHE A CZ  1 
ATOM   1186 N  N   A GLN A 1 152 ? 14.07691  -7.44104  -10.99767 1.000 26.39000 ? 152 GLN A N   1 
ATOM   1187 C  CA  A GLN A 1 152 ? 14.09080  -8.17400  -9.74119  1.000 26.72000 ? 152 GLN A CA  1 
ATOM   1188 C  C   A GLN A 1 152 ? 14.48561  -7.24547  -8.60269  1.000 26.79000 ? 152 GLN A C   1 
ATOM   1189 O  O   A GLN A 1 152 ? 15.26574  -6.31253  -8.79201  1.000 33.74000 ? 152 GLN A O   1 
ATOM   1190 C  CB  A GLN A 1 152 ? 15.04991  -9.36362  -9.81355  1.000 30.78000 ? 152 GLN A CB  1 
ATOM   1191 C  CG  A GLN A 1 152 ? 14.60537  -10.42405 -10.79816 1.000 32.31000 ? 152 GLN A CG  1 
ATOM   1192 C  CD  A GLN A 1 152 ? 13.41380  -11.21911 -10.31364 1.000 32.00000 ? 152 GLN A CD  1 
ATOM   1193 O  OE1 A GLN A 1 152 ? 13.02560  -11.13893 -9.14973  1.000 34.89000 ? 152 GLN A OE1 1 
ATOM   1194 N  NE2 A GLN A 1 152 ? 12.83182  -12.00930 -11.20756 1.000 29.56000 ? 152 GLN A NE2 1 
HETATM 1195 C  CHA A HEM B 2 .   ? 6.54582   7.11839   -5.41069  0.990 11.03000 ? 201 HEM A CHA 1 
HETATM 1196 C  CHB A HEM B 2 .   ? 2.39522   4.69688   -5.09672  0.990 8.68000  ? 201 HEM A CHB 1 
HETATM 1197 C  CHC A HEM B 2 .   ? 4.69249   1.12656   -2.76456  0.990 8.79000  ? 201 HEM A CHC 1 
HETATM 1198 C  CHD A HEM B 2 .   ? 8.82687   3.55758   -3.17653  0.990 10.61000 ? 201 HEM A CHD 1 
HETATM 1199 C  C1A A HEM B 2 .   ? 5.24051   6.72954   -5.51172  0.990 8.82000  ? 201 HEM A C1A 1 
HETATM 1200 C  C2A A HEM B 2 .   ? 4.25179   7.50669   -6.17518  0.990 8.35000  ? 201 HEM A C2A 1 
HETATM 1201 C  C3A A HEM B 2 .   ? 3.08660   6.84452   -6.06984  0.990 9.17000  ? 201 HEM A C3A 1 
HETATM 1202 C  C4A A HEM B 2 .   ? 3.34622   5.64251   -5.37124  0.990 8.88000  ? 201 HEM A C4A 1 
HETATM 1203 C  CMA A HEM B 2 .   ? 1.72553   7.23981   -6.58256  0.990 10.95000 ? 201 HEM A CMA 1 
HETATM 1204 C  CAA A HEM B 2 .   ? 4.49581   8.80317   -6.90073  0.990 10.27000 ? 201 HEM A CAA 1 
HETATM 1205 C  CBA A HEM B 2 .   ? 4.36187   8.59376   -8.41556  0.990 10.27000 ? 201 HEM A CBA 1 
HETATM 1206 C  CGA A HEM B 2 .   ? 5.38424   7.63036   -8.92859  0.990 12.21000 ? 201 HEM A CGA 1 
HETATM 1207 O  O1A A HEM B 2 .   ? 6.58230   7.87849   -8.74179  0.990 13.87000 ? 201 HEM A O1A 1 
HETATM 1208 O  O2A A HEM B 2 .   ? 4.99757   6.65459   -9.58657  0.990 13.58000 ? 201 HEM A O2A 1 
HETATM 1209 C  C1B A HEM B 2 .   ? 2.69139   3.50015   -4.44255  0.990 9.14000  ? 201 HEM A C1B 1 
HETATM 1210 C  C2B A HEM B 2 .   ? 1.72123   2.52317   -4.14687  0.990 8.36000  ? 201 HEM A C2B 1 
HETATM 1211 C  C3B A HEM B 2 .   ? 2.33431   1.51514   -3.45930  0.990 9.84000  ? 201 HEM A C3B 1 
HETATM 1212 C  C4B A HEM B 2 .   ? 3.73451   1.90687   -3.38269  0.990 8.80000  ? 201 HEM A C4B 1 
HETATM 1213 C  CMB A HEM B 2 .   ? 0.26913   2.60219   -4.54640  0.990 10.15000 ? 201 HEM A CMB 1 
HETATM 1214 C  CAB A HEM B 2 .   ? 1.79134   0.27776   -2.87450  0.990 12.21000 ? 201 HEM A CAB 1 
HETATM 1215 C  CBB A HEM B 2 .   ? 0.61218   0.22647   -2.27121  0.990 12.89000 ? 201 HEM A CBB 1 
HETATM 1216 C  C1C A HEM B 2 .   ? 6.00415   1.48901   -2.63821  0.990 9.19000  ? 201 HEM A C1C 1 
HETATM 1217 C  C2C A HEM B 2 .   ? 6.96471   0.79966   -1.88395  0.990 9.78000  ? 201 HEM A C2C 1 
HETATM 1218 C  C3C A HEM B 2 .   ? 8.14289   1.51148   -2.00573  0.990 8.75000  ? 201 HEM A C3C 1 
HETATM 1219 C  C4C A HEM B 2 .   ? 7.89138   2.62769   -2.82655  0.990 9.26000  ? 201 HEM A C4C 1 
HETATM 1220 C  CMC A HEM B 2 .   ? 6.71523   -0.46560  -1.10472  0.990 12.33000 ? 201 HEM A CMC 1 
HETATM 1221 C  CAC A HEM B 2 .   ? 9.45462   1.28443   -1.35606  0.990 11.89000 ? 201 HEM A CAC 1 
HETATM 1222 C  CBC A HEM B 2 .   ? 9.70127   0.44387   -0.35741  0.990 14.36000 ? 201 HEM A CBC 1 
HETATM 1223 C  C1D A HEM B 2 .   ? 8.48170   4.73041   -3.80514  0.990 10.07000 ? 201 HEM A C1D 1 
HETATM 1224 C  C2D A HEM B 2 .   ? 9.47628   5.79115   -3.99986  0.990 9.79000  ? 201 HEM A C2D 1 
HETATM 1225 C  C3D A HEM B 2 .   ? 8.84249   6.77633   -4.61963  0.990 12.06000 ? 201 HEM A C3D 1 
HETATM 1226 C  C4D A HEM B 2 .   ? 7.47108   6.31905   -4.79302  0.990 10.74000 ? 201 HEM A C4D 1 
HETATM 1227 C  CMD A HEM B 2 .   ? 10.93722  5.71260   -3.65700  0.990 13.48000 ? 201 HEM A CMD 1 
HETATM 1228 C  CAD A HEM B 2 .   ? 9.36899   8.12274   -4.98959  0.990 12.71000 ? 201 HEM A CAD 1 
HETATM 1229 C  CBD A HEM B 2 .   ? 9.17857   9.02042   -3.77087  0.990 15.65000 ? 201 HEM A CBD 1 
HETATM 1230 C  CGD A HEM B 2 .   ? 9.72623   10.39830  -4.01450  0.990 20.78000 ? 201 HEM A CGD 1 
HETATM 1231 O  O1D A HEM B 2 .   ? 8.95026   11.36155  -4.14659  0.990 24.73000 ? 201 HEM A O1D 1 
HETATM 1232 O  O2D A HEM B 2 .   ? 10.95153  10.56449  -4.12218  0.990 24.92000 ? 201 HEM A O2D 1 
HETATM 1233 N  NA  A HEM B 2 .   ? 4.66867   5.57577   -5.02468  0.990 8.48000  ? 201 HEM A NA  1 
HETATM 1234 N  NB  A HEM B 2 .   ? 3.86993   3.08448   -3.97601  0.990 8.76000  ? 201 HEM A NB  1 
HETATM 1235 N  NC  A HEM B 2 .   ? 6.57532   2.56722   -3.20663  0.990 8.74000  ? 201 HEM A NC  1 
HETATM 1236 N  ND  A HEM B 2 .   ? 7.27780   5.08060   -4.30329  0.990 10.60000 ? 201 HEM A ND  1 
HETATM 1237 FE FE  A HEM B 2 .   ? 5.63128   4.10409   -4.14860  0.990 8.80000  ? 201 HEM A FE  1 
HETATM 1238 S  S   A SO4 C 3 .   ? 8.96711   17.38766  7.35977   0.750 19.03000 ? 202 SO4 A S   1 
HETATM 1239 O  O1  A SO4 C 3 .   ? 10.18958  18.17253  7.47508   0.750 26.26000 ? 202 SO4 A O1  1 
HETATM 1240 O  O2  A SO4 C 3 .   ? 9.34962   15.97339  7.39024   0.750 24.29000 ? 202 SO4 A O2  1 
HETATM 1241 O  O3  A SO4 C 3 .   ? 8.05864   17.67804  8.47411   0.750 18.67000 ? 202 SO4 A O3  1 
HETATM 1242 O  O4  A SO4 C 3 .   ? 8.31885   17.68264  6.09719   0.750 27.88000 ? 202 SO4 A O4  1 
HETATM 1243 S  S   A SO4 D 3 .   ? -13.02244 -16.73725 -11.28045 0.450 32.35000 ? 203 SO4 A S   1 
HETATM 1244 O  O1  A SO4 D 3 .   ? -12.23744 -17.11260 -10.10104 0.450 28.42000 ? 203 SO4 A O1  1 
HETATM 1245 O  O2  A SO4 D 3 .   ? -12.35283 -17.21633 -12.48003 0.450 25.98000 ? 203 SO4 A O2  1 
HETATM 1246 O  O3  A SO4 D 3 .   ? -14.35877 -17.31450 -11.20254 0.450 24.61000 ? 203 SO4 A O3  1 
HETATM 1247 O  O4  A SO4 D 3 .   ? -13.12592 -15.28098 -11.32272 0.450 26.86000 ? 203 SO4 A O4  1 
HETATM 1248 C  C   B CMO E 4 .   ? 5.43985   4.81069   -2.62448  0.930 9.34000  ? 204 CMO A C   1 
HETATM 1249 O  O   B CMO E 4 .   ? 5.61405   5.08840   -1.46350  0.930 14.75000 ? 204 CMO A O   1 
HETATM 1250 O  O   . HOH F 5 .   ? 1.38463   2.32866   -22.31664 1.000 37.33000 ? 301 HOH A O   1 
HETATM 1251 O  O   . HOH F 5 .   ? 10.60161  -8.85211  -9.94029  1.000 31.17000 ? 302 HOH A O   1 
HETATM 1252 O  O   . HOH F 5 .   ? -15.85161 0.10436   7.20453   1.000 31.19000 ? 303 HOH A O   1 
HETATM 1253 O  O   . HOH F 5 .   ? 4.78582   20.04497  0.49532   1.000 32.54000 ? 304 HOH A O   1 
HETATM 1254 O  O   . HOH F 5 .   ? 8.71725   -17.85747 -16.84609 1.000 31.63000 ? 305 HOH A O   1 
HETATM 1255 O  O   . HOH F 5 .   ? 5.34907   4.13940   -17.57458 1.000 30.69000 ? 306 HOH A O   1 
HETATM 1256 O  O   . HOH F 5 .   ? 5.16900   -9.04170  4.63852   1.000 29.56000 ? 307 HOH A O   1 
HETATM 1257 O  O   . HOH F 5 .   ? -8.99072  6.79162   -1.80007  1.000 26.84000 ? 308 HOH A O   1 
HETATM 1258 O  O   . HOH F 5 .   ? -3.28506  -11.00961 -11.35127 1.000 29.55000 ? 309 HOH A O   1 
HETATM 1259 O  O   . HOH F 5 .   ? -19.25302 -6.17562  -7.82258  1.000 32.37000 ? 310 HOH A O   1 
HETATM 1260 O  O   . HOH F 5 .   ? 5.32563   -4.64665  -23.33113 1.000 19.24000 ? 311 HOH A O   1 
HETATM 1261 O  O   . HOH F 5 .   ? -0.22271  -6.72589  -14.94158 1.000 27.69000 ? 312 HOH A O   1 
HETATM 1262 O  O   . HOH F 5 .   ? 10.83194  14.47721  2.97505   1.000 23.63000 ? 313 HOH A O   1 
HETATM 1263 O  O   . HOH F 5 .   ? 4.46821   11.43869  9.42589   1.000 22.28000 ? 314 HOH A O   1 
HETATM 1264 O  O   . HOH F 5 .   ? 5.07969   17.67108  12.61875  1.000 32.99000 ? 315 HOH A O   1 
HETATM 1265 O  O   . HOH F 5 .   ? 1.42787   16.51230  6.32394   1.000 19.63000 ? 316 HOH A O   1 
HETATM 1266 O  O   . HOH F 5 .   ? 12.67669  -6.94735  5.89863   1.000 26.54000 ? 317 HOH A O   1 
HETATM 1267 O  O   . HOH F 5 .   ? -12.05183 -12.98775 0.55915   1.000 18.43000 ? 318 HOH A O   1 
HETATM 1268 O  O   . HOH F 5 .   ? -9.20263  11.44040  4.27815   1.000 21.05000 ? 319 HOH A O   1 
HETATM 1269 O  O   . HOH F 5 .   ? 14.45270  -5.48189  7.64504   1.000 24.07000 ? 320 HOH A O   1 
HETATM 1270 O  O   . HOH F 5 .   ? 16.14335  -1.17091  0.11949   1.000 23.15000 ? 321 HOH A O   1 
HETATM 1271 O  O   . HOH F 5 .   ? -11.78472 -7.26907  -12.28102 1.000 31.40000 ? 322 HOH A O   1 
HETATM 1272 O  O   . HOH F 5 .   ? -10.28943 4.92177   -9.65379  1.000 28.89000 ? 323 HOH A O   1 
HETATM 1273 O  O   . HOH F 5 .   ? 12.47450  9.86001   -2.07599  1.000 25.04000 ? 324 HOH A O   1 
HETATM 1274 O  O   . HOH F 5 .   ? 17.24173  -7.86102  -14.03189 1.000 22.60000 ? 325 HOH A O   1 
HETATM 1275 O  O   . HOH F 5 .   ? -6.69327  12.67355  6.77756   1.000 19.45000 ? 326 HOH A O   1 
HETATM 1276 O  O   . HOH F 5 .   ? -16.81542 2.67969   1.43152   1.000 32.13000 ? 327 HOH A O   1 
HETATM 1277 O  O   . HOH F 5 .   ? -0.76083  -11.80518 0.73983   1.000 22.18000 ? 328 HOH A O   1 
HETATM 1278 O  O   . HOH F 5 .   ? -1.78015  3.88321   -18.21868 1.000 18.83000 ? 329 HOH A O   1 
HETATM 1279 O  O   . HOH F 5 .   ? -9.66473  -13.37673 7.91897   1.000 20.57000 ? 330 HOH A O   1 
HETATM 1280 O  O   . HOH F 5 .   ? 12.22902  12.90802  -4.13788  1.000 27.64000 ? 331 HOH A O   1 
HETATM 1281 O  O   . HOH F 5 .   ? 17.19289  2.26724   6.94819   1.000 26.72000 ? 332 HOH A O   1 
HETATM 1282 O  O   . HOH F 5 .   ? 6.67612   11.37126  -5.54805  1.000 22.36000 ? 333 HOH A O   1 
HETATM 1283 O  O   . HOH F 5 .   ? -11.07322 5.84819   9.78183   1.000 21.54000 ? 334 HOH A O   1 
HETATM 1284 O  O   . HOH F 5 .   ? 7.44537   10.35710  -8.19788  1.000 25.09000 ? 335 HOH A O   1 
HETATM 1285 O  O   . HOH F 5 .   ? -6.14544  5.52419   15.12340  1.000 31.97000 ? 336 HOH A O   1 
HETATM 1286 O  O   . HOH F 5 .   ? 6.88406   -14.15882 1.29418   1.000 21.03000 ? 337 HOH A O   1 
HETATM 1287 O  O   . HOH F 5 .   ? -1.80338  -1.08985  -20.63413 1.000 38.04000 ? 338 HOH A O   1 
HETATM 1288 O  O   . HOH F 5 .   ? -5.46295  -13.80733 -4.22442  1.000 30.84000 ? 339 HOH A O   1 
HETATM 1289 O  O   . HOH F 5 .   ? -8.37488  -3.13788  -8.53102  1.000 15.01000 ? 340 HOH A O   1 
HETATM 1290 O  O   . HOH F 5 .   ? -6.98073  11.55798  -1.70234  1.000 27.76000 ? 341 HOH A O   1 
HETATM 1291 O  O   . HOH F 5 .   ? 13.90069  7.90255   -3.60185  1.000 28.22000 ? 342 HOH A O   1 
HETATM 1292 O  O   . HOH F 5 .   ? 6.53669   19.25195  4.80088   1.000 28.16000 ? 343 HOH A O   1 
HETATM 1293 O  O   . HOH F 5 .   ? 13.56948  11.43869  17.74178  1.000 26.23000 ? 344 HOH A O   1 
HETATM 1294 O  O   . HOH F 5 .   ? 14.47396  11.93913  -10.09315 1.000 33.13000 ? 345 HOH A O   1 
HETATM 1295 O  O   . HOH F 5 .   ? 14.64385  4.50838   -4.97138  1.000 24.23000 ? 346 HOH A O   1 
HETATM 1296 O  O   . HOH F 5 .   ? -15.07318 7.43705   4.28748   1.000 22.98000 ? 347 HOH A O   1 
HETATM 1297 O  O   . HOH F 5 .   ? -3.92042  -11.05868 5.59931   1.000 16.12000 ? 348 HOH A O   1 
HETATM 1298 O  O   . HOH F 5 .   ? 13.20565  7.19737   -6.82350  1.000 21.79000 ? 349 HOH A O   1 
HETATM 1299 O  O   . HOH F 5 .   ? 16.44757  12.64393  3.43384   1.000 31.43000 ? 350 HOH A O   1 
HETATM 1300 O  O   . HOH F 5 .   ? 10.43159  14.88481  11.01331  1.000 31.70000 ? 351 HOH A O   1 
HETATM 1301 O  O   . HOH F 5 .   ? 10.17461  -9.99896  -11.87925 1.000 29.85000 ? 352 HOH A O   1 
HETATM 1302 O  O   . HOH F 5 .   ? 6.43674   -2.00642  13.31901  1.000 35.46000 ? 353 HOH A O   1 
HETATM 1303 O  O   . HOH F 5 .   ? 14.84617  5.03968   10.53692  1.000 33.79000 ? 354 HOH A O   1 
HETATM 1304 O  O   . HOH F 5 .   ? -5.63343  -14.58353 -0.01209  1.000 25.65000 ? 355 HOH A O   1 
HETATM 1305 O  O   . HOH F 5 .   ? 4.83302   -5.52099  6.66649   1.000 25.80000 ? 356 HOH A O   1 
HETATM 1306 O  O   . HOH F 5 .   ? 5.95170   18.40078  2.42553   1.000 27.41000 ? 357 HOH A O   1 
HETATM 1307 O  O   . HOH F 5 .   ? -7.70203  0.64717   -16.32279 1.000 24.12000 ? 358 HOH A O   1 
HETATM 1308 O  O   . HOH F 5 .   ? -18.69173 -1.49143  -0.59145  1.000 22.69000 ? 359 HOH A O   1 
HETATM 1309 O  O   . HOH F 5 .   ? -1.97888  9.58477   -5.63087  1.000 16.04000 ? 360 HOH A O   1 
HETATM 1310 O  O   . HOH F 5 .   ? -18.39527 -4.04830  -11.36616 1.000 33.95000 ? 361 HOH A O   1 
HETATM 1311 O  O   . HOH F 5 .   ? -14.33590 2.99967   -0.61260  1.000 27.86000 ? 362 HOH A O   1 
HETATM 1312 O  O   . HOH F 5 .   ? 14.66921  -1.46124  -13.36470 1.000 28.11000 ? 363 HOH A O   1 
HETATM 1313 O  O   . HOH F 5 .   ? -14.01100 -12.10257 2.17657   1.000 24.06000 ? 364 HOH A O   1 
HETATM 1314 O  O   . HOH F 5 .   ? 2.46919   2.36721   11.96304  1.000 27.05000 ? 365 HOH A O   1 
HETATM 1315 O  O   . HOH F 5 .   ? -2.52980  12.74757  10.84416  1.000 30.89000 ? 366 HOH A O   1 
HETATM 1316 O  O   . HOH F 5 .   ? 0.27893   -7.82457  8.70344   1.000 23.60000 ? 367 HOH A O   1 
HETATM 1317 O  O   . HOH F 5 .   ? -14.35233 -15.20801 -4.72366  1.000 33.04000 ? 368 HOH A O   1 
HETATM 1318 O  O   . HOH F 5 .   ? -14.10226 -0.86599  -12.87139 1.000 26.28000 ? 369 HOH A O   1 
HETATM 1319 O  O   . HOH F 5 .   ? -14.90981 -6.17882  -11.22634 1.000 27.59000 ? 370 HOH A O   1 
HETATM 1320 O  O   . HOH F 5 .   ? -15.14382 -5.72874  9.13805   1.000 27.38000 ? 371 HOH A O   1 
HETATM 1321 O  O   . HOH F 5 .   ? -7.83197  -13.78854 1.32988   1.000 18.78000 ? 372 HOH A O   1 
HETATM 1322 O  O   . HOH F 5 .   ? -6.32353  -5.03783  -6.76055  1.000 26.71000 ? 373 HOH A O   1 
HETATM 1323 O  O   . HOH F 5 .   ? -10.04372 -6.26959  13.93869  1.000 16.54000 ? 374 HOH A O   1 
HETATM 1324 O  O   . HOH F 5 .   ? 11.08067  -7.80212  -7.62045  1.000 22.16000 ? 375 HOH A O   1 
HETATM 1325 O  O   . HOH F 5 .   ? -6.74358  -7.67251  -12.53731 1.000 28.95000 ? 376 HOH A O   1 
HETATM 1326 O  O   . HOH F 5 .   ? -6.05033  -12.05630 -5.49473  1.000 23.53000 ? 377 HOH A O   1 
HETATM 1327 O  O   . HOH F 5 .   ? -20.33225 -12.08889 -4.44749  1.000 29.93000 ? 378 HOH A O   1 
HETATM 1328 O  O   . HOH F 5 .   ? 5.91002   13.79882  -0.00796  1.000 24.11000 ? 379 HOH A O   1 
HETATM 1329 O  O   . HOH F 5 .   ? -9.16858  -12.03357 10.22240  1.000 22.64000 ? 380 HOH A O   1 
HETATM 1330 O  O   . HOH F 5 .   ? 7.96330   8.46814   -11.14302 1.000 23.50000 ? 381 HOH A O   1 
HETATM 1331 O  O   . HOH F 5 .   ? -1.51098  -9.81880  6.04695   1.000 25.00000 ? 382 HOH A O   1 
HETATM 1332 O  O   . HOH F 5 .   ? -16.92664 2.34675   5.13374   1.000 26.80000 ? 383 HOH A O   1 
HETATM 1333 O  O   . HOH F 5 .   ? -14.65381 -11.32933 11.98503  1.000 16.51000 ? 384 HOH A O   1 
HETATM 1334 O  O   . HOH F 5 .   ? -19.81297 -8.12850  0.95793   1.000 27.63000 ? 385 HOH A O   1 
HETATM 1335 O  O   . HOH F 5 .   ? -3.17957  -4.94875  -14.67067 1.000 32.41000 ? 386 HOH A O   1 
HETATM 1336 O  O   . HOH F 5 .   ? 3.28683   -5.49217  8.87218   1.000 25.11000 ? 387 HOH A O   1 
HETATM 1337 O  O   . HOH F 5 .   ? 13.45412  2.14211   10.54825  1.000 28.33000 ? 388 HOH A O   1 
HETATM 1338 O  O   . HOH F 5 .   ? 5.71495   5.42896   -14.95809 1.000 20.50000 ? 389 HOH A O   1 
HETATM 1339 O  O   . HOH F 5 .   ? 16.52206  -3.44383  -4.23433  1.000 31.73000 ? 390 HOH A O   1 
HETATM 1340 O  O   . HOH F 5 .   ? 6.81595   12.74638  16.88394  1.000 29.64000 ? 391 HOH A O   1 
HETATM 1341 O  O   . HOH F 5 .   ? -8.71166  4.81973   13.87914  1.000 23.49000 ? 392 HOH A O   1 
HETATM 1342 O  O   . HOH F 5 .   ? -1.58385  -8.47257  2.88775   1.000 25.47000 ? 393 HOH A O   1 
HETATM 1343 O  O   . HOH F 5 .   ? -8.32300  7.34140   -4.13866  1.000 25.42000 ? 394 HOH A O   1 
HETATM 1344 O  O   . HOH F 5 .   ? 11.58890  15.02838  8.94253   1.000 27.49000 ? 395 HOH A O   1 
HETATM 1345 O  O   . HOH F 5 .   ? -2.20643  -4.55295  14.16843  1.000 20.79000 ? 396 HOH A O   1 
HETATM 1346 O  O   . HOH F 5 .   ? 18.07214  11.37470  15.13788  1.000 37.01000 ? 397 HOH A O   1 
HETATM 1347 O  O   . HOH F 5 .   ? -15.66304 -6.89726  12.92972  1.000 30.05000 ? 398 HOH A O   1 
HETATM 1348 O  O   . HOH F 5 .   ? 11.40232  7.60876   18.16568  1.000 25.10000 ? 399 HOH A O   1 
HETATM 1349 O  O   . HOH F 5 .   ? -12.25537 -0.12557  16.83215  1.000 22.38000 ? 400 HOH A O   1 
HETATM 1350 O  O   . HOH F 5 .   ? -9.48180  5.47877   -12.22818 1.000 31.47000 ? 401 HOH A O   1 
HETATM 1351 O  O   . HOH F 5 .   ? -1.79085  -9.07022  0.32240   1.000 20.59000 ? 402 HOH A O   1 
HETATM 1352 O  O   . HOH F 5 .   ? -9.67957  -10.15200 11.14987  1.000 23.70000 ? 403 HOH A O   1 
HETATM 1353 O  O   . HOH F 5 .   ? 12.12993  10.01541  -6.77489  1.000 31.98000 ? 404 HOH A O   1 
HETATM 1354 O  O   . HOH F 5 .   ? 7.93364   -10.57123 -11.02986 1.000 27.03000 ? 405 HOH A O   1 
HETATM 1355 O  O   . HOH F 5 .   ? -4.22743  12.88287  9.19562   1.000 27.98000 ? 406 HOH A O   1 
HETATM 1356 O  O   . HOH F 5 .   ? -19.28069 -12.34924 -7.99835  1.000 32.21000 ? 407 HOH A O   1 
HETATM 1357 O  O   . HOH F 5 .   ? -1.48888  -9.27951  -15.06422 1.000 33.86000 ? 408 HOH A O   1 
HETATM 1358 O  O   . HOH F 5 .   ? -15.69432 -14.84865 -0.46940  1.000 32.67000 ? 409 HOH A O   1 
HETATM 1359 O  O   . HOH F 5 .   ? 18.82301  6.31319   14.06316  1.000 35.09000 ? 410 HOH A O   1 
HETATM 1360 O  O   . HOH F 5 .   ? -11.49338 -9.02346  -9.71003  1.000 29.55000 ? 411 HOH A O   1 
HETATM 1361 O  O   . HOH F 5 .   ? 2.08063   -12.39274 -12.18825 1.000 29.53000 ? 412 HOH A O   1 
HETATM 1362 O  O   . HOH F 5 .   ? 20.08788  4.70363   -1.23331  1.000 35.87000 ? 413 HOH A O   1 
HETATM 1363 O  O   . HOH F 5 .   ? 22.68959  3.46477   2.86196   1.000 31.77000 ? 414 HOH A O   1 
HETATM 1364 O  O   . HOH F 5 .   ? 5.74757   -13.12070 4.85857   1.000 29.89000 ? 415 HOH A O   1 
HETATM 1365 O  O   . HOH F 5 .   ? 11.52461  -10.51121 -13.75083 1.000 29.39000 ? 416 HOH A O   1 
HETATM 1366 O  O   . HOH F 5 .   ? 15.47519  3.52010   -16.01273 1.000 32.56000 ? 417 HOH A O   1 
HETATM 1367 O  O   . HOH F 5 .   ? -10.77069 7.37673   -5.65152  1.000 33.60000 ? 418 HOH A O   1 
HETATM 1368 O  O   . HOH F 5 .   ? -7.76984  5.20943   -17.26052 1.000 32.22000 ? 419 HOH A O   1 
HETATM 1369 O  O   . HOH F 5 .   ? 4.38379   1.03342   13.00690  1.000 29.64000 ? 420 HOH A O   1 
HETATM 1370 O  O   . HOH F 5 .   ? 14.86762  14.74267  -0.33759  1.000 37.27000 ? 421 HOH A O   1 
HETATM 1371 O  O   . HOH F 5 .   ? -13.25824 4.13202   -10.49222 1.000 33.85000 ? 422 HOH A O   1 
HETATM 1372 O  O   . HOH F 5 .   ? -18.96637 -5.07392  7.81454   1.000 40.58000 ? 423 HOH A O   1 
HETATM 1373 O  O   . HOH F 5 .   ? -9.22440  6.11300   11.75863  1.000 30.52000 ? 424 HOH A O   1 
HETATM 1374 O  O   . HOH F 5 .   ? 6.80265   20.47349  1.16960   1.000 37.48000 ? 425 HOH A O   1 
HETATM 1375 O  O   . HOH F 5 .   ? -18.58610 -3.59363  9.17797   1.000 40.57000 ? 426 HOH A O   1 
HETATM 1376 O  O   . HOH F 5 .   ? -17.21220 6.80028   -1.50770  1.000 34.32000 ? 427 HOH A O   1 
HETATM 1377 O  O   . HOH F 5 .   ? -13.52904 -0.48370  -15.48381 1.000 36.56000 ? 428 HOH A O   1 
HETATM 1378 O  O   . HOH F 5 .   ? 12.54754  13.65567  17.48878  1.000 33.68000 ? 429 HOH A O   1 
HETATM 1379 O  O   . HOH F 5 .   ? 2.41434   -4.88086  -24.68311 1.000 35.46000 ? 430 HOH A O   1 
# 
